data_7CG5
# 
_entry.id   7CG5 
# 
_audit_conform.dict_name       mmcif_pdbx.dic 
_audit_conform.dict_version    5.404 
_audit_conform.dict_location   http://mmcif.pdb.org/dictionaries/ascii/mmcif_pdbx.dic 
# 
loop_
_database_2.database_id 
_database_2.database_code 
_database_2.pdbx_database_accession 
_database_2.pdbx_DOI 
PDB   7CG5         pdb_00007cg5 10.2210/pdb7cg5/pdb 
WWPDB D_1300017549 ?            ?                   
# 
loop_
_pdbx_audit_revision_history.ordinal 
_pdbx_audit_revision_history.data_content_type 
_pdbx_audit_revision_history.major_revision 
_pdbx_audit_revision_history.minor_revision 
_pdbx_audit_revision_history.revision_date 
_pdbx_audit_revision_history.part_number 
1 'Structure model' 1 0 2021-06-30 ? 
2 'Structure model' 1 1 2023-11-29 ? 
3 'Structure model' 1 2 2025-09-24 ? 
# 
_pdbx_audit_revision_details.ordinal             1 
_pdbx_audit_revision_details.revision_ordinal    1 
_pdbx_audit_revision_details.data_content_type   'Structure model' 
_pdbx_audit_revision_details.provider            repository 
_pdbx_audit_revision_details.type                'Initial release' 
_pdbx_audit_revision_details.description         ? 
_pdbx_audit_revision_details.details             ? 
# 
loop_
_pdbx_audit_revision_group.ordinal 
_pdbx_audit_revision_group.revision_ordinal 
_pdbx_audit_revision_group.data_content_type 
_pdbx_audit_revision_group.group 
1 2 'Structure model' 'Data collection'        
2 2 'Structure model' 'Database references'    
3 2 'Structure model' 'Refinement description' 
4 3 'Structure model' 'Database references'    
5 3 'Structure model' 'Structure summary'      
# 
loop_
_pdbx_audit_revision_category.ordinal 
_pdbx_audit_revision_category.revision_ordinal 
_pdbx_audit_revision_category.data_content_type 
_pdbx_audit_revision_category.category 
1 2 'Structure model' chem_comp_atom                
2 2 'Structure model' chem_comp_bond                
3 2 'Structure model' database_2                    
4 2 'Structure model' pdbx_initial_refinement_model 
5 3 'Structure model' citation                      
6 3 'Structure model' citation_author               
7 3 'Structure model' pdbx_entry_details            
# 
loop_
_pdbx_audit_revision_item.ordinal 
_pdbx_audit_revision_item.revision_ordinal 
_pdbx_audit_revision_item.data_content_type 
_pdbx_audit_revision_item.item 
1  2 'Structure model' '_database_2.pdbx_DOI'                
2  2 'Structure model' '_database_2.pdbx_database_accession' 
3  3 'Structure model' '_citation.country'                   
4  3 'Structure model' '_citation.journal_abbrev'            
5  3 'Structure model' '_citation.journal_id_ASTM'           
6  3 'Structure model' '_citation.journal_id_CSD'            
7  3 'Structure model' '_citation.journal_id_ISSN'           
8  3 'Structure model' '_citation.journal_volume'            
9  3 'Structure model' '_citation.page_first'                
10 3 'Structure model' '_citation.page_last'                 
11 3 'Structure model' '_citation.pdbx_database_id_DOI'      
12 3 'Structure model' '_citation.pdbx_database_id_PubMed'   
13 3 'Structure model' '_citation.title'                     
14 3 'Structure model' '_citation.year'                      
# 
_pdbx_database_status.status_code                     REL 
_pdbx_database_status.status_code_sf                  REL 
_pdbx_database_status.status_code_mr                  ? 
_pdbx_database_status.entry_id                        7CG5 
_pdbx_database_status.recvd_initial_deposition_date   2020-06-30 
_pdbx_database_status.SG_entry                        N 
_pdbx_database_status.deposit_site                    PDBJ 
_pdbx_database_status.process_site                    PDBJ 
_pdbx_database_status.status_code_cs                  ? 
_pdbx_database_status.status_code_nmr_data            ? 
_pdbx_database_status.methods_development_category    ? 
_pdbx_database_status.pdb_format_compatible           Y 
# 
loop_
_pdbx_database_related.db_name 
_pdbx_database_related.details 
_pdbx_database_related.db_id 
_pdbx_database_related.content_type 
PDB 'NMR structures'  7CG1 unspecified 
PDB 'short construct' 7CG8 unspecified 
# 
loop_
_audit_author.name 
_audit_author.pdbx_ordinal 
_audit_author.identifier_ORCID 
'Dong, S.' 1 0000-0002-0452-5221 
'Feng, Y.' 2 0000-0002-0879-1316 
# 
_citation.abstract                  ? 
_citation.abstract_id_CAS           ? 
_citation.book_id_ISBN              ? 
_citation.book_publisher            ? 
_citation.book_publisher_city       ? 
_citation.book_title                ? 
_citation.coordinate_linkage        ? 
_citation.country                   US 
_citation.database_id_Medline       ? 
_citation.details                   ? 
_citation.id                        primary 
_citation.journal_abbrev            'Protein Sci.' 
_citation.journal_id_ASTM           PRCIEI 
_citation.journal_id_CSD            0795 
_citation.journal_id_ISSN           1469-896X 
_citation.journal_full              ? 
_citation.journal_issue             ? 
_citation.journal_volume            33 
_citation.language                  ? 
_citation.page_first                e5193 
_citation.page_last                 e5193 
_citation.title                     
;Unique Fn3-like biosensor in sigma I /anti-sigma I factors for regulatory expression of major cellulosomal scaffoldins in Pseudobacteroides cellulosolvens.
;
_citation.year                      2024 
_citation.database_id_CSD           ? 
_citation.pdbx_database_id_DOI      10.1002/pro.5193 
_citation.pdbx_database_id_PubMed   39470320 
_citation.unpublished_flag          ? 
# 
loop_
_citation_author.citation_id 
_citation_author.name 
_citation_author.ordinal 
_citation_author.identifier_ORCID 
primary 'Dong, S.'    1 ?                   
primary 'Chen, C.'    2 ?                   
primary 'Li, J.'      3 ?                   
primary 'Liu, Y.J.'   4 ?                   
primary 'Bayer, E.A.' 5 ?                   
primary 'Lamed, R.'   6 ?                   
primary 'Mizrahi, I.' 7 ?                   
primary 'Cui, Q.'     8 ?                   
primary 'Feng, Y.'    9 0000-0002-0879-1316 
# 
loop_
_entity.id 
_entity.type 
_entity.src_method 
_entity.pdbx_description 
_entity.formula_weight 
_entity.pdbx_number_of_molecules 
_entity.pdbx_ec 
_entity.pdbx_mutation 
_entity.pdbx_fragment 
_entity.details 
1 polymer man 'Anti-sigma factor RsgI, N-terminal' 14526.462 1 ? ? 'sensor domain' ? 
2 water   nat water                                18.015    2 ? ? ?               ? 
# 
_entity_poly.entity_id                      1 
_entity_poly.type                           'polypeptide(L)' 
_entity_poly.nstd_linkage                   no 
_entity_poly.nstd_monomer                   no 
_entity_poly.pdbx_seq_one_letter_code       
;MVEIAINPASEITATSAFISGTVTKFEQSKGFYGSGCNISLLYWEASNPMHVKVASSISKKDFPADISATIKDLKPHTTY
QFKVTVNFYFSSSLQTFKTLALESKSTSIVSTSTPTPSMPVKVTLEHHHHHH
;
_entity_poly.pdbx_seq_one_letter_code_can   
;MVEIAINPASEITATSAFISGTVTKFEQSKGFYGSGCNISLLYWEASNPMHVKVASSISKKDFPADISATIKDLKPHTTY
QFKVTVNFYFSSSLQTFKTLALESKSTSIVSTSTPTPSMPVKVTLEHHHHHH
;
_entity_poly.pdbx_strand_id                 A 
_entity_poly.pdbx_target_identifier         ? 
# 
_pdbx_entity_nonpoly.entity_id   2 
_pdbx_entity_nonpoly.name        water 
_pdbx_entity_nonpoly.comp_id     HOH 
# 
loop_
_entity_poly_seq.entity_id 
_entity_poly_seq.num 
_entity_poly_seq.mon_id 
_entity_poly_seq.hetero 
1 1   MET n 
1 2   VAL n 
1 3   GLU n 
1 4   ILE n 
1 5   ALA n 
1 6   ILE n 
1 7   ASN n 
1 8   PRO n 
1 9   ALA n 
1 10  SER n 
1 11  GLU n 
1 12  ILE n 
1 13  THR n 
1 14  ALA n 
1 15  THR n 
1 16  SER n 
1 17  ALA n 
1 18  PHE n 
1 19  ILE n 
1 20  SER n 
1 21  GLY n 
1 22  THR n 
1 23  VAL n 
1 24  THR n 
1 25  LYS n 
1 26  PHE n 
1 27  GLU n 
1 28  GLN n 
1 29  SER n 
1 30  LYS n 
1 31  GLY n 
1 32  PHE n 
1 33  TYR n 
1 34  GLY n 
1 35  SER n 
1 36  GLY n 
1 37  CYS n 
1 38  ASN n 
1 39  ILE n 
1 40  SER n 
1 41  LEU n 
1 42  LEU n 
1 43  TYR n 
1 44  TRP n 
1 45  GLU n 
1 46  ALA n 
1 47  SER n 
1 48  ASN n 
1 49  PRO n 
1 50  MET n 
1 51  HIS n 
1 52  VAL n 
1 53  LYS n 
1 54  VAL n 
1 55  ALA n 
1 56  SER n 
1 57  SER n 
1 58  ILE n 
1 59  SER n 
1 60  LYS n 
1 61  LYS n 
1 62  ASP n 
1 63  PHE n 
1 64  PRO n 
1 65  ALA n 
1 66  ASP n 
1 67  ILE n 
1 68  SER n 
1 69  ALA n 
1 70  THR n 
1 71  ILE n 
1 72  LYS n 
1 73  ASP n 
1 74  LEU n 
1 75  LYS n 
1 76  PRO n 
1 77  HIS n 
1 78  THR n 
1 79  THR n 
1 80  TYR n 
1 81  GLN n 
1 82  PHE n 
1 83  LYS n 
1 84  VAL n 
1 85  THR n 
1 86  VAL n 
1 87  ASN n 
1 88  PHE n 
1 89  TYR n 
1 90  PHE n 
1 91  SER n 
1 92  SER n 
1 93  SER n 
1 94  LEU n 
1 95  GLN n 
1 96  THR n 
1 97  PHE n 
1 98  LYS n 
1 99  THR n 
1 100 LEU n 
1 101 ALA n 
1 102 LEU n 
1 103 GLU n 
1 104 SER n 
1 105 LYS n 
1 106 SER n 
1 107 THR n 
1 108 SER n 
1 109 ILE n 
1 110 VAL n 
1 111 SER n 
1 112 THR n 
1 113 SER n 
1 114 THR n 
1 115 PRO n 
1 116 THR n 
1 117 PRO n 
1 118 SER n 
1 119 MET n 
1 120 PRO n 
1 121 VAL n 
1 122 LYS n 
1 123 VAL n 
1 124 THR n 
1 125 LEU n 
1 126 GLU n 
1 127 HIS n 
1 128 HIS n 
1 129 HIS n 
1 130 HIS n 
1 131 HIS n 
1 132 HIS n 
# 
_entity_src_gen.entity_id                          1 
_entity_src_gen.pdbx_src_id                        1 
_entity_src_gen.pdbx_alt_source_flag               sample 
_entity_src_gen.pdbx_seq_type                      'Biological sequence' 
_entity_src_gen.pdbx_beg_seq_num                   1 
_entity_src_gen.pdbx_end_seq_num                   132 
_entity_src_gen.gene_src_common_name               ? 
_entity_src_gen.gene_src_genus                     ? 
_entity_src_gen.pdbx_gene_src_gene                 Bccel_2225 
_entity_src_gen.gene_src_species                   ? 
_entity_src_gen.gene_src_strain                    ? 
_entity_src_gen.gene_src_tissue                    ? 
_entity_src_gen.gene_src_tissue_fraction           ? 
_entity_src_gen.gene_src_details                   ? 
_entity_src_gen.pdbx_gene_src_fragment             ? 
_entity_src_gen.pdbx_gene_src_scientific_name      'Pseudobacteroides cellulosolvens ATCC 35603 = DSM 2933' 
_entity_src_gen.pdbx_gene_src_ncbi_taxonomy_id     398512 
_entity_src_gen.pdbx_gene_src_variant              ? 
_entity_src_gen.pdbx_gene_src_cell_line            ? 
_entity_src_gen.pdbx_gene_src_atcc                 35603 
_entity_src_gen.pdbx_gene_src_organ                ? 
_entity_src_gen.pdbx_gene_src_organelle            ? 
_entity_src_gen.pdbx_gene_src_cell                 ? 
_entity_src_gen.pdbx_gene_src_cellular_location    ? 
_entity_src_gen.host_org_common_name               ? 
_entity_src_gen.pdbx_host_org_scientific_name      'Escherichia coli BL21(DE3)' 
_entity_src_gen.pdbx_host_org_ncbi_taxonomy_id     469008 
_entity_src_gen.host_org_genus                     ? 
_entity_src_gen.pdbx_host_org_gene                 ? 
_entity_src_gen.pdbx_host_org_organ                ? 
_entity_src_gen.host_org_species                   ? 
_entity_src_gen.pdbx_host_org_tissue               ? 
_entity_src_gen.pdbx_host_org_tissue_fraction      ? 
_entity_src_gen.pdbx_host_org_strain               'BL21(DE3)' 
_entity_src_gen.pdbx_host_org_variant              ? 
_entity_src_gen.pdbx_host_org_cell_line            ? 
_entity_src_gen.pdbx_host_org_atcc                 ? 
_entity_src_gen.pdbx_host_org_culture_collection   ? 
_entity_src_gen.pdbx_host_org_cell                 ? 
_entity_src_gen.pdbx_host_org_organelle            ? 
_entity_src_gen.pdbx_host_org_cellular_location    ? 
_entity_src_gen.pdbx_host_org_vector_type          plasmid 
_entity_src_gen.pdbx_host_org_vector               ? 
_entity_src_gen.host_org_details                   ? 
_entity_src_gen.expression_system_id               ? 
_entity_src_gen.plasmid_name                       pET30a 
_entity_src_gen.plasmid_details                    ? 
_entity_src_gen.pdbx_description                   ? 
# 
loop_
_chem_comp.id 
_chem_comp.type 
_chem_comp.mon_nstd_flag 
_chem_comp.name 
_chem_comp.pdbx_synonyms 
_chem_comp.formula 
_chem_comp.formula_weight 
ALA 'L-peptide linking' y ALANINE         ? 'C3 H7 N O2'     89.093  
ASN 'L-peptide linking' y ASPARAGINE      ? 'C4 H8 N2 O3'    132.118 
ASP 'L-peptide linking' y 'ASPARTIC ACID' ? 'C4 H7 N O4'     133.103 
CYS 'L-peptide linking' y CYSTEINE        ? 'C3 H7 N O2 S'   121.158 
GLN 'L-peptide linking' y GLUTAMINE       ? 'C5 H10 N2 O3'   146.144 
GLU 'L-peptide linking' y 'GLUTAMIC ACID' ? 'C5 H9 N O4'     147.129 
GLY 'peptide linking'   y GLYCINE         ? 'C2 H5 N O2'     75.067  
HIS 'L-peptide linking' y HISTIDINE       ? 'C6 H10 N3 O2 1' 156.162 
HOH non-polymer         . WATER           ? 'H2 O'           18.015  
ILE 'L-peptide linking' y ISOLEUCINE      ? 'C6 H13 N O2'    131.173 
LEU 'L-peptide linking' y LEUCINE         ? 'C6 H13 N O2'    131.173 
LYS 'L-peptide linking' y LYSINE          ? 'C6 H15 N2 O2 1' 147.195 
MET 'L-peptide linking' y METHIONINE      ? 'C5 H11 N O2 S'  149.211 
PHE 'L-peptide linking' y PHENYLALANINE   ? 'C9 H11 N O2'    165.189 
PRO 'L-peptide linking' y PROLINE         ? 'C5 H9 N O2'     115.130 
SER 'L-peptide linking' y SERINE          ? 'C3 H7 N O3'     105.093 
THR 'L-peptide linking' y THREONINE       ? 'C4 H9 N O3'     119.119 
TRP 'L-peptide linking' y TRYPTOPHAN      ? 'C11 H12 N2 O2'  204.225 
TYR 'L-peptide linking' y TYROSINE        ? 'C9 H11 N O3'    181.189 
VAL 'L-peptide linking' y VALINE          ? 'C5 H11 N O2'    117.146 
# 
loop_
_pdbx_poly_seq_scheme.asym_id 
_pdbx_poly_seq_scheme.entity_id 
_pdbx_poly_seq_scheme.seq_id 
_pdbx_poly_seq_scheme.mon_id 
_pdbx_poly_seq_scheme.ndb_seq_num 
_pdbx_poly_seq_scheme.pdb_seq_num 
_pdbx_poly_seq_scheme.auth_seq_num 
_pdbx_poly_seq_scheme.pdb_mon_id 
_pdbx_poly_seq_scheme.auth_mon_id 
_pdbx_poly_seq_scheme.pdb_strand_id 
_pdbx_poly_seq_scheme.pdb_ins_code 
_pdbx_poly_seq_scheme.hetero 
A 1 1   MET 1   1   1   MET MET A . n 
A 1 2   VAL 2   2   2   VAL VAL A . n 
A 1 3   GLU 3   3   3   GLU GLU A . n 
A 1 4   ILE 4   4   4   ILE ILE A . n 
A 1 5   ALA 5   5   5   ALA ALA A . n 
A 1 6   ILE 6   6   6   ILE ILE A . n 
A 1 7   ASN 7   7   7   ASN ASN A . n 
A 1 8   PRO 8   8   8   PRO PRO A . n 
A 1 9   ALA 9   9   9   ALA ALA A . n 
A 1 10  SER 10  10  10  SER SER A . n 
A 1 11  GLU 11  11  11  GLU GLU A . n 
A 1 12  ILE 12  12  12  ILE ILE A . n 
A 1 13  THR 13  13  13  THR THR A . n 
A 1 14  ALA 14  14  14  ALA ALA A . n 
A 1 15  THR 15  15  15  THR THR A . n 
A 1 16  SER 16  16  16  SER SER A . n 
A 1 17  ALA 17  17  17  ALA ALA A . n 
A 1 18  PHE 18  18  18  PHE PHE A . n 
A 1 19  ILE 19  19  19  ILE ILE A . n 
A 1 20  SER 20  20  20  SER SER A . n 
A 1 21  GLY 21  21  21  GLY GLY A . n 
A 1 22  THR 22  22  22  THR THR A . n 
A 1 23  VAL 23  23  23  VAL VAL A . n 
A 1 24  THR 24  24  24  THR THR A . n 
A 1 25  LYS 25  25  25  LYS LYS A . n 
A 1 26  PHE 26  26  ?   ?   ?   A . n 
A 1 27  GLU 27  27  ?   ?   ?   A . n 
A 1 28  GLN 28  28  ?   ?   ?   A . n 
A 1 29  SER 29  29  ?   ?   ?   A . n 
A 1 30  LYS 30  30  ?   ?   ?   A . n 
A 1 31  GLY 31  31  ?   ?   ?   A . n 
A 1 32  PHE 32  32  ?   ?   ?   A . n 
A 1 33  TYR 33  33  ?   ?   ?   A . n 
A 1 34  GLY 34  34  ?   ?   ?   A . n 
A 1 35  SER 35  35  ?   ?   ?   A . n 
A 1 36  GLY 36  36  36  GLY GLY A . n 
A 1 37  CYS 37  37  37  CYS CYS A . n 
A 1 38  ASN 38  38  38  ASN ASN A . n 
A 1 39  ILE 39  39  39  ILE ILE A . n 
A 1 40  SER 40  40  40  SER SER A . n 
A 1 41  LEU 41  41  41  LEU LEU A . n 
A 1 42  LEU 42  42  42  LEU LEU A . n 
A 1 43  TYR 43  43  43  TYR TYR A . n 
A 1 44  TRP 44  44  44  TRP TRP A . n 
A 1 45  GLU 45  45  45  GLU GLU A . n 
A 1 46  ALA 46  46  46  ALA ALA A . n 
A 1 47  SER 47  47  47  SER SER A . n 
A 1 48  ASN 48  48  48  ASN ASN A . n 
A 1 49  PRO 49  49  49  PRO PRO A . n 
A 1 50  MET 50  50  50  MET MET A . n 
A 1 51  HIS 51  51  51  HIS HIS A . n 
A 1 52  VAL 52  52  52  VAL VAL A . n 
A 1 53  LYS 53  53  53  LYS LYS A . n 
A 1 54  VAL 54  54  54  VAL VAL A . n 
A 1 55  ALA 55  55  55  ALA ALA A . n 
A 1 56  SER 56  56  56  SER SER A . n 
A 1 57  SER 57  57  57  SER SER A . n 
A 1 58  ILE 58  58  58  ILE ILE A . n 
A 1 59  SER 59  59  59  SER SER A . n 
A 1 60  LYS 60  60  60  LYS LYS A . n 
A 1 61  LYS 61  61  61  LYS LYS A . n 
A 1 62  ASP 62  62  62  ASP ASP A . n 
A 1 63  PHE 63  63  63  PHE PHE A . n 
A 1 64  PRO 64  64  64  PRO PRO A . n 
A 1 65  ALA 65  65  65  ALA ALA A . n 
A 1 66  ASP 66  66  66  ASP ASP A . n 
A 1 67  ILE 67  67  67  ILE ILE A . n 
A 1 68  SER 68  68  68  SER SER A . n 
A 1 69  ALA 69  69  69  ALA ALA A . n 
A 1 70  THR 70  70  70  THR THR A . n 
A 1 71  ILE 71  71  71  ILE ILE A . n 
A 1 72  LYS 72  72  72  LYS LYS A . n 
A 1 73  ASP 73  73  73  ASP ASP A . n 
A 1 74  LEU 74  74  74  LEU LEU A . n 
A 1 75  LYS 75  75  75  LYS LYS A . n 
A 1 76  PRO 76  76  76  PRO PRO A . n 
A 1 77  HIS 77  77  77  HIS HIS A . n 
A 1 78  THR 78  78  78  THR THR A . n 
A 1 79  THR 79  79  79  THR THR A . n 
A 1 80  TYR 80  80  80  TYR TYR A . n 
A 1 81  GLN 81  81  81  GLN GLN A . n 
A 1 82  PHE 82  82  82  PHE PHE A . n 
A 1 83  LYS 83  83  83  LYS LYS A . n 
A 1 84  VAL 84  84  84  VAL VAL A . n 
A 1 85  THR 85  85  85  THR THR A . n 
A 1 86  VAL 86  86  86  VAL VAL A . n 
A 1 87  ASN 87  87  87  ASN ASN A . n 
A 1 88  PHE 88  88  88  PHE PHE A . n 
A 1 89  TYR 89  89  89  TYR TYR A . n 
A 1 90  PHE 90  90  90  PHE PHE A . n 
A 1 91  SER 91  91  91  SER SER A . n 
A 1 92  SER 92  92  92  SER SER A . n 
A 1 93  SER 93  93  93  SER SER A . n 
A 1 94  LEU 94  94  94  LEU LEU A . n 
A 1 95  GLN 95  95  95  GLN GLN A . n 
A 1 96  THR 96  96  96  THR THR A . n 
A 1 97  PHE 97  97  97  PHE PHE A . n 
A 1 98  LYS 98  98  98  LYS LYS A . n 
A 1 99  THR 99  99  99  THR THR A . n 
A 1 100 LEU 100 100 100 LEU LEU A . n 
A 1 101 ALA 101 101 101 ALA ALA A . n 
A 1 102 LEU 102 102 102 LEU LEU A . n 
A 1 103 GLU 103 103 103 GLU GLU A . n 
A 1 104 SER 104 104 104 SER SER A . n 
A 1 105 LYS 105 105 105 LYS LYS A . n 
A 1 106 SER 106 106 106 SER SER A . n 
A 1 107 THR 107 107 107 THR THR A . n 
A 1 108 SER 108 108 108 SER SER A . n 
A 1 109 ILE 109 109 109 ILE ILE A . n 
A 1 110 VAL 110 110 110 VAL VAL A . n 
A 1 111 SER 111 111 ?   ?   ?   A . n 
A 1 112 THR 112 112 ?   ?   ?   A . n 
A 1 113 SER 113 113 ?   ?   ?   A . n 
A 1 114 THR 114 114 ?   ?   ?   A . n 
A 1 115 PRO 115 115 ?   ?   ?   A . n 
A 1 116 THR 116 116 ?   ?   ?   A . n 
A 1 117 PRO 117 117 ?   ?   ?   A . n 
A 1 118 SER 118 118 ?   ?   ?   A . n 
A 1 119 MET 119 119 ?   ?   ?   A . n 
A 1 120 PRO 120 120 ?   ?   ?   A . n 
A 1 121 VAL 121 121 ?   ?   ?   A . n 
A 1 122 LYS 122 122 ?   ?   ?   A . n 
A 1 123 VAL 123 123 ?   ?   ?   A . n 
A 1 124 THR 124 124 ?   ?   ?   A . n 
A 1 125 LEU 125 125 ?   ?   ?   A . n 
A 1 126 GLU 126 126 ?   ?   ?   A . n 
A 1 127 HIS 127 127 ?   ?   ?   A . n 
A 1 128 HIS 128 128 ?   ?   ?   A . n 
A 1 129 HIS 129 129 ?   ?   ?   A . n 
A 1 130 HIS 130 130 ?   ?   ?   A . n 
A 1 131 HIS 131 131 ?   ?   ?   A . n 
A 1 132 HIS 132 132 ?   ?   ?   A . n 
# 
loop_
_pdbx_nonpoly_scheme.asym_id 
_pdbx_nonpoly_scheme.entity_id 
_pdbx_nonpoly_scheme.mon_id 
_pdbx_nonpoly_scheme.ndb_seq_num 
_pdbx_nonpoly_scheme.pdb_seq_num 
_pdbx_nonpoly_scheme.auth_seq_num 
_pdbx_nonpoly_scheme.pdb_mon_id 
_pdbx_nonpoly_scheme.auth_mon_id 
_pdbx_nonpoly_scheme.pdb_strand_id 
_pdbx_nonpoly_scheme.pdb_ins_code 
B 2 HOH 1 201 2 HOH HOH A . 
B 2 HOH 2 202 1 HOH HOH A . 
# 
loop_
_software.citation_id 
_software.classification 
_software.compiler_name 
_software.compiler_version 
_software.contact_author 
_software.contact_author_email 
_software.date 
_software.description 
_software.dependencies 
_software.hardware 
_software.language 
_software.location 
_software.mods 
_software.name 
_software.os 
_software.os_version 
_software.type 
_software.version 
_software.pdbx_ordinal 
? 'data reduction' ? ? ? ? ? ? ? ? ? ? ? XDS    ? ? ? 20191211    1 
? phasing          ? ? ? ? ? ? ? ? ? ? ? PHASER ? ? ? 2.8.3       2 
? refinement       ? ? ? ? ? ? ? ? ? ? ? PHENIX ? ? ? 1.18.2_3874 3 
# 
_cell.angle_alpha                  90.000 
_cell.angle_alpha_esd              ? 
_cell.angle_beta                   90.000 
_cell.angle_beta_esd               ? 
_cell.angle_gamma                  120.000 
_cell.angle_gamma_esd              ? 
_cell.entry_id                     7CG5 
_cell.details                      ? 
_cell.formula_units_Z              ? 
_cell.length_a                     71.230 
_cell.length_a_esd                 ? 
_cell.length_b                     71.230 
_cell.length_b_esd                 ? 
_cell.length_c                     127.370 
_cell.length_c_esd                 ? 
_cell.volume                       559659.228 
_cell.volume_esd                   ? 
_cell.Z_PDB                        18 
_cell.reciprocal_angle_alpha       ? 
_cell.reciprocal_angle_beta        ? 
_cell.reciprocal_angle_gamma       ? 
_cell.reciprocal_angle_alpha_esd   ? 
_cell.reciprocal_angle_beta_esd    ? 
_cell.reciprocal_angle_gamma_esd   ? 
_cell.reciprocal_length_a          ? 
_cell.reciprocal_length_b          ? 
_cell.reciprocal_length_c          ? 
_cell.reciprocal_length_a_esd      ? 
_cell.reciprocal_length_b_esd      ? 
_cell.reciprocal_length_c_esd      ? 
_cell.pdbx_unique_axis             ? 
# 
_symmetry.entry_id                         7CG5 
_symmetry.cell_setting                     ? 
_symmetry.Int_Tables_number                155 
_symmetry.space_group_name_Hall            
;R 3 2"
;
_symmetry.space_group_name_H-M             'H 3 2' 
_symmetry.pdbx_full_space_group_name_H-M   ? 
# 
_exptl.absorpt_coefficient_mu     ? 
_exptl.absorpt_correction_T_max   ? 
_exptl.absorpt_correction_T_min   ? 
_exptl.absorpt_correction_type    ? 
_exptl.absorpt_process_details    ? 
_exptl.entry_id                   7CG5 
_exptl.crystals_number            1 
_exptl.details                    ? 
_exptl.method                     'X-RAY DIFFRACTION' 
_exptl.method_details             ? 
# 
_exptl_crystal.colour                      ? 
_exptl_crystal.density_diffrn              ? 
_exptl_crystal.density_Matthews            2.14 
_exptl_crystal.density_method              ? 
_exptl_crystal.density_percent_sol         42.53 
_exptl_crystal.description                 ? 
_exptl_crystal.F_000                       ? 
_exptl_crystal.id                          1 
_exptl_crystal.preparation                 ? 
_exptl_crystal.size_max                    ? 
_exptl_crystal.size_mid                    ? 
_exptl_crystal.size_min                    ? 
_exptl_crystal.size_rad                    ? 
_exptl_crystal.colour_lustre               ? 
_exptl_crystal.colour_modifier             ? 
_exptl_crystal.colour_primary              ? 
_exptl_crystal.density_meas                ? 
_exptl_crystal.density_meas_esd            ? 
_exptl_crystal.density_meas_gt             ? 
_exptl_crystal.density_meas_lt             ? 
_exptl_crystal.density_meas_temp           ? 
_exptl_crystal.density_meas_temp_esd       ? 
_exptl_crystal.density_meas_temp_gt        ? 
_exptl_crystal.density_meas_temp_lt        ? 
_exptl_crystal.pdbx_crystal_image_url      ? 
_exptl_crystal.pdbx_crystal_image_format   ? 
_exptl_crystal.pdbx_mosaicity              ? 
_exptl_crystal.pdbx_mosaicity_esd          ? 
# 
_exptl_crystal_grow.apparatus       ? 
_exptl_crystal_grow.atmosphere      ? 
_exptl_crystal_grow.crystal_id      1 
_exptl_crystal_grow.details         ? 
_exptl_crystal_grow.method          'VAPOR DIFFUSION, HANGING DROP' 
_exptl_crystal_grow.method_ref      ? 
_exptl_crystal_grow.pH              4.2 
_exptl_crystal_grow.pressure        ? 
_exptl_crystal_grow.pressure_esd    ? 
_exptl_crystal_grow.seeding         ? 
_exptl_crystal_grow.seeding_ref     ? 
_exptl_crystal_grow.temp            291 
_exptl_crystal_grow.temp_details    ? 
_exptl_crystal_grow.temp_esd        ? 
_exptl_crystal_grow.time            ? 
_exptl_crystal_grow.pdbx_details    '0.1 M phosphate-citrate (pH4.2), 0.2 M lithium sulfate and 19% PEG1000' 
_exptl_crystal_grow.pdbx_pH_range   ? 
# 
_diffrn.ambient_environment              ? 
_diffrn.ambient_temp                     100 
_diffrn.ambient_temp_details             ? 
_diffrn.ambient_temp_esd                 ? 
_diffrn.crystal_id                       1 
_diffrn.crystal_support                  ? 
_diffrn.crystal_treatment                ? 
_diffrn.details                          ? 
_diffrn.id                               1 
_diffrn.ambient_pressure                 ? 
_diffrn.ambient_pressure_esd             ? 
_diffrn.ambient_pressure_gt              ? 
_diffrn.ambient_pressure_lt              ? 
_diffrn.ambient_temp_gt                  ? 
_diffrn.ambient_temp_lt                  ? 
_diffrn.pdbx_serial_crystal_experiment   N 
# 
_diffrn_detector.details                      ? 
_diffrn_detector.detector                     PIXEL 
_diffrn_detector.diffrn_id                    1 
_diffrn_detector.type                         'DECTRIS PILATUS3 X 6M' 
_diffrn_detector.area_resol_mean              ? 
_diffrn_detector.dtime                        ? 
_diffrn_detector.pdbx_frames_total            ? 
_diffrn_detector.pdbx_collection_time_total   ? 
_diffrn_detector.pdbx_collection_date         2019-03-25 
_diffrn_detector.pdbx_frequency               ? 
# 
_diffrn_radiation.collimation                      ? 
_diffrn_radiation.diffrn_id                        1 
_diffrn_radiation.filter_edge                      ? 
_diffrn_radiation.inhomogeneity                    ? 
_diffrn_radiation.monochromator                    ? 
_diffrn_radiation.polarisn_norm                    ? 
_diffrn_radiation.polarisn_ratio                   ? 
_diffrn_radiation.probe                            ? 
_diffrn_radiation.type                             ? 
_diffrn_radiation.xray_symbol                      ? 
_diffrn_radiation.wavelength_id                    1 
_diffrn_radiation.pdbx_monochromatic_or_laue_m_l   M 
_diffrn_radiation.pdbx_wavelength_list             ? 
_diffrn_radiation.pdbx_wavelength                  ? 
_diffrn_radiation.pdbx_diffrn_protocol             'SINGLE WAVELENGTH' 
_diffrn_radiation.pdbx_analyzer                    ? 
_diffrn_radiation.pdbx_scattering_type             x-ray 
# 
_diffrn_radiation_wavelength.id           1 
_diffrn_radiation_wavelength.wavelength   0.97849 
_diffrn_radiation_wavelength.wt           1.0 
# 
_diffrn_source.current                     ? 
_diffrn_source.details                     ? 
_diffrn_source.diffrn_id                   1 
_diffrn_source.power                       ? 
_diffrn_source.size                        ? 
_diffrn_source.source                      SYNCHROTRON 
_diffrn_source.target                      ? 
_diffrn_source.type                        'SSRF BEAMLINE BL19U1' 
_diffrn_source.voltage                     ? 
_diffrn_source.take-off_angle              ? 
_diffrn_source.pdbx_wavelength_list        0.97849 
_diffrn_source.pdbx_wavelength             ? 
_diffrn_source.pdbx_synchrotron_beamline   BL19U1 
_diffrn_source.pdbx_synchrotron_site       SSRF 
# 
_reflns.B_iso_Wilson_estimate            57.43 
_reflns.entry_id                         7CG5 
_reflns.data_reduction_details           ? 
_reflns.data_reduction_method            ? 
_reflns.d_resolution_high                2.85 
_reflns.d_resolution_low                 44.31 
_reflns.details                          ? 
_reflns.limit_h_max                      ? 
_reflns.limit_h_min                      ? 
_reflns.limit_k_max                      ? 
_reflns.limit_k_min                      ? 
_reflns.limit_l_max                      ? 
_reflns.limit_l_min                      ? 
_reflns.number_all                       ? 
_reflns.number_obs                       5638 
_reflns.observed_criterion               ? 
_reflns.observed_criterion_F_max         ? 
_reflns.observed_criterion_F_min         ? 
_reflns.observed_criterion_I_max         ? 
_reflns.observed_criterion_I_min         ? 
_reflns.observed_criterion_sigma_F       ? 
_reflns.observed_criterion_sigma_I       ? 
_reflns.percent_possible_obs             100 
_reflns.R_free_details                   ? 
_reflns.Rmerge_F_all                     ? 
_reflns.Rmerge_F_obs                     ? 
_reflns.Friedel_coverage                 ? 
_reflns.number_gt                        ? 
_reflns.threshold_expression             ? 
_reflns.pdbx_redundancy                  10.1 
_reflns.pdbx_Rmerge_I_obs                ? 
_reflns.pdbx_Rmerge_I_all                ? 
_reflns.pdbx_Rsym_value                  ? 
_reflns.pdbx_netI_over_av_sigmaI         ? 
_reflns.pdbx_netI_over_sigmaI            9.12 
_reflns.pdbx_res_netI_over_av_sigmaI_2   ? 
_reflns.pdbx_res_netI_over_sigmaI_2      ? 
_reflns.pdbx_chi_squared                 ? 
_reflns.pdbx_scaling_rejects             ? 
_reflns.pdbx_d_res_high_opt              ? 
_reflns.pdbx_d_res_low_opt               ? 
_reflns.pdbx_d_res_opt_method            ? 
_reflns.phase_calculation_details        ? 
_reflns.pdbx_Rrim_I_all                  0.174 
_reflns.pdbx_Rpim_I_all                  ? 
_reflns.pdbx_d_opt                       ? 
_reflns.pdbx_number_measured_all         ? 
_reflns.pdbx_diffrn_id                   1 
_reflns.pdbx_ordinal                     1 
_reflns.pdbx_CC_half                     0.995 
_reflns.pdbx_CC_star                     ? 
_reflns.pdbx_R_split                     ? 
# 
_reflns_shell.d_res_high                  2.85 
_reflns_shell.d_res_low                   2.92 
_reflns_shell.meanI_over_sigI_all         ? 
_reflns_shell.meanI_over_sigI_obs         2.58 
_reflns_shell.number_measured_all         ? 
_reflns_shell.number_measured_obs         ? 
_reflns_shell.number_possible             ? 
_reflns_shell.number_unique_all           ? 
_reflns_shell.number_unique_obs           401 
_reflns_shell.percent_possible_all        100 
_reflns_shell.percent_possible_obs        ? 
_reflns_shell.Rmerge_F_all                ? 
_reflns_shell.Rmerge_F_obs                ? 
_reflns_shell.Rmerge_I_all                ? 
_reflns_shell.Rmerge_I_obs                ? 
_reflns_shell.meanI_over_sigI_gt          ? 
_reflns_shell.meanI_over_uI_all           ? 
_reflns_shell.meanI_over_uI_gt            ? 
_reflns_shell.number_measured_gt          ? 
_reflns_shell.number_unique_gt            ? 
_reflns_shell.percent_possible_gt         ? 
_reflns_shell.Rmerge_F_gt                 ? 
_reflns_shell.Rmerge_I_gt                 ? 
_reflns_shell.pdbx_redundancy             10.2 
_reflns_shell.pdbx_Rsym_value             ? 
_reflns_shell.pdbx_chi_squared            ? 
_reflns_shell.pdbx_netI_over_sigmaI_all   ? 
_reflns_shell.pdbx_netI_over_sigmaI_obs   ? 
_reflns_shell.pdbx_Rrim_I_all             0.672 
_reflns_shell.pdbx_Rpim_I_all             ? 
_reflns_shell.pdbx_rejects                ? 
_reflns_shell.pdbx_ordinal                1 
_reflns_shell.pdbx_diffrn_id              1 
_reflns_shell.pdbx_CC_half                0.971 
_reflns_shell.pdbx_CC_star                ? 
_reflns_shell.pdbx_R_split                ? 
# 
_refine.aniso_B[1][1]                            ? 
_refine.aniso_B[1][2]                            ? 
_refine.aniso_B[1][3]                            ? 
_refine.aniso_B[2][2]                            ? 
_refine.aniso_B[2][3]                            ? 
_refine.aniso_B[3][3]                            ? 
_refine.B_iso_max                                ? 
_refine.B_iso_mean                               66.64 
_refine.B_iso_min                                ? 
_refine.correlation_coeff_Fo_to_Fc               ? 
_refine.correlation_coeff_Fo_to_Fc_free          ? 
_refine.details                                  ? 
_refine.diff_density_max                         ? 
_refine.diff_density_max_esd                     ? 
_refine.diff_density_min                         ? 
_refine.diff_density_min_esd                     ? 
_refine.diff_density_rms                         ? 
_refine.diff_density_rms_esd                     ? 
_refine.entry_id                                 7CG5 
_refine.pdbx_refine_id                           'X-RAY DIFFRACTION' 
_refine.ls_abs_structure_details                 ? 
_refine.ls_abs_structure_Flack                   ? 
_refine.ls_abs_structure_Flack_esd               ? 
_refine.ls_abs_structure_Rogers                  ? 
_refine.ls_abs_structure_Rogers_esd              ? 
_refine.ls_d_res_high                            2.85 
_refine.ls_d_res_low                             35.61 
_refine.ls_extinction_coef                       ? 
_refine.ls_extinction_coef_esd                   ? 
_refine.ls_extinction_expression                 ? 
_refine.ls_extinction_method                     ? 
_refine.ls_goodness_of_fit_all                   ? 
_refine.ls_goodness_of_fit_all_esd               ? 
_refine.ls_goodness_of_fit_obs                   ? 
_refine.ls_goodness_of_fit_obs_esd               ? 
_refine.ls_hydrogen_treatment                    ? 
_refine.ls_matrix_type                           ? 
_refine.ls_number_constraints                    ? 
_refine.ls_number_parameters                     ? 
_refine.ls_number_reflns_all                     ? 
_refine.ls_number_reflns_obs                     5615 
_refine.ls_number_reflns_R_free                  557 
_refine.ls_number_reflns_R_work                  5058 
_refine.ls_number_restraints                     ? 
_refine.ls_percent_reflns_obs                    99.61 
_refine.ls_percent_reflns_R_free                 9.92 
_refine.ls_R_factor_all                          ? 
_refine.ls_R_factor_obs                          0.2449 
_refine.ls_R_factor_R_free                       0.2859 
_refine.ls_R_factor_R_free_error                 ? 
_refine.ls_R_factor_R_free_error_details         ? 
_refine.ls_R_factor_R_work                       0.2406 
_refine.ls_R_Fsqd_factor_obs                     ? 
_refine.ls_R_I_factor_obs                        ? 
_refine.ls_redundancy_reflns_all                 ? 
_refine.ls_redundancy_reflns_obs                 ? 
_refine.ls_restrained_S_all                      ? 
_refine.ls_restrained_S_obs                      ? 
_refine.ls_shift_over_esd_max                    ? 
_refine.ls_shift_over_esd_mean                   ? 
_refine.ls_structure_factor_coef                 ? 
_refine.ls_weighting_details                     ? 
_refine.ls_weighting_scheme                      ? 
_refine.ls_wR_factor_all                         ? 
_refine.ls_wR_factor_obs                         ? 
_refine.ls_wR_factor_R_free                      ? 
_refine.ls_wR_factor_R_work                      ? 
_refine.occupancy_max                            ? 
_refine.occupancy_min                            ? 
_refine.solvent_model_details                    'FLAT BULK SOLVENT MODEL' 
_refine.solvent_model_param_bsol                 ? 
_refine.solvent_model_param_ksol                 ? 
_refine.pdbx_R_complete                          ? 
_refine.ls_R_factor_gt                           ? 
_refine.ls_goodness_of_fit_gt                    ? 
_refine.ls_goodness_of_fit_ref                   ? 
_refine.ls_shift_over_su_max                     ? 
_refine.ls_shift_over_su_max_lt                  ? 
_refine.ls_shift_over_su_mean                    ? 
_refine.ls_shift_over_su_mean_lt                 ? 
_refine.pdbx_ls_sigma_I                          ? 
_refine.pdbx_ls_sigma_F                          1.36 
_refine.pdbx_ls_sigma_Fsqd                       ? 
_refine.pdbx_data_cutoff_high_absF               ? 
_refine.pdbx_data_cutoff_high_rms_absF           ? 
_refine.pdbx_data_cutoff_low_absF                ? 
_refine.pdbx_isotropic_thermal_model             ? 
_refine.pdbx_ls_cross_valid_method               'FREE R-VALUE' 
_refine.pdbx_method_to_determine_struct          'MOLECULAR REPLACEMENT' 
_refine.pdbx_starting_model                      7CG1 
_refine.pdbx_stereochemistry_target_values       'GeoStd + Monomer Library + CDL v1.2' 
_refine.pdbx_R_Free_selection_details            ? 
_refine.pdbx_stereochem_target_val_spec_case     ? 
_refine.pdbx_overall_ESU_R                       ? 
_refine.pdbx_overall_ESU_R_Free                  ? 
_refine.pdbx_solvent_vdw_probe_radii             1.1100 
_refine.pdbx_solvent_ion_probe_radii             ? 
_refine.pdbx_solvent_shrinkage_radii             0.9000 
_refine.pdbx_real_space_R                        ? 
_refine.pdbx_density_correlation                 ? 
_refine.pdbx_pd_number_of_powder_patterns        ? 
_refine.pdbx_pd_number_of_points                 ? 
_refine.pdbx_pd_meas_number_of_points            ? 
_refine.pdbx_pd_proc_ls_prof_R_factor            ? 
_refine.pdbx_pd_proc_ls_prof_wR_factor           ? 
_refine.pdbx_pd_Marquardt_correlation_coeff      ? 
_refine.pdbx_pd_Fsqrd_R_factor                   ? 
_refine.pdbx_pd_ls_matrix_band_width             ? 
_refine.pdbx_overall_phase_error                 31.5754 
_refine.pdbx_overall_SU_R_free_Cruickshank_DPI   ? 
_refine.pdbx_overall_SU_R_free_Blow_DPI          ? 
_refine.pdbx_overall_SU_R_Blow_DPI               ? 
_refine.pdbx_TLS_residual_ADP_flag               ? 
_refine.pdbx_diffrn_id                           1 
_refine.overall_SU_B                             ? 
_refine.overall_SU_ML                            0.3926 
_refine.overall_SU_R_Cruickshank_DPI             ? 
_refine.overall_SU_R_free                        ? 
_refine.overall_FOM_free_R_set                   ? 
_refine.overall_FOM_work_R_set                   ? 
_refine.pdbx_average_fsc_overall                 ? 
_refine.pdbx_average_fsc_work                    ? 
_refine.pdbx_average_fsc_free                    ? 
# 
_refine_hist.pdbx_refine_id                   'X-RAY DIFFRACTION' 
_refine_hist.cycle_id                         LAST 
_refine_hist.details                          ? 
_refine_hist.d_res_high                       2.85 
_refine_hist.d_res_low                        35.61 
_refine_hist.number_atoms_solvent             2 
_refine_hist.number_atoms_total               768 
_refine_hist.number_reflns_all                ? 
_refine_hist.number_reflns_obs                ? 
_refine_hist.number_reflns_R_free             ? 
_refine_hist.number_reflns_R_work             ? 
_refine_hist.R_factor_all                     ? 
_refine_hist.R_factor_obs                     ? 
_refine_hist.R_factor_R_free                  ? 
_refine_hist.R_factor_R_work                  ? 
_refine_hist.pdbx_number_residues_total       ? 
_refine_hist.pdbx_B_iso_mean_ligand           ? 
_refine_hist.pdbx_B_iso_mean_solvent          ? 
_refine_hist.pdbx_number_atoms_protein        766 
_refine_hist.pdbx_number_atoms_nucleic_acid   0 
_refine_hist.pdbx_number_atoms_ligand         0 
_refine_hist.pdbx_number_atoms_lipid          ? 
_refine_hist.pdbx_number_atoms_carb           ? 
_refine_hist.pdbx_pseudo_atom_details         ? 
# 
loop_
_refine_ls_restr.pdbx_refine_id 
_refine_ls_restr.criterion 
_refine_ls_restr.dev_ideal 
_refine_ls_restr.dev_ideal_target 
_refine_ls_restr.number 
_refine_ls_restr.rejects 
_refine_ls_restr.type 
_refine_ls_restr.weight 
_refine_ls_restr.pdbx_restraint_function 
'X-RAY DIFFRACTION' ? 0.0067 ? 781  ? f_bond_d           ? ? 
'X-RAY DIFFRACTION' ? 0.9204 ? 1059 ? f_angle_d          ? ? 
'X-RAY DIFFRACTION' ? 0.0552 ? 131  ? f_chiral_restr     ? ? 
'X-RAY DIFFRACTION' ? 0.0045 ? 127  ? f_plane_restr      ? ? 
'X-RAY DIFFRACTION' ? 5.7201 ? 101  ? f_dihedral_angle_d ? ? 
# 
loop_
_refine_ls_shell.pdbx_refine_id 
_refine_ls_shell.d_res_high 
_refine_ls_shell.d_res_low 
_refine_ls_shell.number_reflns_all 
_refine_ls_shell.number_reflns_obs 
_refine_ls_shell.number_reflns_R_free 
_refine_ls_shell.number_reflns_R_work 
_refine_ls_shell.percent_reflns_obs 
_refine_ls_shell.percent_reflns_R_free 
_refine_ls_shell.R_factor_all 
_refine_ls_shell.R_factor_obs 
_refine_ls_shell.R_factor_R_free 
_refine_ls_shell.R_factor_R_free_error 
_refine_ls_shell.R_factor_R_work 
_refine_ls_shell.redundancy_reflns_all 
_refine_ls_shell.redundancy_reflns_obs 
_refine_ls_shell.wR_factor_all 
_refine_ls_shell.wR_factor_obs 
_refine_ls_shell.wR_factor_R_free 
_refine_ls_shell.wR_factor_R_work 
_refine_ls_shell.pdbx_R_complete 
_refine_ls_shell.pdbx_total_number_of_bins_used 
_refine_ls_shell.pdbx_phase_error 
_refine_ls_shell.pdbx_fsc_work 
_refine_ls_shell.pdbx_fsc_free 
'X-RAY DIFFRACTION' 2.85 3.14  . . 138 1261 99.36 . . . 0.3484 . 0.3363 . . . . . . . . . . . 
'X-RAY DIFFRACTION' 3.14 3.59  . . 140 1241 99.57 . . . 0.3601 . 0.2722 . . . . . . . . . . . 
'X-RAY DIFFRACTION' 3.59 4.52  . . 141 1284 99.79 . . . 0.2671 . 0.2326 . . . . . . . . . . . 
'X-RAY DIFFRACTION' 4.53 35.61 . . 138 1272 99.72 . . . 0.2528 . 0.2103 . . . . . . . . . . . 
# 
_struct.entry_id                     7CG5 
_struct.title                        
'Structure of the sensor domain (long construct) of the anti-sigma factor RsgI4 in Pseudobacteroides cellulosolvens' 
_struct.pdbx_model_details           ? 
_struct.pdbx_formula_weight          ? 
_struct.pdbx_formula_weight_method   ? 
_struct.pdbx_model_type_details      ? 
_struct.pdbx_CASP_flag               N 
# 
_struct_keywords.entry_id        7CG5 
_struct_keywords.text            'Transcription, Sugar binding protein' 
_struct_keywords.pdbx_keywords   TRANSCRIPTION 
# 
loop_
_struct_asym.id 
_struct_asym.pdbx_blank_PDB_chainid_flag 
_struct_asym.pdbx_modified 
_struct_asym.entity_id 
_struct_asym.details 
A N N 1 ? 
B N N 2 ? 
# 
_struct_ref.id                         1 
_struct_ref.db_name                    UNP 
_struct_ref.db_code                    A0A0L6JMH4_9FIRM 
_struct_ref.pdbx_db_accession          A0A0L6JMH4 
_struct_ref.pdbx_db_isoform            ? 
_struct_ref.entity_id                  1 
_struct_ref.pdbx_seq_one_letter_code   
;VEIAINPASEITATSAFISGTVTKFEQSKGFYGSGCNISLLYWEASNPMHVKVASSISKKDFPADISATIKDLKPHTTYQ
FKVTVNFYFSSSLQTFKTLALESKSTSIVSTSTPTPSMPVKVT
;
_struct_ref.pdbx_align_begin           416 
# 
_struct_ref_seq.align_id                      1 
_struct_ref_seq.ref_id                        1 
_struct_ref_seq.pdbx_PDB_id_code              7CG5 
_struct_ref_seq.pdbx_strand_id                A 
_struct_ref_seq.seq_align_beg                 2 
_struct_ref_seq.pdbx_seq_align_beg_ins_code   ? 
_struct_ref_seq.seq_align_end                 124 
_struct_ref_seq.pdbx_seq_align_end_ins_code   ? 
_struct_ref_seq.pdbx_db_accession             A0A0L6JMH4 
_struct_ref_seq.db_align_beg                  416 
_struct_ref_seq.pdbx_db_align_beg_ins_code    ? 
_struct_ref_seq.db_align_end                  538 
_struct_ref_seq.pdbx_db_align_end_ins_code    ? 
_struct_ref_seq.pdbx_auth_seq_align_beg       2 
_struct_ref_seq.pdbx_auth_seq_align_end       124 
# 
loop_
_struct_ref_seq_dif.align_id 
_struct_ref_seq_dif.pdbx_pdb_id_code 
_struct_ref_seq_dif.mon_id 
_struct_ref_seq_dif.pdbx_pdb_strand_id 
_struct_ref_seq_dif.seq_num 
_struct_ref_seq_dif.pdbx_pdb_ins_code 
_struct_ref_seq_dif.pdbx_seq_db_name 
_struct_ref_seq_dif.pdbx_seq_db_accession_code 
_struct_ref_seq_dif.db_mon_id 
_struct_ref_seq_dif.pdbx_seq_db_seq_num 
_struct_ref_seq_dif.details 
_struct_ref_seq_dif.pdbx_auth_seq_num 
_struct_ref_seq_dif.pdbx_ordinal 
1 7CG5 MET A 1   ? UNP A0A0L6JMH4 ? ? 'expression tag' 1   1 
1 7CG5 LEU A 125 ? UNP A0A0L6JMH4 ? ? 'expression tag' 125 2 
1 7CG5 GLU A 126 ? UNP A0A0L6JMH4 ? ? 'expression tag' 126 3 
1 7CG5 HIS A 127 ? UNP A0A0L6JMH4 ? ? 'expression tag' 127 4 
1 7CG5 HIS A 128 ? UNP A0A0L6JMH4 ? ? 'expression tag' 128 5 
1 7CG5 HIS A 129 ? UNP A0A0L6JMH4 ? ? 'expression tag' 129 6 
1 7CG5 HIS A 130 ? UNP A0A0L6JMH4 ? ? 'expression tag' 130 7 
1 7CG5 HIS A 131 ? UNP A0A0L6JMH4 ? ? 'expression tag' 131 8 
1 7CG5 HIS A 132 ? UNP A0A0L6JMH4 ? ? 'expression tag' 132 9 
# 
_pdbx_struct_assembly.id                   1 
_pdbx_struct_assembly.details              author_defined_assembly 
_pdbx_struct_assembly.method_details       ? 
_pdbx_struct_assembly.oligomeric_details   monomeric 
_pdbx_struct_assembly.oligomeric_count     1 
# 
loop_
_pdbx_struct_assembly_prop.biol_id 
_pdbx_struct_assembly_prop.type 
_pdbx_struct_assembly_prop.value 
_pdbx_struct_assembly_prop.details 
1 'ABSA (A^2)' 0    ? 
1 MORE         0    ? 
1 'SSA (A^2)'  6500 ? 
# 
_pdbx_struct_assembly_gen.assembly_id       1 
_pdbx_struct_assembly_gen.oper_expression   1 
_pdbx_struct_assembly_gen.asym_id_list      A,B 
# 
_pdbx_struct_assembly_auth_evidence.id                     1 
_pdbx_struct_assembly_auth_evidence.assembly_id            1 
_pdbx_struct_assembly_auth_evidence.experimental_support   none 
_pdbx_struct_assembly_auth_evidence.details                ? 
# 
_pdbx_struct_oper_list.id                   1 
_pdbx_struct_oper_list.type                 'identity operation' 
_pdbx_struct_oper_list.name                 1_555 
_pdbx_struct_oper_list.symmetry_operation   x,y,z 
_pdbx_struct_oper_list.matrix[1][1]         1.0000000000 
_pdbx_struct_oper_list.matrix[1][2]         0.0000000000 
_pdbx_struct_oper_list.matrix[1][3]         0.0000000000 
_pdbx_struct_oper_list.vector[1]            0.0000000000 
_pdbx_struct_oper_list.matrix[2][1]         0.0000000000 
_pdbx_struct_oper_list.matrix[2][2]         1.0000000000 
_pdbx_struct_oper_list.matrix[2][3]         0.0000000000 
_pdbx_struct_oper_list.vector[2]            0.0000000000 
_pdbx_struct_oper_list.matrix[3][1]         0.0000000000 
_pdbx_struct_oper_list.matrix[3][2]         0.0000000000 
_pdbx_struct_oper_list.matrix[3][3]         1.0000000000 
_pdbx_struct_oper_list.vector[3]            0.0000000000 
# 
_struct_mon_prot_cis.pdbx_id                1 
_struct_mon_prot_cis.label_comp_id          PHE 
_struct_mon_prot_cis.label_seq_id           63 
_struct_mon_prot_cis.label_asym_id          A 
_struct_mon_prot_cis.label_alt_id           . 
_struct_mon_prot_cis.pdbx_PDB_ins_code      ? 
_struct_mon_prot_cis.auth_comp_id           PHE 
_struct_mon_prot_cis.auth_seq_id            63 
_struct_mon_prot_cis.auth_asym_id           A 
_struct_mon_prot_cis.pdbx_label_comp_id_2   PRO 
_struct_mon_prot_cis.pdbx_label_seq_id_2    64 
_struct_mon_prot_cis.pdbx_label_asym_id_2   A 
_struct_mon_prot_cis.pdbx_PDB_ins_code_2    ? 
_struct_mon_prot_cis.pdbx_auth_comp_id_2    PRO 
_struct_mon_prot_cis.pdbx_auth_seq_id_2     64 
_struct_mon_prot_cis.pdbx_auth_asym_id_2    A 
_struct_mon_prot_cis.pdbx_PDB_model_num     1 
_struct_mon_prot_cis.pdbx_omega_angle       3.78 
# 
loop_
_struct_sheet.id 
_struct_sheet.type 
_struct_sheet.number_strands 
_struct_sheet.details 
AA1 ? 3 ? 
AA2 ? 4 ? 
AA3 ? 4 ? 
# 
loop_
_struct_sheet_order.sheet_id 
_struct_sheet_order.range_id_1 
_struct_sheet_order.range_id_2 
_struct_sheet_order.offset 
_struct_sheet_order.sense 
AA1 1 2 ? anti-parallel 
AA1 2 3 ? anti-parallel 
AA2 1 2 ? anti-parallel 
AA2 2 3 ? anti-parallel 
AA2 3 4 ? anti-parallel 
AA3 1 2 ? anti-parallel 
AA3 2 3 ? anti-parallel 
AA3 3 4 ? anti-parallel 
# 
loop_
_struct_sheet_range.sheet_id 
_struct_sheet_range.id 
_struct_sheet_range.beg_label_comp_id 
_struct_sheet_range.beg_label_asym_id 
_struct_sheet_range.beg_label_seq_id 
_struct_sheet_range.pdbx_beg_PDB_ins_code 
_struct_sheet_range.end_label_comp_id 
_struct_sheet_range.end_label_asym_id 
_struct_sheet_range.end_label_seq_id 
_struct_sheet_range.pdbx_end_PDB_ins_code 
_struct_sheet_range.beg_auth_comp_id 
_struct_sheet_range.beg_auth_asym_id 
_struct_sheet_range.beg_auth_seq_id 
_struct_sheet_range.end_auth_comp_id 
_struct_sheet_range.end_auth_asym_id 
_struct_sheet_range.end_auth_seq_id 
AA1 1 ILE A 4  ? SER A 10 ? ILE A 4  SER A 10 
AA1 2 ALA A 17 ? VAL A 23 ? ALA A 17 VAL A 23 
AA1 3 ALA A 65 ? ILE A 71 ? ALA A 65 ILE A 71 
AA2 1 ASN A 48 ? LYS A 60 ? ASN A 48 LYS A 60 
AA2 2 CYS A 37 ? GLU A 45 ? CYS A 37 GLU A 45 
AA2 3 THR A 79 ? VAL A 86 ? THR A 79 VAL A 86 
AA2 4 PHE A 90 ? SER A 91 ? PHE A 90 SER A 91 
AA3 1 ASN A 48 ? LYS A 60 ? ASN A 48 LYS A 60 
AA3 2 CYS A 37 ? GLU A 45 ? CYS A 37 GLU A 45 
AA3 3 THR A 79 ? VAL A 86 ? THR A 79 VAL A 86 
AA3 4 GLN A 95 ? LYS A 98 ? GLN A 95 LYS A 98 
# 
loop_
_pdbx_struct_sheet_hbond.sheet_id 
_pdbx_struct_sheet_hbond.range_id_1 
_pdbx_struct_sheet_hbond.range_id_2 
_pdbx_struct_sheet_hbond.range_1_label_atom_id 
_pdbx_struct_sheet_hbond.range_1_label_comp_id 
_pdbx_struct_sheet_hbond.range_1_label_asym_id 
_pdbx_struct_sheet_hbond.range_1_label_seq_id 
_pdbx_struct_sheet_hbond.range_1_PDB_ins_code 
_pdbx_struct_sheet_hbond.range_1_auth_atom_id 
_pdbx_struct_sheet_hbond.range_1_auth_comp_id 
_pdbx_struct_sheet_hbond.range_1_auth_asym_id 
_pdbx_struct_sheet_hbond.range_1_auth_seq_id 
_pdbx_struct_sheet_hbond.range_2_label_atom_id 
_pdbx_struct_sheet_hbond.range_2_label_comp_id 
_pdbx_struct_sheet_hbond.range_2_label_asym_id 
_pdbx_struct_sheet_hbond.range_2_label_seq_id 
_pdbx_struct_sheet_hbond.range_2_PDB_ins_code 
_pdbx_struct_sheet_hbond.range_2_auth_atom_id 
_pdbx_struct_sheet_hbond.range_2_auth_comp_id 
_pdbx_struct_sheet_hbond.range_2_auth_asym_id 
_pdbx_struct_sheet_hbond.range_2_auth_seq_id 
AA1 1 2 N ALA A 5  ? N ALA A 5  O THR A 22 ? O THR A 22 
AA1 2 3 N VAL A 23 ? N VAL A 23 O ALA A 65 ? O ALA A 65 
AA2 1 2 O ILE A 58 ? O ILE A 58 N ILE A 39 ? N ILE A 39 
AA2 2 3 N TRP A 44 ? N TRP A 44 O GLN A 81 ? O GLN A 81 
AA2 3 4 N VAL A 86 ? N VAL A 86 O PHE A 90 ? O PHE A 90 
AA3 1 2 O ILE A 58 ? O ILE A 58 N ILE A 39 ? N ILE A 39 
AA3 2 3 N TRP A 44 ? N TRP A 44 O GLN A 81 ? O GLN A 81 
AA3 3 4 N TYR A 80 ? N TYR A 80 O PHE A 97 ? O PHE A 97 
# 
_pdbx_entry_details.entry_id                   7CG5 
_pdbx_entry_details.compound_details           ? 
_pdbx_entry_details.source_details             ? 
_pdbx_entry_details.nonpolymer_details         ? 
_pdbx_entry_details.sequence_details           ? 
_pdbx_entry_details.has_ligand_of_interest     ? 
_pdbx_entry_details.has_protein_modification   N 
# 
loop_
_pdbx_validate_torsion.id 
_pdbx_validate_torsion.PDB_model_num 
_pdbx_validate_torsion.auth_comp_id 
_pdbx_validate_torsion.auth_asym_id 
_pdbx_validate_torsion.auth_seq_id 
_pdbx_validate_torsion.PDB_ins_code 
_pdbx_validate_torsion.label_alt_id 
_pdbx_validate_torsion.phi 
_pdbx_validate_torsion.psi 
1 1 THR A 13 ? ? -127.86 -164.55 
2 1 PHE A 88 ? ? 72.63   -7.52   
# 
loop_
_space_group_symop.id 
_space_group_symop.operation_xyz 
1  x,y,z                  
2  -y,x-y,z               
3  -x+y,-x,z              
4  x-y,-y,-z              
5  -x,-x+y,-z             
6  y,x,-z                 
7  x+1/3,y+2/3,z+2/3      
8  -y+1/3,x-y+2/3,z+2/3   
9  -x+y+1/3,-x+2/3,z+2/3  
10 x-y+1/3,-y+2/3,-z+2/3  
11 -x+1/3,-x+y+2/3,-z+2/3 
12 y+1/3,x+2/3,-z+2/3     
13 x+2/3,y+1/3,z+1/3      
14 -y+2/3,x-y+1/3,z+1/3   
15 -x+y+2/3,-x+1/3,z+1/3  
16 x-y+2/3,-y+1/3,-z+1/3  
17 -x+2/3,-x+y+1/3,-z+1/3 
18 y+2/3,x+1/3,-z+1/3     
# 
loop_
_pdbx_refine_tls.id 
_pdbx_refine_tls.pdbx_refine_id 
_pdbx_refine_tls.details 
_pdbx_refine_tls.method 
_pdbx_refine_tls.origin_x 
_pdbx_refine_tls.origin_y 
_pdbx_refine_tls.origin_z 
_pdbx_refine_tls.T[1][1] 
_pdbx_refine_tls.T[1][1]_esd 
_pdbx_refine_tls.T[1][2] 
_pdbx_refine_tls.T[1][2]_esd 
_pdbx_refine_tls.T[1][3] 
_pdbx_refine_tls.T[1][3]_esd 
_pdbx_refine_tls.T[2][2] 
_pdbx_refine_tls.T[2][2]_esd 
_pdbx_refine_tls.T[2][3] 
_pdbx_refine_tls.T[2][3]_esd 
_pdbx_refine_tls.T[3][3] 
_pdbx_refine_tls.T[3][3]_esd 
_pdbx_refine_tls.L[1][1] 
_pdbx_refine_tls.L[1][1]_esd 
_pdbx_refine_tls.L[1][2] 
_pdbx_refine_tls.L[1][2]_esd 
_pdbx_refine_tls.L[1][3] 
_pdbx_refine_tls.L[1][3]_esd 
_pdbx_refine_tls.L[2][2] 
_pdbx_refine_tls.L[2][2]_esd 
_pdbx_refine_tls.L[2][3] 
_pdbx_refine_tls.L[2][3]_esd 
_pdbx_refine_tls.L[3][3] 
_pdbx_refine_tls.L[3][3]_esd 
_pdbx_refine_tls.S[1][1] 
_pdbx_refine_tls.S[1][1]_esd 
_pdbx_refine_tls.S[1][2] 
_pdbx_refine_tls.S[1][2]_esd 
_pdbx_refine_tls.S[1][3] 
_pdbx_refine_tls.S[1][3]_esd 
_pdbx_refine_tls.S[2][1] 
_pdbx_refine_tls.S[2][1]_esd 
_pdbx_refine_tls.S[2][2] 
_pdbx_refine_tls.S[2][2]_esd 
_pdbx_refine_tls.S[2][3] 
_pdbx_refine_tls.S[2][3]_esd 
_pdbx_refine_tls.S[3][1] 
_pdbx_refine_tls.S[3][1]_esd 
_pdbx_refine_tls.S[3][2] 
_pdbx_refine_tls.S[3][2]_esd 
_pdbx_refine_tls.S[3][3] 
_pdbx_refine_tls.S[3][3]_esd 
1 'X-RAY DIFFRACTION' ? refined 2.36008913555   -2.3052955569 3.76743666158  0.493670602113 ? -0.061179112073 ? -0.059912471267 ? 0.492469880729 ? 0.121837227065  ? 0.6804681818   ? 12.01070196062 ? -0.82724731857 ? -0.50424017635  ? 3.98310944411   ? -1.436743761155 ? 5.22931334012  ? -0.623669429674 ? -0.204163403243 ? -0.243111889825 ? 0.680930664022  ? 0.165864448453  ? -0.771878950323 ? 0.28911508523   ? 0.396082119978  ? 0.554590414617  ? 
2 'X-RAY DIFFRACTION' ? refined 8.86107093000   0.0406846533  4.1371309167   0.75529928925  ? -0.279248192966 ? -0.252009551261 ? 0.55986681158  ? -0.015924250709 ? 0.790824032932 ? 9.52584546508  ? 3.9425155720   ? -2.68844576846  ? 2.7230089607    ? -2.70775971400  ? 6.58758209835  ? 1.09891781620   ? -2.193781474083 ? -2.098237937900 ? 0.4894677995    ? -0.625478953855 ? -1.089665795515 ? 0.15384956852   ? 0.865613396330  ? -0.236779088675 ? 
3 'X-RAY DIFFRACTION' ? refined 2.98391223719   1.709315888   -6.7361470825  0.35188378587  ? -0.036351720128 ? -0.013007841893 ? 0.387270827109 ? 0.097783084965  ? 0.509547459805 ? 4.25512203913  ? 2.16469314525  ? 1.3899859536    ? 13.7435887769   ? 1.31146990541   ? 7.30912082805  ? -0.599497512248 ? 0.689455681096  ? 0.806787756390  ? 0.92984092657   ? 0.247985280992  ? 0.464159690356  ? -0.362957029602 ? 0.066174155565  ? 0.258444537040  ? 
4 'X-RAY DIFFRACTION' ? refined 11.04905405367  4.7968719773  3.5967093560   0.79629628610  ? -0.372815452397 ? -0.28454992025  ? 0.795587799094 ? 0.25980042825   ? 0.978738720651 ? 1.09224672801  ? 1.44630576050  ? -1.765027692485 ? 11.0146740388   ? 2.90449803516   ? 5.84599348544  ? -0.354907343899 ? -0.090658686283 ? 0.56399627065   ? 0.883084458772  ? 0.181928085936  ? -1.028448403653 ? -0.89404171983  ? 1.589651651227  ? -0.233230980432 ? 
5 'X-RAY DIFFRACTION' ? refined -4.680085209580 -0.8666608420 -3.2671398026  0.325020586472 ? 0.07236150108   ? 0.065793476534  ? 0.384310136594 ? 0.132959313364  ? 0.584827203900 ? 5.64992795219  ? 4.285153999661 ? -0.122106618249 ? 6.33820770001   ? 0.29827870639   ? 3.580327970    ? -0.19845423343  ? -0.68521595316  ? -0.124739279347 ? -0.521858698187 ? -0.306582722720 ? 0.160255953148  ? 0.178628635245  ? 0.495479842534  ? 0.453017697298  ? 
6 'X-RAY DIFFRACTION' ? refined 5.61831495240   -5.1329977589 -4.55800308722 0.629922960125 ? -0.087403674266 ? -0.056126599245 ? 0.52153363465  ? -0.035735255918 ? 0.433452893559 ? 10.41615831380 ? 7.19881305965  ? -3.66536014418  ? 6.61064728674   ? -3.22870945070  ? 2.48916927200  ? -0.765835801932 ? 1.387634216054  ? -0.387303997987 ? -0.04227193664  ? 0.649233456582  ? -0.43271000231  ? -0.251318693034 ? -0.324185669397 ? 0.104151626053  ? 
7 'X-RAY DIFFRACTION' ? refined -25.3947605907  1.7790590168  9.68319002149  0.833741989807 ? 0.186898980781  ? -0.019532586134 ? 0.584780093024 ? -0.077792571199 ? 0.530010137188 ? 0.593179981459 ? 0.200706769953 ? 0.441624420379  ? -0.021910562613 ? 0.039982317570  ? 0.703642017664 ? 1.175134939077  ? -0.33335614920  ? -0.158936000863 ? -0.373625154167 ? -0.869055423280 ? -0.149618744035 ? -1.128012696336 ? -0.233079720097 ? -0.022868749773 ? 
# 
loop_
_pdbx_refine_tls_group.id 
_pdbx_refine_tls_group.pdbx_refine_id 
_pdbx_refine_tls_group.refine_tls_id 
_pdbx_refine_tls_group.beg_label_asym_id 
_pdbx_refine_tls_group.beg_label_seq_id 
_pdbx_refine_tls_group.beg_auth_asym_id 
_pdbx_refine_tls_group.beg_auth_seq_id 
_pdbx_refine_tls_group.beg_PDB_ins_code 
_pdbx_refine_tls_group.end_label_asym_id 
_pdbx_refine_tls_group.end_label_seq_id 
_pdbx_refine_tls_group.end_auth_asym_id 
_pdbx_refine_tls_group.end_auth_seq_id 
_pdbx_refine_tls_group.end_PDB_ins_code 
_pdbx_refine_tls_group.selection 
_pdbx_refine_tls_group.selection_details 
1 'X-RAY DIFFRACTION' 1 A 1  A 1  ? A 16  A 16  ? ? 
;chain 'A' and (resid 1 through 16 )
;
2 'X-RAY DIFFRACTION' 2 A 17 A 17 ? A 26  A 36  ? ? 
;chain 'A' and (resid 17 through 36 )
;
3 'X-RAY DIFFRACTION' 3 A 27 A 37 ? A 50  A 60  ? ? 
;chain 'A' and (resid 37 through 60 )
;
4 'X-RAY DIFFRACTION' 4 A 51 A 61 ? A 61  A 71  ? ? 
;chain 'A' and (resid 61 through 71 )
;
5 'X-RAY DIFFRACTION' 5 A 62 A 72 ? A 76  A 86  ? ? 
;chain 'A' and (resid 72 through 86 )
;
6 'X-RAY DIFFRACTION' 6 A 77 A 87 ? A 88  A 98  ? ? 
;chain 'A' and (resid 87 through 98 )
;
7 'X-RAY DIFFRACTION' 7 A 89 A 99 ? A 100 A 110 ? ? 
;chain 'A' and (resid 99 through 110 )
;
# 
loop_
_pdbx_unobs_or_zero_occ_residues.id 
_pdbx_unobs_or_zero_occ_residues.PDB_model_num 
_pdbx_unobs_or_zero_occ_residues.polymer_flag 
_pdbx_unobs_or_zero_occ_residues.occupancy_flag 
_pdbx_unobs_or_zero_occ_residues.auth_asym_id 
_pdbx_unobs_or_zero_occ_residues.auth_comp_id 
_pdbx_unobs_or_zero_occ_residues.auth_seq_id 
_pdbx_unobs_or_zero_occ_residues.PDB_ins_code 
_pdbx_unobs_or_zero_occ_residues.label_asym_id 
_pdbx_unobs_or_zero_occ_residues.label_comp_id 
_pdbx_unobs_or_zero_occ_residues.label_seq_id 
1  1 Y 1 A PHE 26  ? A PHE 26  
2  1 Y 1 A GLU 27  ? A GLU 27  
3  1 Y 1 A GLN 28  ? A GLN 28  
4  1 Y 1 A SER 29  ? A SER 29  
5  1 Y 1 A LYS 30  ? A LYS 30  
6  1 Y 1 A GLY 31  ? A GLY 31  
7  1 Y 1 A PHE 32  ? A PHE 32  
8  1 Y 1 A TYR 33  ? A TYR 33  
9  1 Y 1 A GLY 34  ? A GLY 34  
10 1 Y 1 A SER 35  ? A SER 35  
11 1 Y 1 A SER 111 ? A SER 111 
12 1 Y 1 A THR 112 ? A THR 112 
13 1 Y 1 A SER 113 ? A SER 113 
14 1 Y 1 A THR 114 ? A THR 114 
15 1 Y 1 A PRO 115 ? A PRO 115 
16 1 Y 1 A THR 116 ? A THR 116 
17 1 Y 1 A PRO 117 ? A PRO 117 
18 1 Y 1 A SER 118 ? A SER 118 
19 1 Y 1 A MET 119 ? A MET 119 
20 1 Y 1 A PRO 120 ? A PRO 120 
21 1 Y 1 A VAL 121 ? A VAL 121 
22 1 Y 1 A LYS 122 ? A LYS 122 
23 1 Y 1 A VAL 123 ? A VAL 123 
24 1 Y 1 A THR 124 ? A THR 124 
25 1 Y 1 A LEU 125 ? A LEU 125 
26 1 Y 1 A GLU 126 ? A GLU 126 
27 1 Y 1 A HIS 127 ? A HIS 127 
28 1 Y 1 A HIS 128 ? A HIS 128 
29 1 Y 1 A HIS 129 ? A HIS 129 
30 1 Y 1 A HIS 130 ? A HIS 130 
31 1 Y 1 A HIS 131 ? A HIS 131 
32 1 Y 1 A HIS 132 ? A HIS 132 
# 
loop_
_chem_comp_atom.comp_id 
_chem_comp_atom.atom_id 
_chem_comp_atom.type_symbol 
_chem_comp_atom.pdbx_aromatic_flag 
_chem_comp_atom.pdbx_stereo_config 
_chem_comp_atom.pdbx_ordinal 
ALA N    N N N 1   
ALA CA   C N S 2   
ALA C    C N N 3   
ALA O    O N N 4   
ALA CB   C N N 5   
ALA OXT  O N N 6   
ALA H    H N N 7   
ALA H2   H N N 8   
ALA HA   H N N 9   
ALA HB1  H N N 10  
ALA HB2  H N N 11  
ALA HB3  H N N 12  
ALA HXT  H N N 13  
ASN N    N N N 14  
ASN CA   C N S 15  
ASN C    C N N 16  
ASN O    O N N 17  
ASN CB   C N N 18  
ASN CG   C N N 19  
ASN OD1  O N N 20  
ASN ND2  N N N 21  
ASN OXT  O N N 22  
ASN H    H N N 23  
ASN H2   H N N 24  
ASN HA   H N N 25  
ASN HB2  H N N 26  
ASN HB3  H N N 27  
ASN HD21 H N N 28  
ASN HD22 H N N 29  
ASN HXT  H N N 30  
ASP N    N N N 31  
ASP CA   C N S 32  
ASP C    C N N 33  
ASP O    O N N 34  
ASP CB   C N N 35  
ASP CG   C N N 36  
ASP OD1  O N N 37  
ASP OD2  O N N 38  
ASP OXT  O N N 39  
ASP H    H N N 40  
ASP H2   H N N 41  
ASP HA   H N N 42  
ASP HB2  H N N 43  
ASP HB3  H N N 44  
ASP HD2  H N N 45  
ASP HXT  H N N 46  
CYS N    N N N 47  
CYS CA   C N R 48  
CYS C    C N N 49  
CYS O    O N N 50  
CYS CB   C N N 51  
CYS SG   S N N 52  
CYS OXT  O N N 53  
CYS H    H N N 54  
CYS H2   H N N 55  
CYS HA   H N N 56  
CYS HB2  H N N 57  
CYS HB3  H N N 58  
CYS HG   H N N 59  
CYS HXT  H N N 60  
GLN N    N N N 61  
GLN CA   C N S 62  
GLN C    C N N 63  
GLN O    O N N 64  
GLN CB   C N N 65  
GLN CG   C N N 66  
GLN CD   C N N 67  
GLN OE1  O N N 68  
GLN NE2  N N N 69  
GLN OXT  O N N 70  
GLN H    H N N 71  
GLN H2   H N N 72  
GLN HA   H N N 73  
GLN HB2  H N N 74  
GLN HB3  H N N 75  
GLN HG2  H N N 76  
GLN HG3  H N N 77  
GLN HE21 H N N 78  
GLN HE22 H N N 79  
GLN HXT  H N N 80  
GLU N    N N N 81  
GLU CA   C N S 82  
GLU C    C N N 83  
GLU O    O N N 84  
GLU CB   C N N 85  
GLU CG   C N N 86  
GLU CD   C N N 87  
GLU OE1  O N N 88  
GLU OE2  O N N 89  
GLU OXT  O N N 90  
GLU H    H N N 91  
GLU H2   H N N 92  
GLU HA   H N N 93  
GLU HB2  H N N 94  
GLU HB3  H N N 95  
GLU HG2  H N N 96  
GLU HG3  H N N 97  
GLU HE2  H N N 98  
GLU HXT  H N N 99  
GLY N    N N N 100 
GLY CA   C N N 101 
GLY C    C N N 102 
GLY O    O N N 103 
GLY OXT  O N N 104 
GLY H    H N N 105 
GLY H2   H N N 106 
GLY HA2  H N N 107 
GLY HA3  H N N 108 
GLY HXT  H N N 109 
HIS N    N N N 110 
HIS CA   C N S 111 
HIS C    C N N 112 
HIS O    O N N 113 
HIS CB   C N N 114 
HIS CG   C Y N 115 
HIS ND1  N Y N 116 
HIS CD2  C Y N 117 
HIS CE1  C Y N 118 
HIS NE2  N Y N 119 
HIS OXT  O N N 120 
HIS H    H N N 121 
HIS H2   H N N 122 
HIS HA   H N N 123 
HIS HB2  H N N 124 
HIS HB3  H N N 125 
HIS HD1  H N N 126 
HIS HD2  H N N 127 
HIS HE1  H N N 128 
HIS HE2  H N N 129 
HIS HXT  H N N 130 
HOH O    O N N 131 
HOH H1   H N N 132 
HOH H2   H N N 133 
ILE N    N N N 134 
ILE CA   C N S 135 
ILE C    C N N 136 
ILE O    O N N 137 
ILE CB   C N S 138 
ILE CG1  C N N 139 
ILE CG2  C N N 140 
ILE CD1  C N N 141 
ILE OXT  O N N 142 
ILE H    H N N 143 
ILE H2   H N N 144 
ILE HA   H N N 145 
ILE HB   H N N 146 
ILE HG12 H N N 147 
ILE HG13 H N N 148 
ILE HG21 H N N 149 
ILE HG22 H N N 150 
ILE HG23 H N N 151 
ILE HD11 H N N 152 
ILE HD12 H N N 153 
ILE HD13 H N N 154 
ILE HXT  H N N 155 
LEU N    N N N 156 
LEU CA   C N S 157 
LEU C    C N N 158 
LEU O    O N N 159 
LEU CB   C N N 160 
LEU CG   C N N 161 
LEU CD1  C N N 162 
LEU CD2  C N N 163 
LEU OXT  O N N 164 
LEU H    H N N 165 
LEU H2   H N N 166 
LEU HA   H N N 167 
LEU HB2  H N N 168 
LEU HB3  H N N 169 
LEU HG   H N N 170 
LEU HD11 H N N 171 
LEU HD12 H N N 172 
LEU HD13 H N N 173 
LEU HD21 H N N 174 
LEU HD22 H N N 175 
LEU HD23 H N N 176 
LEU HXT  H N N 177 
LYS N    N N N 178 
LYS CA   C N S 179 
LYS C    C N N 180 
LYS O    O N N 181 
LYS CB   C N N 182 
LYS CG   C N N 183 
LYS CD   C N N 184 
LYS CE   C N N 185 
LYS NZ   N N N 186 
LYS OXT  O N N 187 
LYS H    H N N 188 
LYS H2   H N N 189 
LYS HA   H N N 190 
LYS HB2  H N N 191 
LYS HB3  H N N 192 
LYS HG2  H N N 193 
LYS HG3  H N N 194 
LYS HD2  H N N 195 
LYS HD3  H N N 196 
LYS HE2  H N N 197 
LYS HE3  H N N 198 
LYS HZ1  H N N 199 
LYS HZ2  H N N 200 
LYS HZ3  H N N 201 
LYS HXT  H N N 202 
MET N    N N N 203 
MET CA   C N S 204 
MET C    C N N 205 
MET O    O N N 206 
MET CB   C N N 207 
MET CG   C N N 208 
MET SD   S N N 209 
MET CE   C N N 210 
MET OXT  O N N 211 
MET H    H N N 212 
MET H2   H N N 213 
MET HA   H N N 214 
MET HB2  H N N 215 
MET HB3  H N N 216 
MET HG2  H N N 217 
MET HG3  H N N 218 
MET HE1  H N N 219 
MET HE2  H N N 220 
MET HE3  H N N 221 
MET HXT  H N N 222 
PHE N    N N N 223 
PHE CA   C N S 224 
PHE C    C N N 225 
PHE O    O N N 226 
PHE CB   C N N 227 
PHE CG   C Y N 228 
PHE CD1  C Y N 229 
PHE CD2  C Y N 230 
PHE CE1  C Y N 231 
PHE CE2  C Y N 232 
PHE CZ   C Y N 233 
PHE OXT  O N N 234 
PHE H    H N N 235 
PHE H2   H N N 236 
PHE HA   H N N 237 
PHE HB2  H N N 238 
PHE HB3  H N N 239 
PHE HD1  H N N 240 
PHE HD2  H N N 241 
PHE HE1  H N N 242 
PHE HE2  H N N 243 
PHE HZ   H N N 244 
PHE HXT  H N N 245 
PRO N    N N N 246 
PRO CA   C N S 247 
PRO C    C N N 248 
PRO O    O N N 249 
PRO CB   C N N 250 
PRO CG   C N N 251 
PRO CD   C N N 252 
PRO OXT  O N N 253 
PRO H    H N N 254 
PRO HA   H N N 255 
PRO HB2  H N N 256 
PRO HB3  H N N 257 
PRO HG2  H N N 258 
PRO HG3  H N N 259 
PRO HD2  H N N 260 
PRO HD3  H N N 261 
PRO HXT  H N N 262 
SER N    N N N 263 
SER CA   C N S 264 
SER C    C N N 265 
SER O    O N N 266 
SER CB   C N N 267 
SER OG   O N N 268 
SER OXT  O N N 269 
SER H    H N N 270 
SER H2   H N N 271 
SER HA   H N N 272 
SER HB2  H N N 273 
SER HB3  H N N 274 
SER HG   H N N 275 
SER HXT  H N N 276 
THR N    N N N 277 
THR CA   C N S 278 
THR C    C N N 279 
THR O    O N N 280 
THR CB   C N R 281 
THR OG1  O N N 282 
THR CG2  C N N 283 
THR OXT  O N N 284 
THR H    H N N 285 
THR H2   H N N 286 
THR HA   H N N 287 
THR HB   H N N 288 
THR HG1  H N N 289 
THR HG21 H N N 290 
THR HG22 H N N 291 
THR HG23 H N N 292 
THR HXT  H N N 293 
TRP N    N N N 294 
TRP CA   C N S 295 
TRP C    C N N 296 
TRP O    O N N 297 
TRP CB   C N N 298 
TRP CG   C Y N 299 
TRP CD1  C Y N 300 
TRP CD2  C Y N 301 
TRP NE1  N Y N 302 
TRP CE2  C Y N 303 
TRP CE3  C Y N 304 
TRP CZ2  C Y N 305 
TRP CZ3  C Y N 306 
TRP CH2  C Y N 307 
TRP OXT  O N N 308 
TRP H    H N N 309 
TRP H2   H N N 310 
TRP HA   H N N 311 
TRP HB2  H N N 312 
TRP HB3  H N N 313 
TRP HD1  H N N 314 
TRP HE1  H N N 315 
TRP HE3  H N N 316 
TRP HZ2  H N N 317 
TRP HZ3  H N N 318 
TRP HH2  H N N 319 
TRP HXT  H N N 320 
TYR N    N N N 321 
TYR CA   C N S 322 
TYR C    C N N 323 
TYR O    O N N 324 
TYR CB   C N N 325 
TYR CG   C Y N 326 
TYR CD1  C Y N 327 
TYR CD2  C Y N 328 
TYR CE1  C Y N 329 
TYR CE2  C Y N 330 
TYR CZ   C Y N 331 
TYR OH   O N N 332 
TYR OXT  O N N 333 
TYR H    H N N 334 
TYR H2   H N N 335 
TYR HA   H N N 336 
TYR HB2  H N N 337 
TYR HB3  H N N 338 
TYR HD1  H N N 339 
TYR HD2  H N N 340 
TYR HE1  H N N 341 
TYR HE2  H N N 342 
TYR HH   H N N 343 
TYR HXT  H N N 344 
VAL N    N N N 345 
VAL CA   C N S 346 
VAL C    C N N 347 
VAL O    O N N 348 
VAL CB   C N N 349 
VAL CG1  C N N 350 
VAL CG2  C N N 351 
VAL OXT  O N N 352 
VAL H    H N N 353 
VAL H2   H N N 354 
VAL HA   H N N 355 
VAL HB   H N N 356 
VAL HG11 H N N 357 
VAL HG12 H N N 358 
VAL HG13 H N N 359 
VAL HG21 H N N 360 
VAL HG22 H N N 361 
VAL HG23 H N N 362 
VAL HXT  H N N 363 
# 
loop_
_chem_comp_bond.comp_id 
_chem_comp_bond.atom_id_1 
_chem_comp_bond.atom_id_2 
_chem_comp_bond.value_order 
_chem_comp_bond.pdbx_aromatic_flag 
_chem_comp_bond.pdbx_stereo_config 
_chem_comp_bond.pdbx_ordinal 
ALA N   CA   sing N N 1   
ALA N   H    sing N N 2   
ALA N   H2   sing N N 3   
ALA CA  C    sing N N 4   
ALA CA  CB   sing N N 5   
ALA CA  HA   sing N N 6   
ALA C   O    doub N N 7   
ALA C   OXT  sing N N 8   
ALA CB  HB1  sing N N 9   
ALA CB  HB2  sing N N 10  
ALA CB  HB3  sing N N 11  
ALA OXT HXT  sing N N 12  
ASN N   CA   sing N N 13  
ASN N   H    sing N N 14  
ASN N   H2   sing N N 15  
ASN CA  C    sing N N 16  
ASN CA  CB   sing N N 17  
ASN CA  HA   sing N N 18  
ASN C   O    doub N N 19  
ASN C   OXT  sing N N 20  
ASN CB  CG   sing N N 21  
ASN CB  HB2  sing N N 22  
ASN CB  HB3  sing N N 23  
ASN CG  OD1  doub N N 24  
ASN CG  ND2  sing N N 25  
ASN ND2 HD21 sing N N 26  
ASN ND2 HD22 sing N N 27  
ASN OXT HXT  sing N N 28  
ASP N   CA   sing N N 29  
ASP N   H    sing N N 30  
ASP N   H2   sing N N 31  
ASP CA  C    sing N N 32  
ASP CA  CB   sing N N 33  
ASP CA  HA   sing N N 34  
ASP C   O    doub N N 35  
ASP C   OXT  sing N N 36  
ASP CB  CG   sing N N 37  
ASP CB  HB2  sing N N 38  
ASP CB  HB3  sing N N 39  
ASP CG  OD1  doub N N 40  
ASP CG  OD2  sing N N 41  
ASP OD2 HD2  sing N N 42  
ASP OXT HXT  sing N N 43  
CYS N   CA   sing N N 44  
CYS N   H    sing N N 45  
CYS N   H2   sing N N 46  
CYS CA  C    sing N N 47  
CYS CA  CB   sing N N 48  
CYS CA  HA   sing N N 49  
CYS C   O    doub N N 50  
CYS C   OXT  sing N N 51  
CYS CB  SG   sing N N 52  
CYS CB  HB2  sing N N 53  
CYS CB  HB3  sing N N 54  
CYS SG  HG   sing N N 55  
CYS OXT HXT  sing N N 56  
GLN N   CA   sing N N 57  
GLN N   H    sing N N 58  
GLN N   H2   sing N N 59  
GLN CA  C    sing N N 60  
GLN CA  CB   sing N N 61  
GLN CA  HA   sing N N 62  
GLN C   O    doub N N 63  
GLN C   OXT  sing N N 64  
GLN CB  CG   sing N N 65  
GLN CB  HB2  sing N N 66  
GLN CB  HB3  sing N N 67  
GLN CG  CD   sing N N 68  
GLN CG  HG2  sing N N 69  
GLN CG  HG3  sing N N 70  
GLN CD  OE1  doub N N 71  
GLN CD  NE2  sing N N 72  
GLN NE2 HE21 sing N N 73  
GLN NE2 HE22 sing N N 74  
GLN OXT HXT  sing N N 75  
GLU N   CA   sing N N 76  
GLU N   H    sing N N 77  
GLU N   H2   sing N N 78  
GLU CA  C    sing N N 79  
GLU CA  CB   sing N N 80  
GLU CA  HA   sing N N 81  
GLU C   O    doub N N 82  
GLU C   OXT  sing N N 83  
GLU CB  CG   sing N N 84  
GLU CB  HB2  sing N N 85  
GLU CB  HB3  sing N N 86  
GLU CG  CD   sing N N 87  
GLU CG  HG2  sing N N 88  
GLU CG  HG3  sing N N 89  
GLU CD  OE1  doub N N 90  
GLU CD  OE2  sing N N 91  
GLU OE2 HE2  sing N N 92  
GLU OXT HXT  sing N N 93  
GLY N   CA   sing N N 94  
GLY N   H    sing N N 95  
GLY N   H2   sing N N 96  
GLY CA  C    sing N N 97  
GLY CA  HA2  sing N N 98  
GLY CA  HA3  sing N N 99  
GLY C   O    doub N N 100 
GLY C   OXT  sing N N 101 
GLY OXT HXT  sing N N 102 
HIS N   CA   sing N N 103 
HIS N   H    sing N N 104 
HIS N   H2   sing N N 105 
HIS CA  C    sing N N 106 
HIS CA  CB   sing N N 107 
HIS CA  HA   sing N N 108 
HIS C   O    doub N N 109 
HIS C   OXT  sing N N 110 
HIS CB  CG   sing N N 111 
HIS CB  HB2  sing N N 112 
HIS CB  HB3  sing N N 113 
HIS CG  ND1  sing Y N 114 
HIS CG  CD2  doub Y N 115 
HIS ND1 CE1  doub Y N 116 
HIS ND1 HD1  sing N N 117 
HIS CD2 NE2  sing Y N 118 
HIS CD2 HD2  sing N N 119 
HIS CE1 NE2  sing Y N 120 
HIS CE1 HE1  sing N N 121 
HIS NE2 HE2  sing N N 122 
HIS OXT HXT  sing N N 123 
HOH O   H1   sing N N 124 
HOH O   H2   sing N N 125 
ILE N   CA   sing N N 126 
ILE N   H    sing N N 127 
ILE N   H2   sing N N 128 
ILE CA  C    sing N N 129 
ILE CA  CB   sing N N 130 
ILE CA  HA   sing N N 131 
ILE C   O    doub N N 132 
ILE C   OXT  sing N N 133 
ILE CB  CG1  sing N N 134 
ILE CB  CG2  sing N N 135 
ILE CB  HB   sing N N 136 
ILE CG1 CD1  sing N N 137 
ILE CG1 HG12 sing N N 138 
ILE CG1 HG13 sing N N 139 
ILE CG2 HG21 sing N N 140 
ILE CG2 HG22 sing N N 141 
ILE CG2 HG23 sing N N 142 
ILE CD1 HD11 sing N N 143 
ILE CD1 HD12 sing N N 144 
ILE CD1 HD13 sing N N 145 
ILE OXT HXT  sing N N 146 
LEU N   CA   sing N N 147 
LEU N   H    sing N N 148 
LEU N   H2   sing N N 149 
LEU CA  C    sing N N 150 
LEU CA  CB   sing N N 151 
LEU CA  HA   sing N N 152 
LEU C   O    doub N N 153 
LEU C   OXT  sing N N 154 
LEU CB  CG   sing N N 155 
LEU CB  HB2  sing N N 156 
LEU CB  HB3  sing N N 157 
LEU CG  CD1  sing N N 158 
LEU CG  CD2  sing N N 159 
LEU CG  HG   sing N N 160 
LEU CD1 HD11 sing N N 161 
LEU CD1 HD12 sing N N 162 
LEU CD1 HD13 sing N N 163 
LEU CD2 HD21 sing N N 164 
LEU CD2 HD22 sing N N 165 
LEU CD2 HD23 sing N N 166 
LEU OXT HXT  sing N N 167 
LYS N   CA   sing N N 168 
LYS N   H    sing N N 169 
LYS N   H2   sing N N 170 
LYS CA  C    sing N N 171 
LYS CA  CB   sing N N 172 
LYS CA  HA   sing N N 173 
LYS C   O    doub N N 174 
LYS C   OXT  sing N N 175 
LYS CB  CG   sing N N 176 
LYS CB  HB2  sing N N 177 
LYS CB  HB3  sing N N 178 
LYS CG  CD   sing N N 179 
LYS CG  HG2  sing N N 180 
LYS CG  HG3  sing N N 181 
LYS CD  CE   sing N N 182 
LYS CD  HD2  sing N N 183 
LYS CD  HD3  sing N N 184 
LYS CE  NZ   sing N N 185 
LYS CE  HE2  sing N N 186 
LYS CE  HE3  sing N N 187 
LYS NZ  HZ1  sing N N 188 
LYS NZ  HZ2  sing N N 189 
LYS NZ  HZ3  sing N N 190 
LYS OXT HXT  sing N N 191 
MET N   CA   sing N N 192 
MET N   H    sing N N 193 
MET N   H2   sing N N 194 
MET CA  C    sing N N 195 
MET CA  CB   sing N N 196 
MET CA  HA   sing N N 197 
MET C   O    doub N N 198 
MET C   OXT  sing N N 199 
MET CB  CG   sing N N 200 
MET CB  HB2  sing N N 201 
MET CB  HB3  sing N N 202 
MET CG  SD   sing N N 203 
MET CG  HG2  sing N N 204 
MET CG  HG3  sing N N 205 
MET SD  CE   sing N N 206 
MET CE  HE1  sing N N 207 
MET CE  HE2  sing N N 208 
MET CE  HE3  sing N N 209 
MET OXT HXT  sing N N 210 
PHE N   CA   sing N N 211 
PHE N   H    sing N N 212 
PHE N   H2   sing N N 213 
PHE CA  C    sing N N 214 
PHE CA  CB   sing N N 215 
PHE CA  HA   sing N N 216 
PHE C   O    doub N N 217 
PHE C   OXT  sing N N 218 
PHE CB  CG   sing N N 219 
PHE CB  HB2  sing N N 220 
PHE CB  HB3  sing N N 221 
PHE CG  CD1  doub Y N 222 
PHE CG  CD2  sing Y N 223 
PHE CD1 CE1  sing Y N 224 
PHE CD1 HD1  sing N N 225 
PHE CD2 CE2  doub Y N 226 
PHE CD2 HD2  sing N N 227 
PHE CE1 CZ   doub Y N 228 
PHE CE1 HE1  sing N N 229 
PHE CE2 CZ   sing Y N 230 
PHE CE2 HE2  sing N N 231 
PHE CZ  HZ   sing N N 232 
PHE OXT HXT  sing N N 233 
PRO N   CA   sing N N 234 
PRO N   CD   sing N N 235 
PRO N   H    sing N N 236 
PRO CA  C    sing N N 237 
PRO CA  CB   sing N N 238 
PRO CA  HA   sing N N 239 
PRO C   O    doub N N 240 
PRO C   OXT  sing N N 241 
PRO CB  CG   sing N N 242 
PRO CB  HB2  sing N N 243 
PRO CB  HB3  sing N N 244 
PRO CG  CD   sing N N 245 
PRO CG  HG2  sing N N 246 
PRO CG  HG3  sing N N 247 
PRO CD  HD2  sing N N 248 
PRO CD  HD3  sing N N 249 
PRO OXT HXT  sing N N 250 
SER N   CA   sing N N 251 
SER N   H    sing N N 252 
SER N   H2   sing N N 253 
SER CA  C    sing N N 254 
SER CA  CB   sing N N 255 
SER CA  HA   sing N N 256 
SER C   O    doub N N 257 
SER C   OXT  sing N N 258 
SER CB  OG   sing N N 259 
SER CB  HB2  sing N N 260 
SER CB  HB3  sing N N 261 
SER OG  HG   sing N N 262 
SER OXT HXT  sing N N 263 
THR N   CA   sing N N 264 
THR N   H    sing N N 265 
THR N   H2   sing N N 266 
THR CA  C    sing N N 267 
THR CA  CB   sing N N 268 
THR CA  HA   sing N N 269 
THR C   O    doub N N 270 
THR C   OXT  sing N N 271 
THR CB  OG1  sing N N 272 
THR CB  CG2  sing N N 273 
THR CB  HB   sing N N 274 
THR OG1 HG1  sing N N 275 
THR CG2 HG21 sing N N 276 
THR CG2 HG22 sing N N 277 
THR CG2 HG23 sing N N 278 
THR OXT HXT  sing N N 279 
TRP N   CA   sing N N 280 
TRP N   H    sing N N 281 
TRP N   H2   sing N N 282 
TRP CA  C    sing N N 283 
TRP CA  CB   sing N N 284 
TRP CA  HA   sing N N 285 
TRP C   O    doub N N 286 
TRP C   OXT  sing N N 287 
TRP CB  CG   sing N N 288 
TRP CB  HB2  sing N N 289 
TRP CB  HB3  sing N N 290 
TRP CG  CD1  doub Y N 291 
TRP CG  CD2  sing Y N 292 
TRP CD1 NE1  sing Y N 293 
TRP CD1 HD1  sing N N 294 
TRP CD2 CE2  doub Y N 295 
TRP CD2 CE3  sing Y N 296 
TRP NE1 CE2  sing Y N 297 
TRP NE1 HE1  sing N N 298 
TRP CE2 CZ2  sing Y N 299 
TRP CE3 CZ3  doub Y N 300 
TRP CE3 HE3  sing N N 301 
TRP CZ2 CH2  doub Y N 302 
TRP CZ2 HZ2  sing N N 303 
TRP CZ3 CH2  sing Y N 304 
TRP CZ3 HZ3  sing N N 305 
TRP CH2 HH2  sing N N 306 
TRP OXT HXT  sing N N 307 
TYR N   CA   sing N N 308 
TYR N   H    sing N N 309 
TYR N   H2   sing N N 310 
TYR CA  C    sing N N 311 
TYR CA  CB   sing N N 312 
TYR CA  HA   sing N N 313 
TYR C   O    doub N N 314 
TYR C   OXT  sing N N 315 
TYR CB  CG   sing N N 316 
TYR CB  HB2  sing N N 317 
TYR CB  HB3  sing N N 318 
TYR CG  CD1  doub Y N 319 
TYR CG  CD2  sing Y N 320 
TYR CD1 CE1  sing Y N 321 
TYR CD1 HD1  sing N N 322 
TYR CD2 CE2  doub Y N 323 
TYR CD2 HD2  sing N N 324 
TYR CE1 CZ   doub Y N 325 
TYR CE1 HE1  sing N N 326 
TYR CE2 CZ   sing Y N 327 
TYR CE2 HE2  sing N N 328 
TYR CZ  OH   sing N N 329 
TYR OH  HH   sing N N 330 
TYR OXT HXT  sing N N 331 
VAL N   CA   sing N N 332 
VAL N   H    sing N N 333 
VAL N   H2   sing N N 334 
VAL CA  C    sing N N 335 
VAL CA  CB   sing N N 336 
VAL CA  HA   sing N N 337 
VAL C   O    doub N N 338 
VAL C   OXT  sing N N 339 
VAL CB  CG1  sing N N 340 
VAL CB  CG2  sing N N 341 
VAL CB  HB   sing N N 342 
VAL CG1 HG11 sing N N 343 
VAL CG1 HG12 sing N N 344 
VAL CG1 HG13 sing N N 345 
VAL CG2 HG21 sing N N 346 
VAL CG2 HG22 sing N N 347 
VAL CG2 HG23 sing N N 348 
VAL OXT HXT  sing N N 349 
# 
_pdbx_audit_support.funding_organization   'National Natural Science Foundation of China (NSFC)' 
_pdbx_audit_support.country                China 
_pdbx_audit_support.grant_number           31661143023 
_pdbx_audit_support.ordinal                1 
# 
_pdbx_initial_refinement_model.id               1 
_pdbx_initial_refinement_model.entity_id_list   ? 
_pdbx_initial_refinement_model.type             'experimental model' 
_pdbx_initial_refinement_model.source_name      PDB 
_pdbx_initial_refinement_model.accession_code   7CG1 
_pdbx_initial_refinement_model.details          ? 
# 
_space_group.name_H-M_alt     'R 3 2 :H' 
_space_group.name_Hall        
;R 3 2"
;
_space_group.IT_number        155 
_space_group.crystal_system   trigonal 
_space_group.id               1 
# 
_atom_sites.entry_id                    7CG5 
_atom_sites.Cartn_transf_matrix[1][1]   ? 
_atom_sites.Cartn_transf_matrix[1][2]   ? 
_atom_sites.Cartn_transf_matrix[1][3]   ? 
_atom_sites.Cartn_transf_matrix[2][1]   ? 
_atom_sites.Cartn_transf_matrix[2][2]   ? 
_atom_sites.Cartn_transf_matrix[2][3]   ? 
_atom_sites.Cartn_transf_matrix[3][1]   ? 
_atom_sites.Cartn_transf_matrix[3][2]   ? 
_atom_sites.Cartn_transf_matrix[3][3]   ? 
_atom_sites.Cartn_transf_vector[1]      ? 
_atom_sites.Cartn_transf_vector[2]      ? 
_atom_sites.Cartn_transf_vector[3]      ? 
_atom_sites.fract_transf_matrix[1][1]   0.00208308 
_atom_sites.fract_transf_matrix[1][2]   -0.01208715 
_atom_sites.fract_transf_matrix[1][3]   -0.01059935 
_atom_sites.fract_transf_matrix[2][1]   -0.01284186 
_atom_sites.fract_transf_matrix[2][2]   -0.00669886 
_atom_sites.fract_transf_matrix[2][3]   -0.00728070 
_atom_sites.fract_transf_matrix[3][1]   0.00058642 
_atom_sites.fract_transf_matrix[3][2]   0.00521873 
_atom_sites.fract_transf_matrix[3][3]   -0.00583602 
_atom_sites.fract_transf_vector[1]      -0.144929 
_atom_sites.fract_transf_vector[2]      -0.310882 
_atom_sites.fract_transf_vector[3]      0.075324 
_atom_sites.solution_primary            ? 
_atom_sites.solution_secondary          ? 
_atom_sites.solution_hydrogens          ? 
_atom_sites.special_details             ? 
# 
loop_
_atom_type.symbol 
_atom_type.scat_dispersion_real 
_atom_type.scat_dispersion_imag 
_atom_type.scat_Cromer_Mann_a1 
_atom_type.scat_Cromer_Mann_a2 
_atom_type.scat_Cromer_Mann_a3 
_atom_type.scat_Cromer_Mann_a4 
_atom_type.scat_Cromer_Mann_b1 
_atom_type.scat_Cromer_Mann_b2 
_atom_type.scat_Cromer_Mann_b3 
_atom_type.scat_Cromer_Mann_b4 
_atom_type.scat_Cromer_Mann_c 
_atom_type.scat_source 
_atom_type.scat_dispersion_source 
C ? ? 3.54356 2.42580 ? ? 25.62398 1.50364  ? ? 0.0 
;2-Gaussian fit: Grosse-Kunstleve RW, Sauter NK, Adams PD: Newsletter of the IUCr Commission on Crystallographic Computing 2004, 3, 22-31.
;
? 
N ? ? 4.01032 2.96436 ? ? 19.97189 1.75589  ? ? 0.0 
;2-Gaussian fit: Grosse-Kunstleve RW, Sauter NK, Adams PD: Newsletter of the IUCr Commission on Crystallographic Computing 2004, 3, 22-31.
;
? 
O ? ? 7.96527 ?       ? ? 9.05267  ?        ? ? 0.0 
;1-Gaussian fit: Grosse-Kunstleve RW, Sauter NK, Adams PD: Newsletter of the IUCr Commission on Crystallographic Computing 2004, 3, 22-31.
;
? 
S ? ? 9.55732 6.39887 ? ? 1.23737  29.19336 ? ? 0.0 
;2-Gaussian fit: Grosse-Kunstleve RW, Sauter NK, Adams PD: Newsletter of the IUCr Commission on Crystallographic Computing 2004, 3, 22-31.
;
? 
# 
loop_
_atom_site.group_PDB 
_atom_site.id 
_atom_site.type_symbol 
_atom_site.label_atom_id 
_atom_site.label_alt_id 
_atom_site.label_comp_id 
_atom_site.label_asym_id 
_atom_site.label_entity_id 
_atom_site.label_seq_id 
_atom_site.pdbx_PDB_ins_code 
_atom_site.Cartn_x 
_atom_site.Cartn_y 
_atom_site.Cartn_z 
_atom_site.occupancy 
_atom_site.B_iso_or_equiv 
_atom_site.pdbx_formal_charge 
_atom_site.auth_seq_id 
_atom_site.auth_comp_id 
_atom_site.auth_asym_id 
_atom_site.auth_atom_id 
_atom_site.pdbx_PDB_model_num 
ATOM   1   N N   . MET A 1 1   ? 20.80561  -8.50614  -3.65088  1.000 126.85355 ? 1   MET A N   1 
ATOM   2   C CA  . MET A 1 1   ? 21.70701  -7.70350  -2.83054  1.000 120.33310 ? 1   MET A CA  1 
ATOM   3   C C   . MET A 1 1   ? 20.96039  -6.63366  -2.01362  1.000 112.40940 ? 1   MET A C   1 
ATOM   4   O O   . MET A 1 1   ? 21.58591  -5.73745  -1.44836  1.000 112.05081 ? 1   MET A O   1 
ATOM   5   C CB  . MET A 1 1   ? 22.79197  -7.04854  -3.71207  1.000 113.28242 ? 1   MET A CB  1 
ATOM   6   C CG  . MET A 1 1   ? 22.31992  -5.88486  -4.59461  1.000 110.01715 ? 1   MET A CG  1 
ATOM   7   S SD  . MET A 1 1   ? 21.17227  -6.30377  -5.93970  1.000 112.82491 ? 1   MET A SD  1 
ATOM   8   C CE  . MET A 1 1   ? 22.30074  -6.78962  -7.24357  1.000 105.68368 ? 1   MET A CE  1 
ATOM   9   N N   . VAL A 1 2   ? 19.63225  -6.73290  -1.94427  1.000 103.34666 ? 2   VAL A N   1 
ATOM   10  C CA  . VAL A 1 2   ? 18.81672  -5.81631  -1.15466  1.000 96.85187  ? 2   VAL A CA  1 
ATOM   11  C C   . VAL A 1 2   ? 17.71665  -6.60845  -0.45926  1.000 91.96495  ? 2   VAL A C   1 
ATOM   12  O O   . VAL A 1 2   ? 17.24909  -7.62448  -0.98285  1.000 91.46792  ? 2   VAL A O   1 
ATOM   13  C CB  . VAL A 1 2   ? 18.22137  -4.70096  -2.03379  1.000 94.64760  ? 2   VAL A CB  1 
ATOM   14  C CG1 . VAL A 1 2   ? 17.22337  -5.26961  -3.02602  1.000 90.01553  ? 2   VAL A CG1 1 
ATOM   15  C CG2 . VAL A 1 2   ? 17.56359  -3.62531  -1.17503  1.000 92.64753  ? 2   VAL A CG2 1 
ATOM   16  N N   . GLU A 1 3   ? 17.32391  -6.16350  0.73328   1.000 88.87758  ? 3   GLU A N   1 
ATOM   17  C CA  . GLU A 1 3   ? 16.27034  -6.80786  1.50780   1.000 85.06362  ? 3   GLU A CA  1 
ATOM   18  C C   . GLU A 1 3   ? 15.12250  -5.82760  1.72382   1.000 80.52537  ? 3   GLU A C   1 
ATOM   19  O O   . GLU A 1 3   ? 15.35240  -4.66983  2.08869   1.000 81.02354  ? 3   GLU A O   1 
ATOM   20  C CB  . GLU A 1 3   ? 16.80696  -7.30674  2.85257   1.000 88.02526  ? 3   GLU A CB  1 
ATOM   21  C CG  . GLU A 1 3   ? 18.20511  -7.90479  2.77904   1.000 91.33598  ? 3   GLU A CG  1 
ATOM   22  C CD  . GLU A 1 3   ? 18.76278  -8.24823  4.14442   1.000 93.13820  ? 3   GLU A CD  1 
ATOM   23  O OE1 . GLU A 1 3   ? 17.98889  -8.20549  5.12141   1.000 92.60068  ? 3   GLU A OE1 1 
ATOM   24  O OE2 . GLU A 1 3   ? 19.97459  -8.54586  4.24559   1.000 96.77670  ? 3   GLU A OE2 1 
ATOM   25  N N   . ILE A 1 4   ? 13.89128  -6.28750  1.49518   1.000 80.74763  ? 4   ILE A N   1 
ATOM   26  C CA  . ILE A 1 4   ? 12.69267  -5.46226  1.63476   1.000 76.11993  ? 4   ILE A CA  1 
ATOM   27  C C   . ILE A 1 4   ? 11.70711  -6.15012  2.56668   1.000 76.08696  ? 4   ILE A C   1 
ATOM   28  O O   . ILE A 1 4   ? 11.36424  -7.31787  2.35913   1.000 79.61537  ? 4   ILE A O   1 
ATOM   29  C CB  . ILE A 1 4   ? 12.00274  -5.19920  0.28664   1.000 74.58459  ? 4   ILE A CB  1 
ATOM   30  C CG1 . ILE A 1 4   ? 12.99584  -4.70810  -0.76674  1.000 75.43274  ? 4   ILE A CG1 1 
ATOM   31  C CG2 . ILE A 1 4   ? 10.85814  -4.23205  0.48569   1.000 71.93917  ? 4   ILE A CG2 1 
ATOM   32  C CD1 . ILE A 1 4   ? 13.42639  -5.78555  -1.74269  1.000 79.45228  ? 4   ILE A CD1 1 
ATOM   33  N N   . ALA A 1 5   ? 11.21326  -5.41076  3.55544   1.000 72.90753  ? 5   ALA A N   1 
ATOM   34  C CA  . ALA A 1 5   ? 10.16352  -5.87044  4.45777   1.000 72.48334  ? 5   ALA A CA  1 
ATOM   35  C C   . ALA A 1 5   ? 8.86494   -5.14966  4.11502   1.000 68.58660  ? 5   ALA A C   1 
ATOM   36  O O   . ALA A 1 5   ? 8.85201   -3.93076  3.91830   1.000 66.68571  ? 5   ALA A O   1 
ATOM   37  C CB  . ALA A 1 5   ? 10.53655  -5.62216  5.92407   1.000 71.81888  ? 5   ALA A CB  1 
ATOM   38  N N   . ILE A 1 6   ? 7.77955   -5.89715  4.02029   1.000 66.82647  ? 6   ILE A N   1 
ATOM   39  C CA  . ILE A 1 6   ? 6.48730   -5.31328  3.70908   1.000 63.70561  ? 6   ILE A CA  1 
ATOM   40  C C   . ILE A 1 6   ? 5.49300   -5.72165  4.78086   1.000 63.75208  ? 6   ILE A C   1 
ATOM   41  O O   . ILE A 1 6   ? 5.45499   -6.88576  5.19533   1.000 66.65900  ? 6   ILE A O   1 
ATOM   42  C CB  . ILE A 1 6   ? 5.99270   -5.70672  2.30603   1.000 63.04385  ? 6   ILE A CB  1 
ATOM   43  C CG1 . ILE A 1 6   ? 4.71360   -4.92135  1.99936   1.000 59.40235  ? 6   ILE A CG1 1 
ATOM   44  C CG2 . ILE A 1 6   ? 5.92261   -7.23946  2.13871   1.000 66.15045  ? 6   ILE A CG2 1 
ATOM   45  C CD1 . ILE A 1 6   ? 4.28479   -4.96275  0.58217   1.000 56.50726  ? 6   ILE A CD1 1 
ATOM   46  N N   . ASN A 1 7   ? 4.73260   -4.76979  5.24197   1.000 58.64659  ? 7   ASN A N   1 
ATOM   47  C CA  . ASN A 1 7   ? 3.80029   -5.03104  6.31520   1.000 57.48157  ? 7   ASN A CA  1 
ATOM   48  C C   . ASN A 1 7   ? 2.38050   -5.09920  5.77856   1.000 56.51405  ? 7   ASN A C   1 
ATOM   49  O O   . ASN A 1 7   ? 2.04982   -4.44496  4.78231   1.000 55.22078  ? 7   ASN A O   1 
ATOM   50  C CB  . ASN A 1 7   ? 3.88094   -3.93676  7.38291   1.000 57.45805  ? 7   ASN A CB  1 
ATOM   51  C CG  . ASN A 1 7   ? 5.30493   -3.58738  7.74727   1.000 59.09940  ? 7   ASN A CG  1 
ATOM   52  O OD1 . ASN A 1 7   ? 5.72914   -2.43771  7.59952   1.000 58.27645  ? 7   ASN A OD1 1 
ATOM   53  N ND2 . ASN A 1 7   ? 6.06118   -4.58326  8.21858   1.000 62.70826  ? 7   ASN A ND2 1 
ATOM   54  N N   . PRO A 1 8   ? 1.52933   -5.88889  6.42222   1.000 57.59214  ? 8   PRO A N   1 
ATOM   55  C CA  . PRO A 1 8   ? 0.11896   -5.91040  6.03480   1.000 57.96255  ? 8   PRO A CA  1 
ATOM   56  C C   . PRO A 1 8   ? -0.52184  -4.55233  6.26424   1.000 56.55139  ? 8   PRO A C   1 
ATOM   57  O O   . PRO A 1 8   ? -0.09949  -3.77701  7.12247   1.000 57.10947  ? 8   PRO A O   1 
ATOM   58  C CB  . PRO A 1 8   ? -0.48334  -6.98414  6.94677   1.000 58.80303  ? 8   PRO A CB  1 
ATOM   59  C CG  . PRO A 1 8   ? 0.44588   -7.04212  8.11233   1.000 58.78100  ? 8   PRO A CG  1 
ATOM   60  C CD  . PRO A 1 8   ? 1.80487   -6.78758  7.55384   1.000 58.47897  ? 8   PRO A CD  1 
ATOM   61  N N   . ALA A 1 9   ? -1.53244  -4.25451  5.45708   1.000 58.08143  ? 9   ALA A N   1 
ATOM   62  C CA  . ALA A 1 9   ? -2.17944  -2.95356  5.53416   1.000 58.80514  ? 9   ALA A CA  1 
ATOM   63  C C   . ALA A 1 9   ? -2.98061  -2.81504  6.82312   1.000 60.37661  ? 9   ALA A C   1 
ATOM   64  O O   . ALA A 1 9   ? -3.58501  -3.77259  7.30036   1.000 59.38685  ? 9   ALA A O   1 
ATOM   65  C CB  . ALA A 1 9   ? -3.08120  -2.74427  4.32169   1.000 56.61082  ? 9   ALA A CB  1 
ATOM   66  N N   . SER A 1 10  ? -2.99071  -1.60560  7.37648   1.000 61.19597  ? 10  SER A N   1 
ATOM   67  C CA  . SER A 1 10  ? -3.74274  -1.27406  8.57717   1.000 61.91932  ? 10  SER A CA  1 
ATOM   68  C C   . SER A 1 10  ? -4.60654  -0.04149  8.32383   1.000 64.37188  ? 10  SER A C   1 
ATOM   69  O O   . SER A 1 10  ? -4.54438  0.58367   7.25629   1.000 63.04738  ? 10  SER A O   1 
ATOM   70  C CB  . SER A 1 10  ? -2.80385  -1.03891  9.76877   1.000 63.33670  ? 10  SER A CB  1 
ATOM   71  O OG  . SER A 1 10  ? -1.98655  0.10569   9.58858   1.000 63.96974  ? 10  SER A OG  1 
ATOM   72  N N   . GLU A 1 11  ? -5.42629  0.29928   9.32713   1.000 68.80566  ? 11  GLU A N   1 
ATOM   73  C CA  . GLU A 1 11  ? -6.28854  1.48912   9.29359   1.000 65.80512  ? 11  GLU A CA  1 
ATOM   74  C C   . GLU A 1 11  ? -7.16546  1.50158   8.04089   1.000 60.97389  ? 11  GLU A C   1 
ATOM   75  O O   . GLU A 1 11  ? -7.31162  2.52568   7.36776   1.000 59.90040  ? 11  GLU A O   1 
ATOM   76  C CB  . GLU A 1 11  ? -5.45337  2.77159   9.40181   1.000 64.26874  ? 11  GLU A CB  1 
ATOM   77  C CG  . GLU A 1 11  ? -4.59379  2.84574   10.66241  1.000 69.48053  ? 11  GLU A CG  1 
ATOM   78  C CD  . GLU A 1 11  ? -3.46198  3.87350   10.57898  1.000 68.24190  ? 11  GLU A CD  1 
ATOM   79  O OE1 . GLU A 1 11  ? -3.70794  5.00650   10.11048  1.000 70.57485  ? 11  GLU A OE1 1 
ATOM   80  O OE2 . GLU A 1 11  ? -2.32157  3.54684   10.98677  1.000 73.42549  ? 11  GLU A OE2 1 
ATOM   81  N N   . ILE A 1 12  ? -7.75070  0.34401   7.72648   1.000 61.37084  ? 12  ILE A N   1 
ATOM   82  C CA  . ILE A 1 12  ? -8.49197  0.15669   6.48251   1.000 59.72869  ? 12  ILE A CA  1 
ATOM   83  C C   . ILE A 1 12  ? -9.91913  0.65286   6.66060   1.000 57.92859  ? 12  ILE A C   1 
ATOM   84  O O   . ILE A 1 12  ? -10.60144 0.29515   7.62580   1.000 58.13314  ? 12  ILE A O   1 
ATOM   85  C CB  . ILE A 1 12  ? -8.47693  -1.31772  6.05842   1.000 57.67725  ? 12  ILE A CB  1 
ATOM   86  C CG1 . ILE A 1 12  ? -7.04583  -1.78056  5.80746   1.000 58.05442  ? 12  ILE A CG1 1 
ATOM   87  C CG2 . ILE A 1 12  ? -9.31866  -1.52740  4.81613   1.000 54.17616  ? 12  ILE A CG2 1 
ATOM   88  C CD1 . ILE A 1 12  ? -6.75094  -3.15418  6.34229   1.000 57.21462  ? 12  ILE A CD1 1 
ATOM   89  N N   . THR A 1 13  ? -10.37886 1.46931   5.71904   1.000 58.32264  ? 13  THR A N   1 
ATOM   90  C CA  . THR A 1 13  ? -11.74250 1.97911   5.78669   1.000 57.26028  ? 13  THR A CA  1 
ATOM   91  C C   . THR A 1 13  ? -12.47657 1.72644   4.48101   1.000 54.79109  ? 13  THR A C   1 
ATOM   92  O O   . THR A 1 13  ? -12.06880 0.87824   3.67910   1.000 53.43497  ? 13  THR A O   1 
ATOM   93  C CB  . THR A 1 13  ? -11.76118 3.47014   6.12707   1.000 57.76894  ? 13  THR A CB  1 
ATOM   94  O OG1 . THR A 1 13  ? -10.80009 4.16466   5.32007   1.000 59.29687  ? 13  THR A OG1 1 
ATOM   95  C CG2 . THR A 1 13  ? -11.45452 3.67688   7.61220   1.000 62.99928  ? 13  THR A CG2 1 
ATOM   96  N N   . ALA A 1 14  ? -13.60179 2.41345   4.29839   1.000 54.21294  ? 14  ALA A N   1 
ATOM   97  C CA  . ALA A 1 14  ? -14.34959 2.26378   3.06145   1.000 53.82116  ? 14  ALA A CA  1 
ATOM   98  C C   . ALA A 1 14  ? -13.55924 2.77675   1.86530   1.000 54.12783  ? 14  ALA A C   1 
ATOM   99  O O   . ALA A 1 14  ? -13.71755 2.25994   0.75514   1.000 52.79155  ? 14  ALA A O   1 
ATOM   100 C CB  . ALA A 1 14  ? -15.68970 2.98550   3.17056   1.000 53.39425  ? 14  ALA A CB  1 
ATOM   101 N N   . THR A 1 15  ? -12.69393 3.77859   2.06248   1.000 54.77287  ? 15  THR A N   1 
ATOM   102 C CA  . THR A 1 15  ? -12.03511 4.38308   0.91031   1.000 55.77633  ? 15  THR A CA  1 
ATOM   103 C C   . THR A 1 15  ? -10.55184 4.67021   1.13249   1.000 56.79040  ? 15  THR A C   1 
ATOM   104 O O   . THR A 1 15  ? -9.95806  5.41494   0.34048   1.000 57.45902  ? 15  THR A O   1 
ATOM   105 C CB  . THR A 1 15  ? -12.73148 5.69586   0.49257   1.000 54.29686  ? 15  THR A CB  1 
ATOM   106 O OG1 . THR A 1 15  ? -12.97746 6.51385   1.64612   1.000 54.76061  ? 15  THR A OG1 1 
ATOM   107 C CG2 . THR A 1 15  ? -14.05166 5.41385   -0.22705  1.000 53.62933  ? 15  THR A CG2 1 
ATOM   108 N N   . SER A 1 16  ? -9.92545  4.09847   2.16132   1.000 60.04948  ? 16  SER A N   1 
ATOM   109 C CA  . SER A 1 16  ? -8.52497  4.40647   2.42859   1.000 59.04702  ? 16  SER A CA  1 
ATOM   110 C C   . SER A 1 16  ? -7.86621  3.24260   3.15742   1.000 57.55658  ? 16  SER A C   1 
ATOM   111 O O   . SER A 1 16  ? -8.53965  2.37927   3.72580   1.000 56.86935  ? 16  SER A O   1 
ATOM   112 C CB  . SER A 1 16  ? -8.39074  5.70440   3.23353   1.000 60.47028  ? 16  SER A CB  1 
ATOM   113 O OG  . SER A 1 16  ? -9.00219  5.57495   4.50560   1.000 76.29783  ? 16  SER A OG  1 
ATOM   114 N N   . ALA A 1 17  ? -6.53179  3.22943   3.11645   1.000 62.76061  ? 17  ALA A N   1 
ATOM   115 C CA  . ALA A 1 17  ? -5.73307  2.23177   3.81880   1.000 62.01354  ? 17  ALA A CA  1 
ATOM   116 C C   . ALA A 1 17  ? -4.33652  2.78809   4.06641   1.000 63.09304  ? 17  ALA A C   1 
ATOM   117 O O   . ALA A 1 17  ? -3.87773  3.70001   3.37222   1.000 62.40170  ? 17  ALA A O   1 
ATOM   118 C CB  . ALA A 1 17  ? -5.65238  0.91664   3.03601   1.000 59.09838  ? 17  ALA A CB  1 
ATOM   119 N N   . PHE A 1 18  ? -3.65700  2.21116   5.06378   1.000 63.49088  ? 18  PHE A N   1 
ATOM   120 C CA  . PHE A 1 18  ? -2.28590  2.58565   5.41096   1.000 64.18099  ? 18  PHE A CA  1 
ATOM   121 C C   . PHE A 1 18  ? -1.35604  1.42146   5.08461   1.000 60.17002  ? 18  PHE A C   1 
ATOM   122 O O   . PHE A 1 18  ? -1.44802  0.35181   5.70401   1.000 58.40878  ? 18  PHE A O   1 
ATOM   123 C CB  . PHE A 1 18  ? -2.16913  2.96947   6.88405   1.000 64.86327  ? 18  PHE A CB  1 
ATOM   124 C CG  . PHE A 1 18  ? -0.78668  3.41880   7.28554   1.000 62.27867  ? 18  PHE A CG  1 
ATOM   125 C CD1 . PHE A 1 18  ? 0.05792   2.56924   7.99924   1.000 61.91461  ? 18  PHE A CD1 1 
ATOM   126 C CD2 . PHE A 1 18  ? -0.33172  4.69356   6.94852   1.000 60.28642  ? 18  PHE A CD2 1 
ATOM   127 C CE1 . PHE A 1 18  ? 1.32730   2.98076   8.37099   1.000 59.74388  ? 18  PHE A CE1 1 
ATOM   128 C CE2 . PHE A 1 18  ? 0.93386   5.10916   7.31893   1.000 59.25235  ? 18  PHE A CE2 1 
ATOM   129 C CZ  . PHE A 1 18  ? 1.76630   4.25276   8.03099   1.000 59.29721  ? 18  PHE A CZ  1 
ATOM   130 N N   . ILE A 1 19  ? -0.46260  1.63955   4.11526   1.000 63.71645  ? 19  ILE A N   1 
ATOM   131 C CA  . ILE A 1 19  ? 0.51259   0.64731   3.68722   1.000 61.59262  ? 19  ILE A CA  1 
ATOM   132 C C   . ILE A 1 19  ? 1.90326   1.15425   4.03471   1.000 61.80846  ? 19  ILE A C   1 
ATOM   133 O O   . ILE A 1 19  ? 2.17764   2.35928   4.03722   1.000 62.32378  ? 19  ILE A O   1 
ATOM   134 C CB  . ILE A 1 19  ? 0.39406   0.33183   2.18471   1.000 59.18875  ? 19  ILE A CB  1 
ATOM   135 C CG1 . ILE A 1 19  ? 0.56280   1.60656   1.35798   1.000 60.39011  ? 19  ILE A CG1 1 
ATOM   136 C CG2 . ILE A 1 19  ? -0.95108  -0.27588  1.88186   1.000 58.20295  ? 19  ILE A CG2 1 
ATOM   137 C CD1 . ILE A 1 19  ? 0.32734   1.39337   -0.12123  1.000 57.91037  ? 19  ILE A CD1 1 
ATOM   138 N N   . SER A 1 20  ? 2.77918   0.21962   4.36787   1.000 58.95810  ? 20  SER A N   1 
ATOM   139 C CA  . SER A 1 20  ? 4.12044   0.57073   4.78419   1.000 58.99099  ? 20  SER A CA  1 
ATOM   140 C C   . SER A 1 20  ? 5.05831   -0.56529  4.42530   1.000 59.10530  ? 20  SER A C   1 
ATOM   141 O O   . SER A 1 20  ? 4.64130   -1.69840  4.17215   1.000 59.52634  ? 20  SER A O   1 
ATOM   142 C CB  . SER A 1 20  ? 4.19550   0.87464   6.28697   1.000 59.31647  ? 20  SER A CB  1 
ATOM   143 O OG  . SER A 1 20  ? 3.54938   -0.12136  7.05625   1.000 59.25801  ? 20  SER A OG  1 
ATOM   144 N N   . GLY A 1 21  ? 6.33924   -0.23020  4.38993   1.000 62.74541  ? 21  GLY A N   1 
ATOM   145 C CA  . GLY A 1 21  ? 7.38479   -1.19406  4.12876   1.000 63.41843  ? 21  GLY A CA  1 
ATOM   146 C C   . GLY A 1 21  ? 8.67639   -0.63662  4.67592   1.000 64.80696  ? 21  GLY A C   1 
ATOM   147 O O   . GLY A 1 21  ? 8.72907   0.48982   5.17646   1.000 65.14574  ? 21  GLY A O   1 
ATOM   148 N N   . THR A 1 22  ? 9.72262   -1.44678  4.58267   1.000 65.41241  ? 22  THR A N   1 
ATOM   149 C CA  . THR A 1 22  ? 11.02825  -1.05356  5.08750   1.000 69.24931  ? 22  THR A CA  1 
ATOM   150 C C   . THR A 1 22  ? 12.11577  -1.72634  4.26401   1.000 72.04706  ? 22  THR A C   1 
ATOM   151 O O   . THR A 1 22  ? 11.99798  -2.89938  3.89287   1.000 70.57598  ? 22  THR A O   1 
ATOM   152 C CB  . THR A 1 22  ? 11.18772  -1.39514  6.57980   1.000 70.15935  ? 22  THR A CB  1 
ATOM   153 O OG1 . THR A 1 22  ? 10.19590  -0.69400  7.34543   1.000 68.61200  ? 22  THR A OG1 1 
ATOM   154 C CG2 . THR A 1 22  ? 12.58255  -1.03085  7.07930   1.000 74.20164  ? 22  THR A CG2 1 
ATOM   155 N N   . VAL A 1 23  ? 13.15907  -0.96010  3.96240   1.000 76.56522  ? 23  VAL A N   1 
ATOM   156 C CA  . VAL A 1 23  ? 14.33596  -1.44607  3.25854   1.000 78.85256  ? 23  VAL A CA  1 
ATOM   157 C C   . VAL A 1 23  ? 15.47591  -1.42532  4.25822   1.000 82.64378  ? 23  VAL A C   1 
ATOM   158 O O   . VAL A 1 23  ? 15.74406  -0.38749  4.87124   1.000 86.49375  ? 23  VAL A O   1 
ATOM   159 C CB  . VAL A 1 23  ? 14.64221  -0.57959  2.02962   1.000 77.68962  ? 23  VAL A CB  1 
ATOM   160 C CG1 . VAL A 1 23  ? 15.90449  -1.03960  1.33401   1.000 80.13365  ? 23  VAL A CG1 1 
ATOM   161 C CG2 . VAL A 1 23  ? 13.47464  -0.59768  1.07054   1.000 73.54733  ? 23  VAL A CG2 1 
ATOM   162 N N   . THR A 1 24  ? 16.10550  -2.57527  4.47629   1.000 83.94378  ? 24  THR A N   1 
ATOM   163 C CA  . THR A 1 24  ? 17.04709  -2.73734  5.57833   1.000 88.13539  ? 24  THR A CA  1 
ATOM   164 C C   . THR A 1 24  ? 18.49580  -2.81793  5.11245   1.000 94.19936  ? 24  THR A C   1 
ATOM   165 O O   . THR A 1 24  ? 19.33440  -2.03856  5.57084   1.000 99.83744  ? 24  THR A O   1 
ATOM   166 C CB  . THR A 1 24  ? 16.66550  -3.97686  6.40500   1.000 92.83593  ? 24  THR A CB  1 
ATOM   167 O OG1 . THR A 1 24  ? 16.28832  -5.05146  5.53022   1.000 92.92597  ? 24  THR A OG1 1 
ATOM   168 C CG2 . THR A 1 24  ? 15.49996  -3.65133  7.31435   1.000 90.81578  ? 24  THR A CG2 1 
ATOM   169 N N   . LYS A 1 25  ? 18.81488  -3.73774  4.21078   1.000 94.83468  ? 25  LYS A N   1 
ATOM   170 C CA  . LYS A 1 25  ? 20.15861  -3.82852  3.64767   1.000 103.79325 ? 25  LYS A CA  1 
ATOM   171 C C   . LYS A 1 25  ? 20.10813  -3.59899  2.14387   1.000 97.72141  ? 25  LYS A C   1 
ATOM   172 O O   . LYS A 1 25  ? 19.22076  -4.11761  1.46972   1.000 94.95726  ? 25  LYS A O   1 
ATOM   173 C CB  . LYS A 1 25  ? 20.78891  -5.19240  3.95807   1.000 119.88345 ? 25  LYS A CB  1 
ATOM   174 C CG  . LYS A 1 25  ? 21.03135  -5.51358  5.44351   1.000 116.03034 ? 25  LYS A CG  1 
ATOM   175 C CD  . LYS A 1 25  ? 22.23987  -4.76425  6.04001   1.000 115.55565 ? 25  LYS A CD  1 
ATOM   176 C CE  . LYS A 1 25  ? 21.86771  -3.46750  6.74736   1.000 118.81750 ? 25  LYS A CE  1 
ATOM   177 N NZ  . LYS A 1 25  ? 23.04604  -2.83511  7.40598   1.000 116.22315 ? 25  LYS A NZ  1 
ATOM   178 N N   . GLY A 1 36  ? 22.34156  7.42521   -4.19825  1.000 98.16713  ? 36  GLY A N   1 
ATOM   179 C CA  . GLY A 1 36  ? 20.97024  7.79761   -4.49151  1.000 99.80627  ? 36  GLY A CA  1 
ATOM   180 C C   . GLY A 1 36  ? 20.18286  6.68291   -5.15324  1.000 103.53601 ? 36  GLY A C   1 
ATOM   181 O O   . GLY A 1 36  ? 20.34100  6.43353   -6.34724  1.000 99.88004  ? 36  GLY A O   1 
ATOM   182 N N   . CYS A 1 37  ? 19.33388  6.01155   -4.37155  1.000 111.46813 ? 37  CYS A N   1 
ATOM   183 C CA  . CYS A 1 37  ? 18.50482  4.90516   -4.83816  1.000 105.60060 ? 37  CYS A CA  1 
ATOM   184 C C   . CYS A 1 37  ? 17.03355  5.19910   -4.55714  1.000 95.49636  ? 37  CYS A C   1 
ATOM   185 O O   . CYS A 1 37  ? 16.68898  5.81939   -3.54475  1.000 95.14661  ? 37  CYS A O   1 
ATOM   186 C CB  . CYS A 1 37  ? 18.90884  3.56988   -4.16585  1.000 92.15326  ? 37  CYS A CB  1 
ATOM   187 S SG  . CYS A 1 37  ? 20.70410  3.17483   -4.17638  1.000 109.61645 ? 37  CYS A SG  1 
ATOM   188 N N   . ASN A 1 38  ? 16.16298  4.73409   -5.45183  1.000 81.37804  ? 38  ASN A N   1 
ATOM   189 C CA  . ASN A 1 38  ? 14.73512  5.02646   -5.38068  1.000 73.52378  ? 38  ASN A CA  1 
ATOM   190 C C   . ASN A 1 38  ? 13.97092  3.94288   -4.63394  1.000 70.69896  ? 38  ASN A C   1 
ATOM   191 O O   . ASN A 1 38  ? 14.20478  2.75004   -4.84537  1.000 70.47083  ? 38  ASN A O   1 
ATOM   192 C CB  . ASN A 1 38  ? 14.11761  5.14641   -6.77020  1.000 70.85141  ? 38  ASN A CB  1 
ATOM   193 C CG  . ASN A 1 38  ? 12.66476  5.56227   -6.71080  1.000 66.44934  ? 38  ASN A CG  1 
ATOM   194 O OD1 . ASN A 1 38  ? 12.28424  6.38423   -5.88089  1.000 64.19809  ? 38  ASN A OD1 1 
ATOM   195 N ND2 . ASN A 1 38  ? 11.83015  4.92403   -7.51695  1.000 64.88536  ? 38  ASN A ND2 1 
ATOM   196 N N   . ILE A 1 39  ? 13.01629  4.36319   -3.80384  1.000 71.40021  ? 39  ILE A N   1 
ATOM   197 C CA  . ILE A 1 39  ? 12.10646  3.44808   -3.12696  1.000 68.58768  ? 39  ILE A CA  1 
ATOM   198 C C   . ILE A 1 39  ? 10.68112  3.91095   -3.38676  1.000 66.60551  ? 39  ILE A C   1 
ATOM   199 O O   . ILE A 1 39  ? 10.38503  5.10596   -3.27130  1.000 64.76736  ? 39  ILE A O   1 
ATOM   200 C CB  . ILE A 1 39  ? 12.36879  3.37088   -1.61352  1.000 68.00156  ? 39  ILE A CB  1 
ATOM   201 C CG1 . ILE A 1 39  ? 13.85638  3.25237   -1.31888  1.000 68.30073  ? 39  ILE A CG1 1 
ATOM   202 C CG2 . ILE A 1 39  ? 11.66814  2.16604   -1.04376  1.000 66.28097  ? 39  ILE A CG2 1 
ATOM   203 C CD1 . ILE A 1 39  ? 14.16466  3.38868   0.13028   1.000 68.88516  ? 39  ILE A CD1 1 
ATOM   204 N N   . SER A 1 40  ? 9.79922   2.96302   -3.72696  1.000 60.68202  ? 40  SER A N   1 
ATOM   205 C CA  . SER A 1 40  ? 8.42206   3.26313   -4.09729  1.000 58.86978  ? 40  SER A CA  1 
ATOM   206 C C   . SER A 1 40  ? 7.47029   2.24384   -3.49541  1.000 57.34619  ? 40  SER A C   1 
ATOM   207 O O   . SER A 1 40  ? 7.76308   1.04818   -3.48472  1.000 57.96056  ? 40  SER A O   1 
ATOM   208 C CB  . SER A 1 40  ? 8.24701   3.26985   -5.61037  1.000 56.95079  ? 40  SER A CB  1 
ATOM   209 O OG  . SER A 1 40  ? 9.20348   4.12162   -6.19643  1.000 59.65431  ? 40  SER A OG  1 
ATOM   210 N N   . LEU A 1 41  ? 6.32557   2.72827   -3.00785  1.000 55.18860  ? 41  LEU A N   1 
ATOM   211 C CA  . LEU A 1 41  ? 5.18414   1.89089   -2.63922  1.000 54.52662  ? 41  LEU A CA  1 
ATOM   212 C C   . LEU A 1 41  ? 4.22764   1.85721   -3.82409  1.000 53.00187  ? 41  LEU A C   1 
ATOM   213 O O   . LEU A 1 41  ? 3.68397   2.89548   -4.21491  1.000 54.30516  ? 41  LEU A O   1 
ATOM   214 C CB  . LEU A 1 41  ? 4.46685   2.43242   -1.40322  1.000 53.84036  ? 41  LEU A CB  1 
ATOM   215 C CG  . LEU A 1 41  ? 4.99801   2.10519   -0.01574  1.000 55.09188  ? 41  LEU A CG  1 
ATOM   216 C CD1 . LEU A 1 41  ? 4.46268   3.10544   1.00311   1.000 57.10185  ? 41  LEU A CD1 1 
ATOM   217 C CD2 . LEU A 1 41  ? 4.59486   0.69710   0.34097   1.000 54.93095  ? 41  LEU A CD2 1 
ATOM   218 N N   . LEU A 1 42  ? 4.02329   0.67935   -4.40496  1.000 53.05760  ? 42  LEU A N   1 
ATOM   219 C CA  . LEU A 1 42  ? 3.16968   0.54451   -5.58337  1.000 52.97113  ? 42  LEU A CA  1 
ATOM   220 C C   . LEU A 1 42  ? 1.93387   -0.25649  -5.20365  1.000 51.61352  ? 42  LEU A C   1 
ATOM   221 O O   . LEU A 1 42  ? 2.05432   -1.39832  -4.74545  1.000 50.84277  ? 42  LEU A O   1 
ATOM   222 C CB  . LEU A 1 42  ? 3.90726   -0.13838  -6.73887  1.000 53.22765  ? 42  LEU A CB  1 
ATOM   223 C CG  . LEU A 1 42  ? 5.29057   0.35664   -7.16886  1.000 53.52346  ? 42  LEU A CG  1 
ATOM   224 C CD1 . LEU A 1 42  ? 5.61653   -0.17747  -8.55193  1.000 53.08307  ? 42  LEU A CD1 1 
ATOM   225 C CD2 . LEU A 1 42  ? 5.37245   1.86048   -7.11921  1.000 53.05995  ? 42  LEU A CD2 1 
ATOM   226 N N   . TYR A 1 43  ? 0.75441   0.32659   -5.41952  1.000 51.22693  ? 43  TYR A N   1 
ATOM   227 C CA  . TYR A 1 43  ? -0.51229  -0.31167  -5.08597  1.000 50.68146  ? 43  TYR A CA  1 
ATOM   228 C C   . TYR A 1 43  ? -1.43034  -0.32805  -6.30596  1.000 49.77965  ? 43  TYR A C   1 
ATOM   229 O O   . TYR A 1 43  ? -1.32318  0.51761   -7.19269  1.000 50.21949  ? 43  TYR A O   1 
ATOM   230 C CB  . TYR A 1 43  ? -1.18994  0.38920   -3.88234  1.000 50.21755  ? 43  TYR A CB  1 
ATOM   231 C CG  . TYR A 1 43  ? -1.81570  1.73961   -4.16492  1.000 51.59442  ? 43  TYR A CG  1 
ATOM   232 C CD1 . TYR A 1 43  ? -3.18253  1.86301   -4.32151  1.000 51.73369  ? 43  TYR A CD1 1 
ATOM   233 C CD2 . TYR A 1 43  ? -1.04730  2.90098   -4.22717  1.000 52.25907  ? 43  TYR A CD2 1 
ATOM   234 C CE1 . TYR A 1 43  ? -3.76984  3.09841   -4.57000  1.000 52.32782  ? 43  TYR A CE1 1 
ATOM   235 C CE2 . TYR A 1 43  ? -1.62982  4.14083   -4.47194  1.000 51.56790  ? 43  TYR A CE2 1 
ATOM   236 C CZ  . TYR A 1 43  ? -2.99119  4.22670   -4.64163  1.000 51.45621  ? 43  TYR A CZ  1 
ATOM   237 O OH  . TYR A 1 43  ? -3.59628  5.43962   -4.87440  1.000 51.77452  ? 43  TYR A OH  1 
ATOM   238 N N   . TRP A 1 44  ? -2.30773  -1.32622  -6.36572  1.000 49.84824  ? 44  TRP A N   1 
ATOM   239 C CA  . TRP A 1 44  ? -3.23971  -1.47753  -7.47525  1.000 49.57093  ? 44  TRP A CA  1 
ATOM   240 C C   . TRP A 1 44  ? -4.35945  -2.40260  -7.02668  1.000 49.87387  ? 44  TRP A C   1 
ATOM   241 O O   . TRP A 1 44  ? -4.19862  -3.17545  -6.07876  1.000 49.30614  ? 44  TRP A O   1 
ATOM   242 C CB  . TRP A 1 44  ? -2.54652  -2.04390  -8.71293  1.000 50.53430  ? 44  TRP A CB  1 
ATOM   243 C CG  . TRP A 1 44  ? -2.03950  -3.40455  -8.45359  1.000 50.78410  ? 44  TRP A CG  1 
ATOM   244 C CD1 . TRP A 1 44  ? -2.68979  -4.57402  -8.68341  1.000 51.88682  ? 44  TRP A CD1 1 
ATOM   245 C CD2 . TRP A 1 44  ? -0.78562  -3.75352  -7.86167  1.000 50.02104  ? 44  TRP A CD2 1 
ATOM   246 N NE1 . TRP A 1 44  ? -1.91112  -5.63832  -8.29738  1.000 50.95639  ? 44  TRP A NE1 1 
ATOM   247 C CE2 . TRP A 1 44  ? -0.73673  -5.15754  -7.78634  1.000 49.90006  ? 44  TRP A CE2 1 
ATOM   248 C CE3 . TRP A 1 44  ? 0.30467   -3.01547  -7.40075  1.000 50.02369  ? 44  TRP A CE3 1 
ATOM   249 C CZ2 . TRP A 1 44  ? 0.35409   -5.83793  -7.26627  1.000 50.85092  ? 44  TRP A CZ2 1 
ATOM   250 C CZ3 . TRP A 1 44  ? 1.38806   -3.68418  -6.89310  1.000 50.36217  ? 44  TRP A CZ3 1 
ATOM   251 C CH2 . TRP A 1 44  ? 1.40703   -5.08787  -6.82280  1.000 51.38341  ? 44  TRP A CH2 1 
ATOM   252 N N   . GLU A 1 45  ? -5.49436  -2.33645  -7.71409  1.000 50.75534  ? 45  GLU A N   1 
ATOM   253 C CA  . GLU A 1 45  ? -6.57035  -3.23329  -7.33570  1.000 51.24082  ? 45  GLU A CA  1 
ATOM   254 C C   . GLU A 1 45  ? -6.33865  -4.59663  -7.95896  1.000 52.93455  ? 45  GLU A C   1 
ATOM   255 O O   . GLU A 1 45  ? -5.73492  -4.71781  -9.02510  1.000 53.95005  ? 45  GLU A O   1 
ATOM   256 C CB  . GLU A 1 45  ? -7.93536  -2.66982  -7.72214  1.000 51.98521  ? 45  GLU A CB  1 
ATOM   257 C CG  . GLU A 1 45  ? -8.33543  -2.80806  -9.15977  1.000 54.48027  ? 45  GLU A CG  1 
ATOM   258 C CD  . GLU A 1 45  ? -9.53462  -1.93277  -9.48022  1.000 59.13063  ? 45  GLU A CD  1 
ATOM   259 O OE1 . GLU A 1 45  ? -9.33340  -0.70275  -9.61446  1.000 59.51518  ? 45  GLU A OE1 1 
ATOM   260 O OE2 . GLU A 1 45  ? -10.66711 -2.45624  -9.59791  1.000 63.89570  ? 45  GLU A OE2 1 
ATOM   261 N N   . ALA A 1 46  ? -6.81726  -5.63175  -7.26312  1.000 52.84217  ? 46  ALA A N   1 
ATOM   262 C CA  . ALA A 1 46  ? -6.44040  -6.99818  -7.61122  1.000 53.04807  ? 46  ALA A CA  1 
ATOM   263 C C   . ALA A 1 46  ? -6.79185  -7.32659  -9.05481  1.000 55.75244  ? 46  ALA A C   1 
ATOM   264 O O   . ALA A 1 46  ? -5.98170  -7.91541  -9.77850  1.000 55.57780  ? 46  ALA A O   1 
ATOM   265 C CB  . ALA A 1 46  ? -7.12037  -7.98468  -6.66330  1.000 50.59102  ? 46  ALA A CB  1 
ATOM   266 N N   . SER A 1 47  ? -7.99099  -6.93788  -9.49358  1.000 59.08520  ? 47  SER A N   1 
ATOM   267 C CA  . SER A 1 47  ? -8.44583  -7.23297  -10.84609 1.000 54.89303  ? 47  SER A CA  1 
ATOM   268 C C   . SER A 1 47  ? -7.72170  -6.41075  -11.91236 1.000 55.78189  ? 47  SER A C   1 
ATOM   269 O O   . SER A 1 47  ? -7.81543  -6.74253  -13.09860 1.000 61.43501  ? 47  SER A O   1 
ATOM   270 C CB  . SER A 1 47  ? -9.95312  -7.00090  -10.94162 1.000 59.24634  ? 47  SER A CB  1 
ATOM   271 O OG  . SER A 1 47  ? -10.27987 -5.67305  -10.57365 1.000 70.88164  ? 47  SER A OG  1 
ATOM   272 N N   . ASN A 1 48  ? -7.01517  -5.34317  -11.53784 1.000 55.80224  ? 48  ASN A N   1 
ATOM   273 C CA  . ASN A 1 48  ? -6.28272  -4.51759  -12.49658 1.000 55.51346  ? 48  ASN A CA  1 
ATOM   274 C C   . ASN A 1 48  ? -4.87723  -4.23845  -11.97443 1.000 54.93123  ? 48  ASN A C   1 
ATOM   275 O O   . ASN A 1 48  ? -4.60489  -3.15828  -11.43603 1.000 53.12388  ? 48  ASN A O   1 
ATOM   276 C CB  . ASN A 1 48  ? -7.02206  -3.21141  -12.78904 1.000 57.38993  ? 48  ASN A CB  1 
ATOM   277 C CG  . ASN A 1 48  ? -6.64057  -2.62329  -14.13321 1.000 56.39172  ? 48  ASN A CG  1 
ATOM   278 O OD1 . ASN A 1 48  ? -5.59040  -2.96020  -14.69182 1.000 56.45641  ? 48  ASN A OD1 1 
ATOM   279 N ND2 . ASN A 1 48  ? -7.48629  -1.74108  -14.66123 1.000 56.22608  ? 48  ASN A ND2 1 
ATOM   280 N N   . PRO A 1 49  ? -3.95820  -5.19944  -12.13386 1.000 56.64858  ? 49  PRO A N   1 
ATOM   281 C CA  . PRO A 1 49  ? -2.54282  -4.92084  -11.82745 1.000 56.27338  ? 49  PRO A CA  1 
ATOM   282 C C   . PRO A 1 49  ? -1.85590  -4.05700  -12.86835 1.000 57.25671  ? 49  PRO A C   1 
ATOM   283 O O   . PRO A 1 49  ? -0.72222  -3.61712  -12.62682 1.000 57.19097  ? 49  PRO A O   1 
ATOM   284 C CB  . PRO A 1 49  ? -1.91245  -6.31787  -11.76507 1.000 55.55310  ? 49  PRO A CB  1 
ATOM   285 C CG  . PRO A 1 49  ? -2.80002  -7.19494  -12.56979 1.000 55.38474  ? 49  PRO A CG  1 
ATOM   286 C CD  . PRO A 1 49  ? -4.17012  -6.55684  -12.65872 1.000 56.49718  ? 49  PRO A CD  1 
ATOM   287 N N   . MET A 1 50  ? -2.48857  -3.82511  -14.02539 1.000 56.31456  ? 50  MET A N   1 
ATOM   288 C CA  . MET A 1 50  ? -1.95991  -2.84487  -14.96812 1.000 57.52324  ? 50  MET A CA  1 
ATOM   289 C C   . MET A 1 50  ? -2.18515  -1.42797  -14.46622 1.000 57.00286  ? 50  MET A C   1 
ATOM   290 O O   . MET A 1 50  ? -1.27930  -0.58910  -14.52560 1.000 57.26317  ? 50  MET A O   1 
ATOM   291 C CB  . MET A 1 50  ? -2.59963  -3.02530  -16.34916 1.000 60.33271  ? 50  MET A CB  1 
ATOM   292 C CG  . MET A 1 50  ? -2.01089  -4.15932  -17.15835 1.000 62.83465  ? 50  MET A CG  1 
ATOM   293 S SD  . MET A 1 50  ? -0.38997  -3.67463  -17.78409 1.000 74.16246  ? 50  MET A SD  1 
ATOM   294 C CE  . MET A 1 50  ? 0.67105   -4.58242  -16.65759 1.000 64.00321  ? 50  MET A CE  1 
ATOM   295 N N   . HIS A 1 51  ? -3.38611  -1.15215  -13.95961 1.000 57.21013  ? 51  HIS A N   1 
ATOM   296 C CA  . HIS A 1 51  ? -3.74122  0.16834   -13.45365 1.000 57.24232  ? 51  HIS A CA  1 
ATOM   297 C C   . HIS A 1 51  ? -3.10421  0.31954   -12.07602 1.000 55.42677  ? 51  HIS A C   1 
ATOM   298 O O   . HIS A 1 51  ? -3.74955  0.21091   -11.03039 1.000 54.24342  ? 51  HIS A O   1 
ATOM   299 C CB  . HIS A 1 51  ? -5.25442  0.33649   -13.43050 1.000 57.42543  ? 51  HIS A CB  1 
ATOM   300 C CG  . HIS A 1 51  ? -5.71079  1.71991   -13.10048 1.000 56.89585  ? 51  HIS A CG  1 
ATOM   301 N ND1 . HIS A 1 51  ? -7.03146  2.10319   -13.18642 1.000 57.22427  ? 51  HIS A ND1 1 
ATOM   302 C CD2 . HIS A 1 51  ? -5.03266  2.79985   -12.64586 1.000 56.58707  ? 51  HIS A CD2 1 
ATOM   303 C CE1 . HIS A 1 51  ? -7.14431  3.36812   -12.82018 1.000 59.33924  ? 51  HIS A CE1 1 
ATOM   304 N NE2 . HIS A 1 51  ? -5.94592  3.81390   -12.48623 1.000 56.95449  ? 51  HIS A NE2 1 
ATOM   305 N N   . VAL A 1 52  ? -1.80146  0.58801   -12.09679 1.000 54.82980  ? 52  VAL A N   1 
ATOM   306 C CA  . VAL A 1 52  ? -0.96812  0.61088   -10.90355 1.000 54.30221  ? 52  VAL A CA  1 
ATOM   307 C C   . VAL A 1 52  ? -0.63539  2.05838   -10.54291 1.000 53.50740  ? 52  VAL A C   1 
ATOM   308 O O   . VAL A 1 52  ? -0.15241  2.82458   -11.38167 1.000 53.87458  ? 52  VAL A O   1 
ATOM   309 C CB  . VAL A 1 52  ? 0.30137   -0.23740  -11.11722 1.000 54.57089  ? 52  VAL A CB  1 
ATOM   310 C CG1 . VAL A 1 52  ? 1.13652   0.30734   -12.25613 1.000 56.57961  ? 52  VAL A CG1 1 
ATOM   311 C CG2 . VAL A 1 52  ? 1.14134   -0.28842  -9.85871  1.000 52.95385  ? 52  VAL A CG2 1 
ATOM   312 N N   . LYS A 1 53  ? -0.90538  2.43510   -9.29719  1.000 52.72442  ? 53  LYS A N   1 
ATOM   313 C CA  . LYS A 1 53  ? -0.63218  3.77145   -8.78580  1.000 52.61669  ? 53  LYS A CA  1 
ATOM   314 C C   . LYS A 1 53  ? 0.55578   3.72387   -7.82165  1.000 52.42684  ? 53  LYS A C   1 
ATOM   315 O O   . LYS A 1 53  ? 1.06023   2.65488   -7.47367  1.000 52.48720  ? 53  LYS A O   1 
ATOM   316 C CB  . LYS A 1 53  ? -1.89066  4.36215   -8.12003  1.000 52.33797  ? 53  LYS A CB  1 
ATOM   317 C CG  . LYS A 1 53  ? -3.14418  4.38185   -9.02569  1.000 53.38254  ? 53  LYS A CG  1 
ATOM   318 C CD  . LYS A 1 53  ? -4.24842  5.32484   -8.49015  1.000 54.62186  ? 53  LYS A CD  1 
ATOM   319 C CE  . LYS A 1 53  ? -5.03488  5.98876   -9.63855  1.000 58.50595  ? 53  LYS A CE  1 
ATOM   320 N NZ  . LYS A 1 53  ? -5.69723  7.29716   -9.29151  1.000 59.52599  ? 53  LYS A NZ  1 
ATOM   321 N N   . VAL A 1 54  ? 1.04074   4.89652   -7.40962  1.000 51.56496  ? 54  VAL A N   1 
ATOM   322 C CA  . VAL A 1 54  ? 2.20008   4.98975   -6.51769  1.000 51.88827  ? 54  VAL A CA  1 
ATOM   323 C C   . VAL A 1 54  ? 1.78459   5.67103   -5.22364  1.000 52.18257  ? 54  VAL A C   1 
ATOM   324 O O   . VAL A 1 54  ? 1.44992   6.86377   -5.22427  1.000 52.13257  ? 54  VAL A O   1 
ATOM   325 C CB  . VAL A 1 54  ? 3.37474   5.75074   -7.15272  1.000 50.81993  ? 54  VAL A CB  1 
ATOM   326 C CG1 . VAL A 1 54  ? 4.50466   5.86016   -6.14725  1.000 51.66956  ? 54  VAL A CG1 1 
ATOM   327 C CG2 . VAL A 1 54  ? 3.86588   5.03299   -8.38002  1.000 50.96201  ? 54  VAL A CG2 1 
ATOM   328 N N   . ALA A 1 55  ? 1.86207   4.92633   -4.11817  1.000 52.52953  ? 55  ALA A N   1 
ATOM   329 C CA  . ALA A 1 55  ? 1.57775   5.48644   -2.79940  1.000 52.76196  ? 55  ALA A CA  1 
ATOM   330 C C   . ALA A 1 55  ? 2.64244   6.49116   -2.38085  1.000 52.27911  ? 55  ALA A C   1 
ATOM   331 O O   . ALA A 1 55  ? 2.32715   7.55797   -1.84399  1.000 53.10071  ? 55  ALA A O   1 
ATOM   332 C CB  . ALA A 1 55  ? 1.48534   4.36626   -1.76689  1.000 52.80927  ? 55  ALA A CB  1 
ATOM   333 N N   . SER A 1 56  ? 3.91117   6.16260   -2.59557  1.000 53.57613  ? 56  SER A N   1 
ATOM   334 C CA  . SER A 1 56  ? 4.98139   7.05736   -2.19112  1.000 54.73580  ? 56  SER A CA  1 
ATOM   335 C C   . SER A 1 56  ? 6.20382   6.78780   -3.05267  1.000 55.65269  ? 56  SER A C   1 
ATOM   336 O O   . SER A 1 56  ? 6.40860   5.66869   -3.53472  1.000 56.06338  ? 56  SER A O   1 
ATOM   337 C CB  . SER A 1 56  ? 5.32341   6.89450   -0.70341  1.000 55.33791  ? 56  SER A CB  1 
ATOM   338 O OG  . SER A 1 56  ? 6.61193   7.40991   -0.40947  1.000 56.15031  ? 56  SER A OG  1 
ATOM   339 N N   . SER A 1 57  ? 7.00410   7.83650   -3.25419  1.000 57.77299  ? 57  SER A N   1 
ATOM   340 C CA  . SER A 1 57  ? 8.27455   7.73972   -3.96000  1.000 59.05345  ? 57  SER A CA  1 
ATOM   341 C C   . SER A 1 57  ? 9.30150   8.55380   -3.19762  1.000 60.08352  ? 57  SER A C   1 
ATOM   342 O O   . SER A 1 57  ? 9.12566   9.76049   -3.00231  1.000 59.62716  ? 57  SER A O   1 
ATOM   343 C CB  . SER A 1 57  ? 8.16249   8.23063   -5.40281  1.000 57.46777  ? 57  SER A CB  1 
ATOM   344 O OG  . SER A 1 57  ? 9.30560   7.85677   -6.15347  1.000 58.17081  ? 57  SER A OG  1 
ATOM   345 N N   . ILE A 1 58  ? 10.35860  7.88550   -2.75568  1.000 61.94162  ? 58  ILE A N   1 
ATOM   346 C CA  . ILE A 1 58  ? 11.41443  8.50753   -1.97625  1.000 63.56134  ? 58  ILE A CA  1 
ATOM   347 C C   . ILE A 1 58  ? 12.76115  8.08667   -2.54759  1.000 66.98417  ? 58  ILE A C   1 
ATOM   348 O O   . ILE A 1 58  ? 12.93205  6.96654   -3.03804  1.000 68.17356  ? 58  ILE A O   1 
ATOM   349 C CB  . ILE A 1 58  ? 11.29361  8.14372   -0.47662  1.000 64.82905  ? 58  ILE A CB  1 
ATOM   350 C CG1 . ILE A 1 58  ? 11.33009  6.63438   -0.27619  1.000 62.85670  ? 58  ILE A CG1 1 
ATOM   351 C CG2 . ILE A 1 58  ? 9.98751   8.68183   0.09389   1.000 70.09121  ? 58  ILE A CG2 1 
ATOM   352 C CD1 . ILE A 1 58  ? 11.45102  6.21616   1.16331   1.000 65.20410  ? 58  ILE A CD1 1 
ATOM   353 N N   . SER A 1 59  ? 13.71845  9.00786   -2.49648  1.000 67.84015  ? 59  SER A N   1 
ATOM   354 C CA  . SER A 1 59  ? 15.09988  8.75277   -2.89907  1.000 74.27970  ? 59  SER A CA  1 
ATOM   355 C C   . SER A 1 59  ? 15.97831  8.87980   -1.65362  1.000 80.51951  ? 59  SER A C   1 
ATOM   356 O O   . SER A 1 59  ? 16.53422  9.94990   -1.38957  1.000 90.12064  ? 59  SER A O   1 
ATOM   357 C CB  . SER A 1 59  ? 15.54850  9.71274   -4.02254  1.000 68.80983  ? 59  SER A CB  1 
ATOM   358 O OG  . SER A 1 59  ? 16.05951  10.92058  -3.51459  1.000 71.17195  ? 59  SER A OG  1 
ATOM   359 N N   . LYS A 1 60  ? 16.11542  7.78396   -0.89999  1.000 85.46030  ? 60  LYS A N   1 
ATOM   360 C CA  . LYS A 1 60  ? 17.07469  7.69221   0.19498   1.000 93.59785  ? 60  LYS A CA  1 
ATOM   361 C C   . LYS A 1 60  ? 18.34951  6.98940   -0.25496  1.000 98.80548  ? 60  LYS A C   1 
ATOM   362 O O   . LYS A 1 60  ? 18.30551  5.92970   -0.89985  1.000 98.96137  ? 60  LYS A O   1 
ATOM   363 C CB  . LYS A 1 60  ? 16.49537  6.98679   1.42951   1.000 93.13709  ? 60  LYS A CB  1 
ATOM   364 C CG  . LYS A 1 60  ? 15.49231  7.78731   2.24043   1.000 90.02811  ? 60  LYS A CG  1 
ATOM   365 C CD  . LYS A 1 60  ? 15.10656  7.00633   3.49502   1.000 84.87375  ? 60  LYS A CD  1 
ATOM   366 C CE  . LYS A 1 60  ? 14.04536  7.76760   4.29844   1.000 83.92372  ? 60  LYS A CE  1 
ATOM   367 N NZ  . LYS A 1 60  ? 14.57611  9.07706   4.83127   1.000 83.27979  ? 60  LYS A NZ  1 
ATOM   368 N N   . LYS A 1 61  ? 19.47754  7.61141   0.07109   1.000 102.77615 ? 61  LYS A N   1 
ATOM   369 C CA  . LYS A 1 61  ? 20.79468  6.99999   0.03261   1.000 105.29411 ? 61  LYS A CA  1 
ATOM   370 C C   . LYS A 1 61  ? 21.17550  6.43590   1.39383   1.000 110.37643 ? 61  LYS A C   1 
ATOM   371 O O   . LYS A 1 61  ? 22.30055  5.95811   1.57678   1.000 111.21425 ? 61  LYS A O   1 
ATOM   372 C CB  . LYS A 1 61  ? 21.83145  8.03610   -0.42367  1.000 110.77074 ? 61  LYS A CB  1 
ATOM   373 C CG  . LYS A 1 61  ? 21.72035  9.31963   0.37535   1.000 112.62467 ? 61  LYS A CG  1 
ATOM   374 C CD  . LYS A 1 61  ? 22.35836  10.50789  -0.27442  1.000 117.89547 ? 61  LYS A CD  1 
ATOM   375 C CE  . LYS A 1 61  ? 21.97927  11.72724  0.53340   1.000 118.50537 ? 61  LYS A CE  1 
ATOM   376 N NZ  . LYS A 1 61  ? 20.48417  11.84144  0.58661   1.000 111.40935 ? 61  LYS A NZ  1 
ATOM   377 N N   . ASP A 1 62  ? 20.25278  6.49925   2.34809   1.000 118.20538 ? 62  ASP A N   1 
ATOM   378 C CA  . ASP A 1 62  ? 20.49207  6.22986   3.76111   1.000 110.06541 ? 62  ASP A CA  1 
ATOM   379 C C   . ASP A 1 62  ? 19.75576  4.94205   4.11776   1.000 107.11413 ? 62  ASP A C   1 
ATOM   380 O O   . ASP A 1 62  ? 18.52198  4.93329   4.19477   1.000 115.76632 ? 62  ASP A O   1 
ATOM   381 C CB  . ASP A 1 62  ? 19.97211  7.39601   4.60279   1.000 110.97878 ? 62  ASP A CB  1 
ATOM   382 C CG  . ASP A 1 62  ? 20.34475  8.75370   4.02455   1.000 112.47978 ? 62  ASP A CG  1 
ATOM   383 O OD1 . ASP A 1 62  ? 21.49906  8.92440   3.58126   1.000 126.09912 ? 62  ASP A OD1 1 
ATOM   384 O OD2 . ASP A 1 62  ? 19.44364  9.61748   3.92634   1.000 108.07447 ? 62  ASP A OD2 1 
ATOM   385 N N   . PHE A 1 63  ? 20.50216  3.85102   4.32977   1.000 106.19928 ? 63  PHE A N   1 
ATOM   386 C CA  . PHE A 1 63  ? 19.82081  2.61668   4.71386   1.000 102.88039 ? 63  PHE A CA  1 
ATOM   387 C C   . PHE A 1 63  ? 20.08580  2.28442   6.18245   1.000 102.52322 ? 63  PHE A C   1 
ATOM   388 O O   . PHE A 1 63  ? 21.19593  2.52248   6.67750   1.000 108.64429 ? 63  PHE A O   1 
ATOM   389 C CB  . PHE A 1 63  ? 20.25858  1.43259   3.83623   1.000 100.91385 ? 63  PHE A CB  1 
ATOM   390 C CG  . PHE A 1 63  ? 19.73110  1.48677   2.42219   1.000 101.08687 ? 63  PHE A CG  1 
ATOM   391 C CD1 . PHE A 1 63  ? 20.13239  0.54864   1.48200   1.000 100.48491 ? 63  PHE A CD1 1 
ATOM   392 C CD2 . PHE A 1 63  ? 18.82450  2.46327   2.03659   1.000 100.72634 ? 63  PHE A CD2 1 
ATOM   393 C CE1 . PHE A 1 63  ? 19.64883  0.59270   0.17765   1.000 97.76323  ? 63  PHE A CE1 1 
ATOM   394 C CE2 . PHE A 1 63  ? 18.33818  2.51212   0.73716   1.000 97.93100  ? 63  PHE A CE2 1 
ATOM   395 C CZ  . PHE A 1 63  ? 18.75098  1.57648   -0.19241  1.000 96.05336  ? 63  PHE A CZ  1 
ATOM   396 N N   . PRO A 1 64  ? 19.09712  1.71974   6.91164   1.000 99.25505  ? 64  PRO A N   1 
ATOM   397 C CA  . PRO A 1 64  ? 17.75649  1.28362   6.48119   1.000 96.03038  ? 64  PRO A CA  1 
ATOM   398 C C   . PRO A 1 64  ? 16.76232  2.42066   6.24870   1.000 94.84693  ? 64  PRO A C   1 
ATOM   399 O O   . PRO A 1 64  ? 16.97606  3.52524   6.74789   1.000 109.10661 ? 64  PRO A O   1 
ATOM   400 C CB  . PRO A 1 64  ? 17.28691  0.40570   7.64498   1.000 94.15704  ? 64  PRO A CB  1 
ATOM   401 C CG  . PRO A 1 64  ? 17.95815  0.98855   8.82344   1.000 97.80900  ? 64  PRO A CG  1 
ATOM   402 C CD  . PRO A 1 64  ? 19.31887  1.43803   8.34269   1.000 101.84953 ? 64  PRO A CD  1 
ATOM   403 N N   . ALA A 1 65  ? 15.68499  2.14429   5.50922   1.000 92.34896  ? 65  ALA A N   1 
ATOM   404 C CA  . ALA A 1 65  ? 14.76886  3.17665   5.04278   1.000 84.55340  ? 65  ALA A CA  1 
ATOM   405 C C   . ALA A 1 65  ? 13.32180  2.76544   5.25935   1.000 78.87459  ? 65  ALA A C   1 
ATOM   406 O O   . ALA A 1 65  ? 12.92114  1.65087   4.91068   1.000 75.53682  ? 65  ALA A O   1 
ATOM   407 C CB  . ALA A 1 65  ? 14.98246  3.47236   3.56670   1.000 84.57367  ? 65  ALA A CB  1 
ATOM   408 N N   . ASP A 1 66  ? 12.53318  3.69148   5.79673   1.000 73.19743  ? 66  ASP A N   1 
ATOM   409 C CA  . ASP A 1 66  ? 11.11311  3.48877   6.04389   1.000 69.07972  ? 66  ASP A CA  1 
ATOM   410 C C   . ASP A 1 66  ? 10.31037  4.30005   5.03807   1.000 67.13871  ? 66  ASP A C   1 
ATOM   411 O O   . ASP A 1 66  ? 10.55965  5.49843   4.85816   1.000 71.29853  ? 66  ASP A O   1 
ATOM   412 C CB  . ASP A 1 66  ? 10.74227  3.90132   7.46870   1.000 70.81652  ? 66  ASP A CB  1 
ATOM   413 C CG  . ASP A 1 66  ? 10.98043  2.79141   8.47332   1.000 72.14276  ? 66  ASP A CG  1 
ATOM   414 O OD1 . ASP A 1 66  ? 11.38437  1.68368   8.05238   1.000 71.47234  ? 66  ASP A OD1 1 
ATOM   415 O OD2 . ASP A 1 66  ? 10.77168  3.02561   9.68463   1.000 74.28790  ? 66  ASP A OD2 1 
ATOM   416 N N   . ILE A 1 67  ? 9.36970   3.63815   4.37277   1.000 67.00351  ? 67  ILE A N   1 
ATOM   417 C CA  . ILE A 1 67  ? 8.43566   4.27548   3.45678   1.000 64.71703  ? 67  ILE A CA  1 
ATOM   418 C C   . ILE A 1 67  ? 7.02337   3.96204   3.93671   1.000 64.04357  ? 67  ILE A C   1 
ATOM   419 O O   . ILE A 1 67  ? 6.71334   2.81677   4.29153   1.000 63.52414  ? 67  ILE A O   1 
ATOM   420 C CB  . ILE A 1 67  ? 8.65730   3.82396   1.99955   1.000 62.93583  ? 67  ILE A CB  1 
ATOM   421 C CG1 . ILE A 1 67  ? 7.77901   4.64061   1.04181   1.000 62.14340  ? 67  ILE A CG1 1 
ATOM   422 C CG2 . ILE A 1 67  ? 8.41528   2.33311   1.83396   1.000 61.99636  ? 67  ILE A CG2 1 
ATOM   423 C CD1 . ILE A 1 67  ? 8.30291   4.70326   -0.38337  1.000 60.20857  ? 67  ILE A CD1 1 
ATOM   424 N N   . SER A 1 68  ? 6.18996   4.99509   3.99534   1.000 63.74861  ? 68  SER A N   1 
ATOM   425 C CA  . SER A 1 68  ? 4.83526   4.89892   4.50712   1.000 60.56410  ? 68  SER A CA  1 
ATOM   426 C C   . SER A 1 68  ? 3.95548   5.79055   3.65578   1.000 61.10672  ? 68  SER A C   1 
ATOM   427 O O   . SER A 1 68  ? 4.41243   6.80747   3.12972   1.000 67.77029  ? 68  SER A O   1 
ATOM   428 C CB  . SER A 1 68  ? 4.75255   5.35635   5.96927   1.000 60.90334  ? 68  SER A CB  1 
ATOM   429 O OG  . SER A 1 68  ? 5.79862   4.79070   6.73224   1.000 62.03914  ? 68  SER A OG  1 
ATOM   430 N N   . ALA A 1 69  ? 2.68933   5.41506   3.53311   1.000 60.46071  ? 69  ALA A N   1 
ATOM   431 C CA  . ALA A 1 69  ? 1.73940   6.27734   2.84599   1.000 60.39381  ? 69  ALA A CA  1 
ATOM   432 C C   . ALA A 1 69  ? 0.32227   5.84194   3.15693   1.000 59.85116  ? 69  ALA A C   1 
ATOM   433 O O   . ALA A 1 69  ? 0.01739   4.64928   3.08007   1.000 59.93297  ? 69  ALA A O   1 
ATOM   434 C CB  . ALA A 1 69  ? 1.97152   6.25583   1.33460   1.000 58.54873  ? 69  ALA A CB  1 
ATOM   435 N N   . THR A 1 70  ? -0.54643  6.78902   3.51304   1.000 61.32706  ? 70  THR A N   1 
ATOM   436 C CA  . THR A 1 70  ? -1.95475  6.47886   3.76610   1.000 62.23300  ? 70  THR A CA  1 
ATOM   437 C C   . THR A 1 70  ? -2.74133  6.71469   2.48219   1.000 63.23855  ? 70  THR A C   1 
ATOM   438 O O   . THR A 1 70  ? -3.20227  7.81196   2.20073   1.000 66.07247  ? 70  THR A O   1 
ATOM   439 C CB  . THR A 1 70  ? -2.49026  7.28072   4.95178   1.000 65.03470  ? 70  THR A CB  1 
ATOM   440 O OG1 . THR A 1 70  ? -3.87220  6.95556   5.16819   1.000 66.58433  ? 70  THR A OG1 1 
ATOM   441 C CG2 . THR A 1 70  ? -2.27433  8.80480   4.79854   1.000 67.64367  ? 70  THR A CG2 1 
ATOM   442 N N   . ILE A 1 71  ? -2.89922  5.66211   1.67991   1.000 61.36221  ? 71  ILE A N   1 
ATOM   443 C CA  . ILE A 1 71  ? -3.49081  5.82660   0.35443   1.000 62.65620  ? 71  ILE A CA  1 
ATOM   444 C C   . ILE A 1 71  ? -4.97745  6.12259   0.48142   1.000 65.95468  ? 71  ILE A C   1 
ATOM   445 O O   . ILE A 1 71  ? -5.71704  5.41498   1.17590   1.000 66.03856  ? 71  ILE A O   1 
ATOM   446 C CB  . ILE A 1 71  ? -3.22953  4.59400   -0.53223  1.000 60.12568  ? 71  ILE A CB  1 
ATOM   447 C CG1 . ILE A 1 71  ? -3.53342  3.28189   0.19222   1.000 58.15666  ? 71  ILE A CG1 1 
ATOM   448 C CG2 . ILE A 1 71  ? -1.81251  4.58509   -1.04387  1.000 58.31936  ? 71  ILE A CG2 1 
ATOM   449 C CD1 . ILE A 1 71  ? -3.23019  2.03642   -0.65614  1.000 55.80777  ? 71  ILE A CD1 1 
ATOM   450 N N   . LYS A 1 72  ? -5.42223  7.17188   -0.19438  1.000 57.46241  ? 72  LYS A N   1 
ATOM   451 C CA  . LYS A 1 72  ? -6.80361  7.60963   -0.13407  1.000 57.12071  ? 72  LYS A CA  1 
ATOM   452 C C   . LYS A 1 72  ? -7.51883  7.29430   -1.44916  1.000 56.00421  ? 72  LYS A C   1 
ATOM   453 O O   . LYS A 1 72  ? -6.93411  6.75559   -2.39860  1.000 54.50211  ? 72  LYS A O   1 
ATOM   454 C CB  . LYS A 1 72  ? -6.85084  9.10405   0.17331   1.000 57.64476  ? 72  LYS A CB  1 
ATOM   455 C CG  . LYS A 1 72  ? -6.24370  9.50184   1.52502   1.000 58.90583  ? 72  LYS A CG  1 
ATOM   456 C CD  . LYS A 1 72  ? -6.38498  11.02615  1.70235   1.000 61.48997  ? 72  LYS A CD  1 
ATOM   457 C CE  . LYS A 1 72  ? -5.81405  11.56171  3.00850   1.000 62.29292  ? 72  LYS A CE  1 
ATOM   458 N NZ  . LYS A 1 72  ? -6.08382  13.03635  3.12811   1.000 61.90052  ? 72  LYS A NZ  1 
ATOM   459 N N   . ASP A 1 73  ? -8.80335  7.65206   -1.48505  1.000 56.85299  ? 73  ASP A N   1 
ATOM   460 C CA  . ASP A 1 73  ? -9.62605  7.58368   -2.68817  1.000 56.88145  ? 73  ASP A CA  1 
ATOM   461 C C   . ASP A 1 73  ? -9.57757  6.19216   -3.30517  1.000 55.61353  ? 73  ASP A C   1 
ATOM   462 O O   . ASP A 1 73  ? -9.24811  6.01624   -4.48043  1.000 55.96391  ? 73  ASP A O   1 
ATOM   463 C CB  . ASP A 1 73  ? -9.20919  8.65282   -3.70513  1.000 58.42594  ? 73  ASP A CB  1 
ATOM   464 C CG  . ASP A 1 73  ? -10.38257 9.15642   -4.52920  1.000 63.04790  ? 73  ASP A CG  1 
ATOM   465 O OD1 . ASP A 1 73  ? -11.32121 8.35213   -4.77732  1.000 64.65415  ? 73  ASP A OD1 1 
ATOM   466 O OD2 . ASP A 1 73  ? -10.37915 10.34451  -4.92927  1.000 74.79032  ? 73  ASP A OD2 1 
ATOM   467 N N   . LEU A 1 74  ? -9.90301  5.19009   -2.49382  1.000 56.73250  ? 74  LEU A N   1 
ATOM   468 C CA  . LEU A 1 74  ? -9.95223  3.81264   -2.95751  1.000 54.51528  ? 74  LEU A CA  1 
ATOM   469 C C   . LEU A 1 74  ? -11.39648 3.39635   -3.22144  1.000 54.07454  ? 74  LEU A C   1 
ATOM   470 O O   . LEU A 1 74  ? -12.35058 4.01940   -2.74554  1.000 54.83216  ? 74  LEU A O   1 
ATOM   471 C CB  . LEU A 1 74  ? -9.30438  2.87467   -1.94418  1.000 53.70053  ? 74  LEU A CB  1 
ATOM   472 C CG  . LEU A 1 74  ? -7.79772  3.01995   -1.71604  1.000 54.40873  ? 74  LEU A CG  1 
ATOM   473 C CD1 . LEU A 1 74  ? -7.34284  2.06684   -0.59956  1.000 55.46261  ? 74  LEU A CD1 1 
ATOM   474 C CD2 . LEU A 1 74  ? -6.99057  2.79691   -2.99129  1.000 52.56000  ? 74  LEU A CD2 1 
ATOM   475 N N   . LYS A 1 75  ? -11.54869 2.36376   -4.02160  1.000 51.97468  ? 75  LYS A N   1 
ATOM   476 C CA  . LYS A 1 75  ? -12.88607 1.87790   -4.33103  1.000 51.69648  ? 75  LYS A CA  1 
ATOM   477 C C   . LYS A 1 75  ? -13.42786 1.04268   -3.16643  1.000 51.03464  ? 75  LYS A C   1 
ATOM   478 O O   . LYS A 1 75  ? -12.75590 0.10710   -2.71744  1.000 49.99784  ? 75  LYS A O   1 
ATOM   479 C CB  . LYS A 1 75  ? -12.85967 1.05438   -5.61820  1.000 52.38034  ? 75  LYS A CB  1 
ATOM   480 C CG  . LYS A 1 75  ? -12.22049 1.76089   -6.78339  1.000 53.83340  ? 75  LYS A CG  1 
ATOM   481 C CD  . LYS A 1 75  ? -12.56273 1.08726   -8.10657  1.000 58.18171  ? 75  LYS A CD  1 
ATOM   482 C CE  . LYS A 1 75  ? -11.84554 1.77039   -9.28679  1.000 68.92162  ? 75  LYS A CE  1 
ATOM   483 N NZ  . LYS A 1 75  ? -12.17127 3.23843   -9.44095  1.000 77.72837  ? 75  LYS A NZ  1 
ATOM   484 N N   . PRO A 1 76  ? -14.62766 1.34342   -2.65199  1.000 51.37778  ? 76  PRO A N   1 
ATOM   485 C CA  . PRO A 1 76  ? -15.17303 0.54183   -1.54911  1.000 48.94106  ? 76  PRO A CA  1 
ATOM   486 C C   . PRO A 1 76  ? -15.35426 -0.90176  -1.96898  1.000 50.03248  ? 76  PRO A C   1 
ATOM   487 O O   . PRO A 1 76  ? -15.57647 -1.20563  -3.14517  1.000 48.98672  ? 76  PRO A O   1 
ATOM   488 C CB  . PRO A 1 76  ? -16.52835 1.19717   -1.25784  1.000 49.84986  ? 76  PRO A CB  1 
ATOM   489 C CG  . PRO A 1 76  ? -16.41904 2.57946   -1.81783  1.000 51.07652  ? 76  PRO A CG  1 
ATOM   490 C CD  . PRO A 1 76  ? -15.52283 2.45864   -3.01833  1.000 50.48254  ? 76  PRO A CD  1 
ATOM   491 N N   . HIS A 1 77  ? -15.23360 -1.79306  -0.98152  1.000 49.71672  ? 77  HIS A N   1 
ATOM   492 C CA  . HIS A 1 77  ? -15.54973 -3.20647  -1.14611  1.000 46.31890  ? 77  HIS A CA  1 
ATOM   493 C C   . HIS A 1 77  ? -14.75728 -3.83580  -2.29093  1.000 47.87348  ? 77  HIS A C   1 
ATOM   494 O O   . HIS A 1 77  ? -15.27199 -4.64329  -3.06302  1.000 46.54111  ? 77  HIS A O   1 
ATOM   495 C CB  . HIS A 1 77  ? -17.04986 -3.39491  -1.34126  1.000 48.63974  ? 77  HIS A CB  1 
ATOM   496 C CG  . HIS A 1 77  ? -17.49795 -4.79175  -1.09471  1.000 48.35928  ? 77  HIS A CG  1 
ATOM   497 N ND1 . HIS A 1 77  ? -18.20137 -5.52265  -2.02580  1.000 47.11474  ? 77  HIS A ND1 1 
ATOM   498 C CD2 . HIS A 1 77  ? -17.29375 -5.61388  -0.04064  1.000 47.40225  ? 77  HIS A CD2 1 
ATOM   499 C CE1 . HIS A 1 77  ? -18.43377 -6.72888  -1.54358  1.000 48.41949  ? 77  HIS A CE1 1 
ATOM   500 N NE2 . HIS A 1 77  ? -17.89201 -6.81038  -0.34162  1.000 45.57173  ? 77  HIS A NE2 1 
ATOM   501 N N   . THR A 1 78  ? -13.48856 -3.47361  -2.38984  1.000 45.24091  ? 78  THR A N   1 
ATOM   502 C CA  . THR A 1 78  ? -12.65175 -3.85228  -3.51461  1.000 48.75146  ? 78  THR A CA  1 
ATOM   503 C C   . THR A 1 78  ? -11.36119 -4.44361  -2.98719  1.000 49.40090  ? 78  THR A C   1 
ATOM   504 O O   . THR A 1 78  ? -10.84738 -3.99715  -1.95881  1.000 42.25813  ? 78  THR A O   1 
ATOM   505 C CB  . THR A 1 78  ? -12.33408 -2.63151  -4.40976  1.000 47.55138  ? 78  THR A CB  1 
ATOM   506 O OG1 . THR A 1 78  ? -13.55202 -1.97961  -4.78688  1.000 48.87822  ? 78  THR A OG1 1 
ATOM   507 C CG2 . THR A 1 78  ? -11.57902 -3.04293  -5.66591  1.000 45.09347  ? 78  THR A CG2 1 
ATOM   508 N N   . THR A 1 79  ? -10.82590 -5.42625  -3.70170  1.000 45.71719  ? 79  THR A N   1 
ATOM   509 C CA  . THR A 1 79  ? -9.56270  -6.03913  -3.31828  1.000 47.32329  ? 79  THR A CA  1 
ATOM   510 C C   . THR A 1 79  ? -8.38062  -5.30774  -3.95650  1.000 48.43197  ? 79  THR A C   1 
ATOM   511 O O   . THR A 1 79  ? -8.30111  -5.16602  -5.18772  1.000 45.71174  ? 79  THR A O   1 
ATOM   512 C CB  . THR A 1 79  ? -9.53412  -7.51481  -3.71201  1.000 46.95924  ? 79  THR A CB  1 
ATOM   513 O OG1 . THR A 1 79  ? -10.66046 -8.18544  -3.13309  1.000 45.52349  ? 79  THR A OG1 1 
ATOM   514 C CG2 . THR A 1 79  ? -8.23302  -8.16036  -3.23164  1.000 44.96987  ? 79  THR A CG2 1 
ATOM   515 N N   . TYR A 1 80  ? -7.44302  -4.88925  -3.11286  1.000 47.13152  ? 80  TYR A N   1 
ATOM   516 C CA  . TYR A 1 80  ? -6.24654  -4.19447  -3.54608  1.000 45.61881  ? 80  TYR A CA  1 
ATOM   517 C C   . TYR A 1 80  ? -5.01075  -5.00557  -3.17019  1.000 46.05466  ? 80  TYR A C   1 
ATOM   518 O O   . TYR A 1 80  ? -5.04075  -5.86137  -2.27660  1.000 43.85396  ? 80  TYR A O   1 
ATOM   519 C CB  . TYR A 1 80  ? -6.18039  -2.81189  -2.91406  1.000 45.41770  ? 80  TYR A CB  1 
ATOM   520 C CG  . TYR A 1 80  ? -7.05854  -1.79442  -3.60449  1.000 46.62496  ? 80  TYR A CG  1 
ATOM   521 C CD1 . TYR A 1 80  ? -8.35116  -1.56011  -3.17046  1.000 46.70380  ? 80  TYR A CD1 1 
ATOM   522 C CD2 . TYR A 1 80  ? -6.59193  -1.06727  -4.68530  1.000 46.84032  ? 80  TYR A CD2 1 
ATOM   523 C CE1 . TYR A 1 80  ? -9.15421  -0.63523  -3.78696  1.000 46.79331  ? 80  TYR A CE1 1 
ATOM   524 C CE2 . TYR A 1 80  ? -7.38194  -0.14682  -5.30820  1.000 48.04023  ? 80  TYR A CE2 1 
ATOM   525 C CZ  . TYR A 1 80  ? -8.66934  0.07362   -4.85657  1.000 48.37944  ? 80  TYR A CZ  1 
ATOM   526 O OH  . TYR A 1 80  ? -9.46959  1.02249   -5.48554  1.000 48.65246  ? 80  TYR A OH  1 
ATOM   527 N N   . GLN A 1 81  ? -3.92076  -4.73916  -3.88073  1.000 47.64833  ? 81  GLN A N   1 
ATOM   528 C CA  . GLN A 1 81  ? -2.62751  -5.33478  -3.58764  1.000 48.52121  ? 81  GLN A CA  1 
ATOM   529 C C   . GLN A 1 81  ? -1.58597  -4.22500  -3.60884  1.000 49.34508  ? 81  GLN A C   1 
ATOM   530 O O   . GLN A 1 81  ? -1.75724  -3.20636  -4.28411  1.000 48.56587  ? 81  GLN A O   1 
ATOM   531 C CB  . GLN A 1 81  ? -2.25271  -6.43763  -4.60063  1.000 48.25456  ? 81  GLN A CB  1 
ATOM   532 C CG  . GLN A 1 81  ? -3.04344  -7.73701  -4.47427  1.000 47.91198  ? 81  GLN A CG  1 
ATOM   533 C CD  . GLN A 1 81  ? -2.69660  -8.76077  -5.56642  1.000 49.98174  ? 81  GLN A CD  1 
ATOM   534 O OE1 . GLN A 1 81  ? -2.47489  -8.40523  -6.71866  1.000 51.08913  ? 81  GLN A OE1 1 
ATOM   535 N NE2 . GLN A 1 81  ? -2.62972  -10.03572 -5.18947  1.000 51.62328  ? 81  GLN A NE2 1 
ATOM   536 N N   . PHE A 1 82  ? -0.50809  -4.41314  -2.85481  1.000 47.96492  ? 82  PHE A N   1 
ATOM   537 C CA  . PHE A 1 82  ? 0.56070   -3.42579  -2.85960  1.000 48.70283  ? 82  PHE A CA  1 
ATOM   538 C C   . PHE A 1 82  ? 1.88975   -4.12020  -2.62064  1.000 50.34264  ? 82  PHE A C   1 
ATOM   539 O O   . PHE A 1 82  ? 1.96181   -5.14339  -1.92775  1.000 49.82679  ? 82  PHE A O   1 
ATOM   540 C CB  . PHE A 1 82  ? 0.33511   -2.33589  -1.80705  1.000 49.47890  ? 82  PHE A CB  1 
ATOM   541 C CG  . PHE A 1 82  ? 0.43858   -2.82940  -0.38417  1.000 50.55604  ? 82  PHE A CG  1 
ATOM   542 C CD1 . PHE A 1 82  ? -0.60734  -3.52226  0.19460   1.000 48.99156  ? 82  PHE A CD1 1 
ATOM   543 C CD2 . PHE A 1 82  ? 1.57923   -2.58872  0.37030   1.000 51.18276  ? 82  PHE A CD2 1 
ATOM   544 C CE1 . PHE A 1 82  ? -0.52176  -3.97278  1.49395   1.000 49.54532  ? 82  PHE A CE1 1 
ATOM   545 C CE2 . PHE A 1 82  ? 1.67493   -3.03112  1.66568   1.000 51.89276  ? 82  PHE A CE2 1 
ATOM   546 C CZ  . PHE A 1 82  ? 0.62095   -3.72631  2.23403   1.000 52.12391  ? 82  PHE A CZ  1 
ATOM   547 N N   . LYS A 1 83  ? 2.93957   -3.54947  -3.20342  1.000 52.53322  ? 83  LYS A N   1 
ATOM   548 C CA  . LYS A 1 83  ? 4.29112   -4.04689  -3.02795  1.000 54.74817  ? 83  LYS A CA  1 
ATOM   549 C C   . LYS A 1 83  ? 5.21924   -2.85589  -2.84530  1.000 55.74168  ? 83  LYS A C   1 
ATOM   550 O O   . LYS A 1 83  ? 4.80440   -1.69773  -2.90529  1.000 56.07155  ? 83  LYS A O   1 
ATOM   551 C CB  . LYS A 1 83  ? 4.72475   -4.92568  -4.20994  1.000 55.07871  ? 83  LYS A CB  1 
ATOM   552 C CG  . LYS A 1 83  ? 4.68545   -4.22549  -5.55396  1.000 54.81975  ? 83  LYS A CG  1 
ATOM   553 C CD  . LYS A 1 83  ? 5.39333   -5.02236  -6.64388  1.000 57.43624  ? 83  LYS A CD  1 
ATOM   554 C CE  . LYS A 1 83  ? 5.23102   -4.35862  -8.01112  1.000 55.41617  ? 83  LYS A CE  1 
ATOM   555 N NZ  . LYS A 1 83  ? 6.13940   -4.93753  -9.04285  1.000 55.85288  ? 83  LYS A NZ  1 
ATOM   556 N N   . VAL A 1 84  ? 6.48614   -3.15090  -2.59416  1.000 55.42790  ? 84  VAL A N   1 
ATOM   557 C CA  . VAL A 1 84  ? 7.54283   -2.14857  -2.50588  1.000 56.47148  ? 84  VAL A CA  1 
ATOM   558 C C   . VAL A 1 84  ? 8.56800   -2.45014  -3.59029  1.000 57.63025  ? 84  VAL A C   1 
ATOM   559 O O   . VAL A 1 84  ? 9.02775   -3.59041  -3.71374  1.000 61.49676  ? 84  VAL A O   1 
ATOM   560 C CB  . VAL A 1 84  ? 8.20221   -2.13532  -1.11367  1.000 56.66200  ? 84  VAL A CB  1 
ATOM   561 C CG1 . VAL A 1 84  ? 9.39044   -1.18841  -1.08750  1.000 57.07078  ? 84  VAL A CG1 1 
ATOM   562 C CG2 . VAL A 1 84  ? 7.18131   -1.74009  -0.05884  1.000 57.11938  ? 84  VAL A CG2 1 
ATOM   563 N N   . THR A 1 85  ? 8.90775   -1.43752  -4.38393  1.000 59.38862  ? 85  THR A N   1 
ATOM   564 C CA  . THR A 1 85  ? 9.84633   -1.57152  -5.48901  1.000 60.82499  ? 85  THR A CA  1 
ATOM   565 C C   . THR A 1 85  ? 11.02612  -0.63938  -5.26512  1.000 61.51111  ? 85  THR A C   1 
ATOM   566 O O   . THR A 1 85  ? 10.84380  0.52413   -4.89175  1.000 61.58071  ? 85  THR A O   1 
ATOM   567 C CB  . THR A 1 85  ? 9.16114   -1.27156  -6.82155  1.000 61.10637  ? 85  THR A CB  1 
ATOM   568 O OG1 . THR A 1 85  ? 8.44501   -0.03289  -6.71121  1.000 61.03815  ? 85  THR A OG1 1 
ATOM   569 C CG2 . THR A 1 85  ? 8.20146   -2.38665  -7.19581  1.000 59.13248  ? 85  THR A CG2 1 
ATOM   570 N N   . VAL A 1 86  ? 12.22862  -1.15212  -5.48604  1.000 65.73256  ? 86  VAL A N   1 
ATOM   571 C CA  . VAL A 1 86  ? 13.45512  -0.39179  -5.29581  1.000 68.01721  ? 86  VAL A CA  1 
ATOM   572 C C   . VAL A 1 86  ? 14.13695  -0.23030  -6.64804  1.000 70.43271  ? 86  VAL A C   1 
ATOM   573 O O   . VAL A 1 86  ? 14.40328  -1.22043  -7.34336  1.000 71.81101  ? 86  VAL A O   1 
ATOM   574 C CB  . VAL A 1 86  ? 14.38338  -1.06415  -4.27544  1.000 69.05480  ? 86  VAL A CB  1 
ATOM   575 C CG1 . VAL A 1 86  ? 15.79517  -0.50927  -4.39407  1.000 73.02069  ? 86  VAL A CG1 1 
ATOM   576 C CG2 . VAL A 1 86  ? 13.84708  -0.84175  -2.87895  1.000 67.11032  ? 86  VAL A CG2 1 
ATOM   577 N N   . ASN A 1 87  ? 14.39862  1.02172   -7.02442  1.000 72.66490  ? 87  ASN A N   1 
ATOM   578 C CA  . ASN A 1 87  ? 15.05545  1.34341   -8.28714  1.000 74.91824  ? 87  ASN A CA  1 
ATOM   579 C C   . ASN A 1 87  ? 14.31767  0.72381   -9.47073  1.000 76.08480  ? 87  ASN A C   1 
ATOM   580 O O   . ASN A 1 87  ? 14.93577  0.30286   -10.45247 1.000 76.81636  ? 87  ASN A O   1 
ATOM   581 C CB  . ASN A 1 87  ? 16.52313  0.90947   -8.27504  1.000 75.13781  ? 87  ASN A CB  1 
ATOM   582 C CG  . ASN A 1 87  ? 17.37115  1.75102   -7.34025  1.000 78.38892  ? 87  ASN A CG  1 
ATOM   583 O OD1 . ASN A 1 87  ? 16.89182  2.71279   -6.73207  1.000 80.08416  ? 87  ASN A OD1 1 
ATOM   584 N ND2 . ASN A 1 87  ? 18.63688  1.38177   -7.20795  1.000 79.37462  ? 87  ASN A ND2 1 
ATOM   585 N N   . PHE A 1 88  ? 12.99301  0.62628   -9.35161  1.000 71.70815  ? 88  PHE A N   1 
ATOM   586 C CA  . PHE A 1 88  ? 12.09520  0.34741   -10.46716 1.000 73.69982  ? 88  PHE A CA  1 
ATOM   587 C C   . PHE A 1 88  ? 12.14424  -1.08751  -10.97921 1.000 78.55429  ? 88  PHE A C   1 
ATOM   588 O O   . PHE A 1 88  ? 11.33012  -1.45506  -11.82897 1.000 84.17656  ? 88  PHE A O   1 
ATOM   589 C CB  . PHE A 1 88  ? 12.39074  1.27889   -11.64307 1.000 71.57530  ? 88  PHE A CB  1 
ATOM   590 C CG  . PHE A 1 88  ? 12.51910  2.71883   -11.26613 1.000 70.82750  ? 88  PHE A CG  1 
ATOM   591 C CD1 . PHE A 1 88  ? 11.41103  3.45717   -10.90574 1.000 69.38011  ? 88  PHE A CD1 1 
ATOM   592 C CD2 . PHE A 1 88  ? 13.75960  3.34298   -11.29416 1.000 73.78942  ? 88  PHE A CD2 1 
ATOM   593 C CE1 . PHE A 1 88  ? 11.53823  4.79273   -10.57289 1.000 67.05119  ? 88  PHE A CE1 1 
ATOM   594 C CE2 . PHE A 1 88  ? 13.89896  4.67784   -10.95561 1.000 68.52940  ? 88  PHE A CE2 1 
ATOM   595 C CZ  . PHE A 1 88  ? 12.78963  5.40385   -10.59248 1.000 66.25211  ? 88  PHE A CZ  1 
ATOM   596 N N   . TYR A 1 89  ? 13.07144  -1.91157  -10.50244 1.000 80.15603  ? 89  TYR A N   1 
ATOM   597 C CA  . TYR A 1 89  ? 13.11754  -3.29297  -10.96461 1.000 85.30269  ? 89  TYR A CA  1 
ATOM   598 C C   . TYR A 1 89  ? 13.19263  -4.31837  -9.85443  1.000 83.09858  ? 89  TYR A C   1 
ATOM   599 O O   . TYR A 1 89  ? 12.81288  -5.47243  -10.08760 1.000 86.06343  ? 89  TYR A O   1 
ATOM   600 C CB  . TYR A 1 89  ? 14.29782  -3.51719  -11.92770 1.000 92.39024  ? 89  TYR A CB  1 
ATOM   601 C CG  . TYR A 1 89  ? 14.15370  -4.77912  -12.76755 1.000 107.55831 ? 89  TYR A CG  1 
ATOM   602 C CD1 . TYR A 1 89  ? 12.89893  -5.21408  -13.19714 1.000 118.39573 ? 89  TYR A CD1 1 
ATOM   603 C CD2 . TYR A 1 89  ? 15.26642  -5.52183  -13.15333 1.000 118.71210 ? 89  TYR A CD2 1 
ATOM   604 C CE1 . TYR A 1 89  ? 12.75292  -6.36691  -13.96996 1.000 118.26816 ? 89  TYR A CE1 1 
ATOM   605 C CE2 . TYR A 1 89  ? 15.12969  -6.67569  -13.93305 1.000 132.78459 ? 89  TYR A CE2 1 
ATOM   606 C CZ  . TYR A 1 89  ? 13.87043  -7.09069  -14.33773 1.000 123.41387 ? 89  TYR A CZ  1 
ATOM   607 O OH  . TYR A 1 89  ? 13.72714  -8.22697  -15.10700 1.000 122.56272 ? 89  TYR A OH  1 
ATOM   608 N N   . PHE A 1 90  ? 13.63258  -3.94980  -8.66185  1.000 79.65076  ? 90  PHE A N   1 
ATOM   609 C CA  . PHE A 1 90  ? 13.78800  -4.91393  -7.58301  1.000 78.62474  ? 90  PHE A CA  1 
ATOM   610 C C   . PHE A 1 90  ? 12.49837  -4.89943  -6.76761  1.000 75.55285  ? 90  PHE A C   1 
ATOM   611 O O   . PHE A 1 90  ? 12.27973  -4.00933  -5.94891  1.000 73.31198  ? 90  PHE A O   1 
ATOM   612 C CB  . PHE A 1 90  ? 15.02127  -4.57344  -6.75558  1.000 77.40580  ? 90  PHE A CB  1 
ATOM   613 C CG  . PHE A 1 90  ? 16.33007  -4.79935  -7.48520  1.000 80.05250  ? 90  PHE A CG  1 
ATOM   614 C CD1 . PHE A 1 90  ? 16.35717  -5.41307  -8.72653  1.000 82.91149  ? 90  PHE A CD1 1 
ATOM   615 C CD2 . PHE A 1 90  ? 17.53415  -4.39931  -6.92243  1.000 81.82536  ? 90  PHE A CD2 1 
ATOM   616 C CE1 . PHE A 1 90  ? 17.55787  -5.62224  -9.39573  1.000 84.05189  ? 90  PHE A CE1 1 
ATOM   617 C CE2 . PHE A 1 90  ? 18.73876  -4.60545  -7.58653  1.000 84.48332  ? 90  PHE A CE2 1 
ATOM   618 C CZ  . PHE A 1 90  ? 18.75049  -5.21885  -8.82175  1.000 83.37667  ? 90  PHE A CZ  1 
ATOM   619 N N   . SER A 1 91  ? 11.62977  -5.87885  -7.00878  1.000 74.34630  ? 91  SER A N   1 
ATOM   620 C CA  . SER A 1 91  ? 10.32194  -5.96725  -6.36669  1.000 72.94533  ? 91  SER A CA  1 
ATOM   621 C C   . SER A 1 91  ? 10.36980  -6.89439  -5.15387  1.000 81.23466  ? 91  SER A C   1 
ATOM   622 O O   . SER A 1 91  ? 11.07339  -7.91077  -5.15482  1.000 82.29927  ? 91  SER A O   1 
ATOM   623 C CB  . SER A 1 91  ? 9.25038   -6.47682  -7.34478  1.000 77.12768  ? 91  SER A CB  1 
ATOM   624 O OG  . SER A 1 91  ? 9.00796   -5.58656  -8.42563  1.000 72.24597  ? 91  SER A OG  1 
ATOM   625 N N   . SER A 1 92  ? 9.60634   -6.53842  -4.12334  1.000 75.10954  ? 92  SER A N   1 
ATOM   626 C CA  . SER A 1 92  ? 9.43817   -7.35891  -2.93610  1.000 71.36192  ? 92  SER A CA  1 
ATOM   627 C C   . SER A 1 92  ? 8.22261   -8.26158  -3.11651  1.000 69.55113  ? 92  SER A C   1 
ATOM   628 O O   . SER A 1 92  ? 7.62967   -8.33353  -4.19301  1.000 69.17382  ? 92  SER A O   1 
ATOM   629 C CB  . SER A 1 92  ? 9.28259   -6.47855  -1.70454  1.000 69.13538  ? 92  SER A CB  1 
ATOM   630 O OG  . SER A 1 92  ? 7.95627   -5.99155  -1.60899  1.000 65.11287  ? 92  SER A OG  1 
ATOM   631 N N   . SER A 1 93  ? 7.82454   -8.95497  -2.05980  1.000 65.28551  ? 93  SER A N   1 
ATOM   632 C CA  . SER A 1 93  ? 6.62911   -9.76799  -2.17379  1.000 62.79668  ? 93  SER A CA  1 
ATOM   633 C C   . SER A 1 93  ? 5.38029   -8.88484  -2.08502  1.000 59.39812  ? 93  SER A C   1 
ATOM   634 O O   . SER A 1 93  ? 5.43849   -7.70173  -1.73431  1.000 59.29454  ? 93  SER A O   1 
ATOM   635 C CB  . SER A 1 93  ? 6.62825   -10.87374 -1.11199  1.000 68.53029  ? 93  SER A CB  1 
ATOM   636 O OG  . SER A 1 93  ? 6.44505   -10.34332 0.18517   1.000 71.06621  ? 93  SER A OG  1 
ATOM   637 N N   . LEU A 1 94  ? 4.24321   -9.47764  -2.44128  1.000 60.97449  ? 94  LEU A N   1 
ATOM   638 C CA  . LEU A 1 94  ? 2.95034   -8.81849  -2.39129  1.000 57.80528  ? 94  LEU A CA  1 
ATOM   639 C C   . LEU A 1 94  ? 2.33184   -8.95060  -1.01073  1.000 55.68637  ? 94  LEU A C   1 
ATOM   640 O O   . LEU A 1 94  ? 2.56311   -9.92011  -0.29027  1.000 57.33381  ? 94  LEU A O   1 
ATOM   641 C CB  . LEU A 1 94  ? 1.98970   -9.42632  -3.41075  1.000 57.38576  ? 94  LEU A CB  1 
ATOM   642 C CG  . LEU A 1 94  ? 2.51145   -9.60958  -4.82295  1.000 58.51597  ? 94  LEU A CG  1 
ATOM   643 C CD1 . LEU A 1 94  ? 1.37946   -10.00060 -5.74336  1.000 57.24665  ? 94  LEU A CD1 1 
ATOM   644 C CD2 . LEU A 1 94  ? 3.15777   -8.32215  -5.27456  1.000 57.70626  ? 94  LEU A CD2 1 
ATOM   645 N N   . GLN A 1 95  ? 1.52561   -7.96745  -0.66202  1.000 50.76945  ? 95  GLN A N   1 
ATOM   646 C CA  . GLN A 1 95  ? 0.59488   -8.03656  0.44793   1.000 48.42705  ? 95  GLN A CA  1 
ATOM   647 C C   . GLN A 1 95  ? -0.77698  -7.69636  -0.11428  1.000 48.27402  ? 95  GLN A C   1 
ATOM   648 O O   . GLN A 1 95  ? -0.88223  -6.95438  -1.09946  1.000 48.27934  ? 95  GLN A O   1 
ATOM   649 C CB  . GLN A 1 95  ? 0.99521   -7.08208  1.55613   1.000 49.71257  ? 95  GLN A CB  1 
ATOM   650 C CG  . GLN A 1 95  ? 0.31864   -7.33415  2.86930   1.000 50.69053  ? 95  GLN A CG  1 
ATOM   651 C CD  . GLN A 1 95  ? 0.58719   -8.72569  3.42698   1.000 51.13821  ? 95  GLN A CD  1 
ATOM   652 O OE1 . GLN A 1 95  ? -0.21166  -9.65841  3.23857   1.000 49.46611  ? 95  GLN A OE1 1 
ATOM   653 N NE2 . GLN A 1 95  ? 1.70994   -8.86841  4.12945   1.000 52.15668  ? 95  GLN A NE2 1 
ATOM   654 N N   . THR A 1 96  ? -1.82186  -8.27005  0.46586   1.000 48.26605  ? 96  THR A N   1 
ATOM   655 C CA  . THR A 1 96  ? -3.16904  -8.14336  -0.06975  1.000 45.97518  ? 96  THR A CA  1 
ATOM   656 C C   . THR A 1 96  ? -4.11441  -7.68323  1.03641   1.000 47.05072  ? 96  THR A C   1 
ATOM   657 O O   . THR A 1 96  ? -4.01871  -8.14818  2.18734   1.000 48.45922  ? 96  THR A O   1 
ATOM   658 C CB  . THR A 1 96  ? -3.63780  -9.47431  -0.66014  1.000 46.24222  ? 96  THR A CB  1 
ATOM   659 O OG1 . THR A 1 96  ? -2.87218  -9.78359  -1.83296  1.000 46.69342  ? 96  THR A OG1 1 
ATOM   660 C CG2 . THR A 1 96  ? -5.09536  -9.40802  -1.04175  1.000 44.11917  ? 96  THR A CG2 1 
ATOM   661 N N   . PHE A 1 97  ? -5.00303  -6.74679  0.68901   1.000 45.38251  ? 97  PHE A N   1 
ATOM   662 C CA  . PHE A 1 97  ? -6.05732  -6.25717  1.57074   1.000 45.02373  ? 97  PHE A CA  1 
ATOM   663 C C   . PHE A 1 97  ? -7.27851  -5.92513  0.72276   1.000 44.19688  ? 97  PHE A C   1 
ATOM   664 O O   . PHE A 1 97  ? -7.20034  -5.86317  -0.50712  1.000 45.20258  ? 97  PHE A O   1 
ATOM   665 C CB  . PHE A 1 97  ? -5.60422  -5.03704  2.38082   1.000 45.47360  ? 97  PHE A CB  1 
ATOM   666 C CG  . PHE A 1 97  ? -5.61965  -3.74508  1.60289   1.000 46.07747  ? 97  PHE A CG  1 
ATOM   667 C CD1 . PHE A 1 97  ? -4.54880  -3.39196  0.79535   1.000 47.13910  ? 97  PHE A CD1 1 
ATOM   668 C CD2 . PHE A 1 97  ? -6.69496  -2.86836  1.69360   1.000 48.34462  ? 97  PHE A CD2 1 
ATOM   669 C CE1 . PHE A 1 97  ? -4.55601  -2.18935  0.08450   1.000 47.01163  ? 97  PHE A CE1 1 
ATOM   670 C CE2 . PHE A 1 97  ? -6.70581  -1.69061  0.98855   1.000 51.14250  ? 97  PHE A CE2 1 
ATOM   671 C CZ  . PHE A 1 97  ? -5.63624  -1.34515  0.18753   1.000 50.39584  ? 97  PHE A CZ  1 
ATOM   672 N N   . LYS A 1 98  ? -8.41885  -5.73851  1.38916   1.000 45.74416  ? 98  LYS A N   1 
ATOM   673 C CA  . LYS A 1 98  ? -9.67091  -5.36633  0.73946   1.000 48.91347  ? 98  LYS A CA  1 
ATOM   674 C C   . LYS A 1 98  ? -10.35261 -4.25495  1.52235   1.000 51.94671  ? 98  LYS A C   1 
ATOM   675 O O   . LYS A 1 98  ? -10.50841 -4.34720  2.73985   1.000 51.57066  ? 98  LYS A O   1 
ATOM   676 C CB  . LYS A 1 98  ? -10.61925 -6.55907  0.60241   1.000 48.59579  ? 98  LYS A CB  1 
ATOM   677 C CG  . LYS A 1 98  ? -11.99959 -6.21496  0.06872   1.000 52.45163  ? 98  LYS A CG  1 
ATOM   678 C CD  . LYS A 1 98  ? -12.86313 -7.45693  -0.04072  1.000 52.08217  ? 98  LYS A CD  1 
ATOM   679 C CE  . LYS A 1 98  ? -14.34038 -7.13763  -0.21431  1.000 56.15633  ? 98  LYS A CE  1 
ATOM   680 N NZ  . LYS A 1 98  ? -15.17334 -8.38571  -0.24102  1.000 55.74371  ? 98  LYS A NZ  1 
ATOM   681 N N   . THR A 1 99  ? -10.78378 -3.22131  0.81705   1.000 48.95009  ? 99  THR A N   1 
ATOM   682 C CA  . THR A 1 99  ? -11.46218 -2.10021  1.44158   1.000 49.56138  ? 99  THR A CA  1 
ATOM   683 C C   . THR A 1 99  ? -12.80379 -2.52595  2.02628   1.000 48.93217  ? 99  THR A C   1 
ATOM   684 O O   . THR A 1 99  ? -13.36642 -3.56694  1.68433   1.000 48.13928  ? 99  THR A O   1 
ATOM   685 C CB  . THR A 1 99  ? -11.68713 -0.98411  0.41932   1.000 50.61913  ? 99  THR A CB  1 
ATOM   686 O OG1 . THR A 1 99  ? -12.29422 -1.55571  -0.74523  1.000 50.33322  ? 99  THR A OG1 1 
ATOM   687 C CG2 . THR A 1 99  ? -10.38722 -0.28600  0.04225   1.000 51.46339  ? 99  THR A CG2 1 
ATOM   688 N N   . LEU A 1 100 ? -13.31151 -1.69435  2.92465   1.000 49.34552  ? 100 LEU A N   1 
ATOM   689 C CA  . LEU A 1 100 ? -14.64532 -1.88376  3.46101   1.000 48.96245  ? 100 LEU A CA  1 
ATOM   690 C C   . LEU A 1 100 ? -15.67960 -1.34966  2.48065   1.000 49.45355  ? 100 LEU A C   1 
ATOM   691 O O   . LEU A 1 100 ? -15.35798 -0.64503  1.52363   1.000 50.21967  ? 100 LEU A O   1 
ATOM   692 C CB  . LEU A 1 100 ? -14.78138 -1.18099  4.81175   1.000 50.38235  ? 100 LEU A CB  1 
ATOM   693 C CG  . LEU A 1 100 ? -14.12725 -1.95482  5.95852   1.000 50.41480  ? 100 LEU A CG  1 
ATOM   694 C CD1 . LEU A 1 100 ? -14.20854 -1.19681  7.27394   1.000 52.61978  ? 100 LEU A CD1 1 
ATOM   695 C CD2 . LEU A 1 100 ? -14.79395 -3.30572  6.08311   1.000 49.41240  ? 100 LEU A CD2 1 
ATOM   696 N N   . ALA A 1 101 ? -16.92991 -1.72216  2.70556   1.000 53.30148  ? 101 ALA A N   1 
ATOM   697 C CA  . ALA A 1 101 ? -18.02771 -1.07610  2.01602   1.000 53.28248  ? 101 ALA A CA  1 
ATOM   698 C C   . ALA A 1 101 ? -18.48085 0.12282   2.83840   1.000 57.22549  ? 101 ALA A C   1 
ATOM   699 O O   . ALA A 1 101 ? -18.02158 0.34555   3.95877   1.000 60.26633  ? 101 ALA A O   1 
ATOM   700 C CB  . ALA A 1 101 ? -19.17120 -2.05801  1.78268   1.000 52.24890  ? 101 ALA A CB  1 
ATOM   701 N N   . LEU A 1 102 ? -19.36417 0.92566   2.25795   1.000 53.72364  ? 102 LEU A N   1 
ATOM   702 C CA  . LEU A 1 102 ? -19.93778 2.03911   3.00055   1.000 54.66660  ? 102 LEU A CA  1 
ATOM   703 C C   . LEU A 1 102 ? -20.94648 1.51830   4.01550   1.000 56.90436  ? 102 LEU A C   1 
ATOM   704 O O   . LEU A 1 102 ? -21.69250 0.57373   3.74149   1.000 56.12528  ? 102 LEU A O   1 
ATOM   705 C CB  . LEU A 1 102 ? -20.61703 3.02683   2.05179   1.000 53.64364  ? 102 LEU A CB  1 
ATOM   706 C CG  . LEU A 1 102 ? -19.75593 3.67043   0.96839   1.000 53.74036  ? 102 LEU A CG  1 
ATOM   707 C CD1 . LEU A 1 102 ? -20.62038 4.54776   0.06240   1.000 54.66620  ? 102 LEU A CD1 1 
ATOM   708 C CD2 . LEU A 1 102 ? -18.61691 4.45689   1.58612   1.000 54.41733  ? 102 LEU A CD2 1 
ATOM   709 N N   . GLU A 1 103 ? -20.97734 2.14539   5.19078   1.000 60.48247  ? 103 GLU A N   1 
ATOM   710 C CA  . GLU A 1 103 ? -21.79942 1.67170   6.29461   1.000 62.48519  ? 103 GLU A CA  1 
ATOM   711 C C   . GLU A 1 103 ? -22.26864 2.87773   7.08777   1.000 61.52273  ? 103 GLU A C   1 
ATOM   712 O O   . GLU A 1 103 ? -21.58509 3.90187   7.13000   1.000 61.86041  ? 103 GLU A O   1 
ATOM   713 C CB  . GLU A 1 103 ? -21.00407 0.70341   7.17169   1.000 65.50300  ? 103 GLU A CB  1 
ATOM   714 C CG  . GLU A 1 103 ? -20.70663 -0.62999  6.49538   1.000 67.12338  ? 103 GLU A CG  1 
ATOM   715 C CD  . GLU A 1 103 ? -19.37242 -1.20940  6.93399   1.000 83.20146  ? 103 GLU A CD  1 
ATOM   716 O OE1 . GLU A 1 103 ? -18.78043 -0.67043  7.89576   1.000 100.12830 ? 103 GLU A OE1 1 
ATOM   717 O OE2 . GLU A 1 103 ? -18.89787 -2.18628  6.30868   1.000 82.38733  ? 103 GLU A OE2 1 
ATOM   718 N N   . SER A 1 104 ? -23.43053 2.75785   7.71907   1.000 62.13368  ? 104 SER A N   1 
ATOM   719 C CA  . SER A 1 104 ? -24.09322 3.91604   8.31486   1.000 65.71486  ? 104 SER A CA  1 
ATOM   720 C C   . SER A 1 104 ? -24.31144 3.72662   9.81403   1.000 67.87231  ? 104 SER A C   1 
ATOM   721 O O   . SER A 1 104 ? -23.92146 2.72164   10.40260  1.000 64.81166  ? 104 SER A O   1 
ATOM   722 C CB  . SER A 1 104 ? -25.43268 4.17807   7.62617   1.000 63.83844  ? 104 SER A CB  1 
ATOM   723 O OG  . SER A 1 104 ? -25.23809 4.37973   6.25113   1.000 60.58737  ? 104 SER A OG  1 
ATOM   724 N N   . LYS A 1 105 ? -24.95246 4.72580   10.42282  1.000 70.03716  ? 105 LYS A N   1 
ATOM   725 C CA  . LYS A 1 105 ? -25.45759 4.63406   11.79123  1.000 75.22579  ? 105 LYS A CA  1 
ATOM   726 C C   . LYS A 1 105 ? -26.96282 4.39871   11.68762  1.000 79.70515  ? 105 LYS A C   1 
ATOM   727 O O   . LYS A 1 105 ? -27.75589 5.33739   11.58181  1.000 80.51978  ? 105 LYS A O   1 
ATOM   728 C CB  . LYS A 1 105 ? -25.12767 5.89264   12.59384  1.000 81.88651  ? 105 LYS A CB  1 
ATOM   729 C CG  . LYS A 1 105 ? -25.52796 5.84301   14.07489  1.000 77.91419  ? 105 LYS A CG  1 
ATOM   730 C CD  . LYS A 1 105 ? -25.58519 7.23699   14.70014  1.000 88.92407  ? 105 LYS A CD  1 
ATOM   731 C CE  . LYS A 1 105 ? -24.19474 7.80606   14.94670  1.000 84.13241  ? 105 LYS A CE  1 
ATOM   732 N NZ  . LYS A 1 105 ? -24.24980 9.10273   15.67633  1.000 84.46176  ? 105 LYS A NZ  1 
ATOM   733 N N   . SER A 1 106 ? -27.35388 3.12677   11.68814  1.000 81.65777  ? 106 SER A N   1 
ATOM   734 C CA  . SER A 1 106 ? -28.76570 2.77974   11.78414  1.000 89.87734  ? 106 SER A CA  1 
ATOM   735 C C   . SER A 1 106 ? -29.28286 3.03363   13.19283  1.000 92.61953  ? 106 SER A C   1 
ATOM   736 O O   . SER A 1 106 ? -28.71133 2.54049   14.17092  1.000 81.25210  ? 106 SER A O   1 
ATOM   737 C CB  . SER A 1 106 ? -28.98130 1.31507   11.43221  1.000 92.88710  ? 106 SER A CB  1 
ATOM   738 O OG  . SER A 1 106 ? -30.27531 0.91797   11.85904  1.000 99.66523  ? 106 SER A OG  1 
ATOM   739 N N   . THR A 1 107 ? -30.38922 3.77884   13.30166  1.000 87.70458  ? 107 THR A N   1 
ATOM   740 C CA  . THR A 1 107 ? -30.97212 4.11916   14.60392  1.000 84.78774  ? 107 THR A CA  1 
ATOM   741 C C   . THR A 1 107 ? -32.46906 3.79153   14.58488  1.000 85.79294  ? 107 THR A C   1 
ATOM   742 O O   . THR A 1 107 ? -33.29710 4.67979   14.40594  1.000 91.69880  ? 107 THR A O   1 
ATOM   743 C CB  . THR A 1 107 ? -30.71539 5.61092   14.94654  1.000 82.66364  ? 107 THR A CB  1 
ATOM   744 O OG1 . THR A 1 107 ? -31.66792 6.43017   14.26100  1.000 84.54098  ? 107 THR A OG1 1 
ATOM   745 C CG2 . THR A 1 107 ? -29.30596 6.05111   14.53194  1.000 81.77729  ? 107 THR A CG2 1 
ATOM   746 N N   . SER A 1 108 ? -32.81578 2.53389   14.84825  1.000 85.09161  ? 108 SER A N   1 
ATOM   747 C CA  . SER A 1 108 ? -34.20185 2.08085   14.76943  1.000 84.10782  ? 108 SER A CA  1 
ATOM   748 C C   . SER A 1 108 ? -35.02705 2.55293   15.98001  1.000 83.55729  ? 108 SER A C   1 
ATOM   749 O O   . SER A 1 108 ? -34.48850 3.03042   16.98228  1.000 83.18927  ? 108 SER A O   1 
ATOM   750 C CB  . SER A 1 108 ? -34.24022 0.55347   14.63415  1.000 82.37836  ? 108 SER A CB  1 
ATOM   751 O OG  . SER A 1 108 ? -34.06378 -0.10675  15.87998  1.000 77.60571  ? 108 SER A OG  1 
ATOM   752 N N   . ILE A 1 109 ? -36.35709 2.44578   15.85916  1.000 86.08866  ? 109 ILE A N   1 
ATOM   753 C CA  . ILE A 1 109 ? -37.30068 2.80759   16.92728  1.000 86.37705  ? 109 ILE A CA  1 
ATOM   754 C C   . ILE A 1 109 ? -38.18215 1.60293   17.23515  1.000 86.41028  ? 109 ILE A C   1 
ATOM   755 O O   . ILE A 1 109 ? -38.91364 1.12829   16.35667  1.000 83.06640  ? 109 ILE A O   1 
ATOM   756 C CB  . ILE A 1 109 ? -38.20296 3.99957   16.55730  1.000 86.10363  ? 109 ILE A CB  1 
ATOM   757 C CG1 . ILE A 1 109 ? -37.40187 5.22411   16.12894  1.000 86.11848  ? 109 ILE A CG1 1 
ATOM   758 C CG2 . ILE A 1 109 ? -39.13871 4.34991   17.71051  1.000 85.32101  ? 109 ILE A CG2 1 
ATOM   759 C CD1 . ILE A 1 109 ? -37.28359 5.31153   14.63946  1.000 87.41231  ? 109 ILE A CD1 1 
ATOM   760 N N   . VAL A 1 110 ? -38.14940 1.14445   18.49005  1.000 86.94060  ? 110 VAL A N   1 
ATOM   761 C CA  . VAL A 1 110 ? -39.00786 0.05043   18.96626  1.000 87.91594  ? 110 VAL A CA  1 
ATOM   762 C C   . VAL A 1 110 ? -39.43554 0.30819   20.41204  1.000 92.08957  ? 110 VAL A C   1 
ATOM   763 O O   . VAL A 1 110 ? -40.44474 -0.22481  20.87863  1.000 93.25844  ? 110 VAL A O   1 
ATOM   764 C CB  . VAL A 1 110 ? -38.30752 -1.33154  18.85396  1.000 85.54315  ? 110 VAL A CB  1 
ATOM   765 C CG1 . VAL A 1 110 ? -38.02700 -1.72074  17.40252  1.000 83.82563  ? 110 VAL A CG1 1 
ATOM   766 C CG2 . VAL A 1 110 ? -37.02238 -1.33480  19.65862  1.000 83.36453  ? 110 VAL A CG2 1 
HETATM 767 O O   . HOH B 2 .   ? 5.99319   -2.79923  -11.44934 1.000 43.98257  ? 201 HOH A O   1 
HETATM 768 O O   . HOH B 2 .   ? -12.61167 -7.51027  -5.73415  1.000 41.82837  ? 202 HOH A O   1 
# 
loop_
_atom_site_anisotrop.id 
_atom_site_anisotrop.type_symbol 
_atom_site_anisotrop.pdbx_label_atom_id 
_atom_site_anisotrop.pdbx_label_alt_id 
_atom_site_anisotrop.pdbx_label_comp_id 
_atom_site_anisotrop.pdbx_label_asym_id 
_atom_site_anisotrop.pdbx_label_seq_id 
_atom_site_anisotrop.pdbx_PDB_ins_code 
_atom_site_anisotrop.U[1][1] 
_atom_site_anisotrop.U[2][2] 
_atom_site_anisotrop.U[3][3] 
_atom_site_anisotrop.U[1][2] 
_atom_site_anisotrop.U[1][3] 
_atom_site_anisotrop.U[2][3] 
_atom_site_anisotrop.pdbx_auth_seq_id 
_atom_site_anisotrop.pdbx_auth_comp_id 
_atom_site_anisotrop.pdbx_auth_asym_id 
_atom_site_anisotrop.pdbx_auth_atom_id 
1   N N   . MET A 1   ? 0.93389 1.80872 2.07725 0.23380  0.14835  0.26803  1   MET A N   
2   C CA  . MET A 1   ? 0.82651 1.74459 2.00101 0.21737  0.09522  0.31655  1   MET A CA  
3   C C   . MET A 1   ? 0.75510 1.63150 1.88444 0.17080  0.04055  0.33250  1   MET A C   
4   O O   . MET A 1   ? 0.74087 1.64114 1.87541 0.14348  -0.00531 0.35748  1   MET A O   
5   C CB  . MET A 1   ? 0.69532 1.71113 1.89776 0.20083  0.10238  0.32708  1   MET A CB  
6   C CG  . MET A 1   ? 0.65832 1.70107 1.82076 0.14939  0.10126  0.32422  1   MET A CG  
7   S SD  . MET A 1   ? 0.71049 1.75327 1.82307 0.15074  0.15934  0.27576  1   MET A SD  
8   C CE  . MET A 1   ? 0.57370 1.72016 1.72163 0.17971  0.21189  0.25907  1   MET A CE  
9   N N   . VAL A 2   ? 0.69658 1.48197 1.74815 0.15673  0.04521  0.30288  2   VAL A N   
10  C CA  . VAL A 2   ? 0.65287 1.38184 1.64522 0.11735  -0.00184 0.30738  2   VAL A CA  
11  C C   . VAL A 2   ? 0.65307 1.26848 1.57270 0.13134  0.00273  0.28448  2   VAL A C   
12  O O   . VAL A 2   ? 0.66699 1.23868 1.56969 0.15351  0.04735  0.25432  2   VAL A O   
13  C CB  . VAL A 2   ? 0.62778 1.37580 1.59259 0.07039  -0.00107 0.29943  2   VAL A CB  
14  C CG1 . VAL A 2   ? 0.60046 1.31199 1.50774 0.07248  0.04683  0.25774  2   VAL A CG1 
15  C CG2 . VAL A 2   ? 0.63291 1.33068 1.55659 0.03274  -0.05236 0.30576  2   VAL A CG2 
16  N N   . GLU A 3   ? 0.64142 1.21320 1.52231 0.11841  -0.04268 0.29752  3   GLU A N   
17  C CA  . GLU A 3   ? 0.64817 1.12293 1.46094 0.12898  -0.04098 0.28566  3   GLU A CA  
18  C C   . GLU A 3   ? 0.63016 1.05943 1.37001 0.08802  -0.06410 0.26883  3   GLU A C   
19  O O   . GLU A 3   ? 0.62485 1.08474 1.36894 0.06061  -0.10581 0.27878  3   GLU A O   
20  C CB  . GLU A 3   ? 0.68157 1.15434 1.50865 0.16029  -0.07025 0.32063  3   GLU A CB  
21  C CG  . GLU A 3   ? 0.66887 1.21447 1.58701 0.19833  -0.06317 0.34990  3   GLU A CG  
22  C CD  . GLU A 3   ? 0.68127 1.24352 1.61404 0.22704  -0.10037 0.39266  3   GLU A CD  
23  O OE1 . GLU A 3   ? 0.71461 1.22446 1.57935 0.22184  -0.12353 0.39705  3   GLU A OE1 
24  O OE2 . GLU A 3   ? 0.67571 1.31347 1.68790 0.25587  -0.10662 0.42427  3   GLU A OE2 
25  N N   . ILE A 4   ? 0.67683 1.03364 1.35758 0.08383  -0.03702 0.24176  4   ILE A N   
26  C CA  . ILE A 4   ? 0.65468 0.96856 1.26897 0.05029  -0.05204 0.22533  4   ILE A CA  
27  C C   . ILE A 4   ? 0.69973 0.93509 1.25613 0.06280  -0.04907 0.22224  4   ILE A C   
28  O O   . ILE A 4   ? 0.75825 0.95190 1.31487 0.08242  -0.01270 0.21346  4   ILE A O   
29  C CB  . ILE A 4   ? 0.63797 0.95847 1.23744 0.02605  -0.02119 0.19815  4   ILE A CB  
30  C CG1 . ILE A 4   ? 0.59889 1.00865 1.25857 0.01829  -0.01310 0.20768  4   ILE A CG1 
31  C CG2 . ILE A 4   ? 0.63472 0.92026 1.17838 -0.00534 -0.04090 0.18933  4   ILE A CG2 
32  C CD1 . ILE A 4   ? 0.62992 1.06878 1.32013 0.04354  0.03535  0.18940  4   ILE A CD1 
33  N N   . ALA A 5   ? 0.68142 0.89738 1.19135 0.05014  -0.08509 0.22729  5   ALA A N   
34  C CA  . ALA A 5   ? 0.71738 0.87092 1.16574 0.05801  -0.08248 0.22776  5   ALA A CA  
35  C C   . ALA A 5   ? 0.69603 0.81710 1.09285 0.02749  -0.07836 0.20098  5   ALA A C   
36  O O   . ALA A 5   ? 0.66483 0.80855 1.06038 0.00317  -0.10260 0.19194  5   ALA A O   
37  C CB  . ALA A 5   ? 0.71125 0.87951 1.13803 0.07242  -0.12454 0.25198  5   ALA A CB  
38  N N   . ILE A 6   ? 0.70196 0.77130 1.06584 0.02836  -0.04745 0.19056  6   ILE A N   
39  C CA  . ILE A 6   ? 0.68526 0.73055 1.00473 0.00243  -0.04173 0.16857  6   ILE A CA  
40  C C   . ILE A 6   ? 0.71844 0.71770 0.98614 0.01106  -0.03909 0.17698  6   ILE A C   
41  O O   . ILE A 6   ? 0.76304 0.73333 1.03636 0.03101  -0.01880 0.19407  6   ILE A O   
42  C CB  . ILE A 6   ? 0.67217 0.71795 1.00526 -0.01344 -0.00513 0.14297  6   ILE A CB  
43  C CG1 . ILE A 6   ? 0.64227 0.67972 0.93502 -0.04017 -0.00633 0.12707  6   ILE A CG1 
44  C CG2 . ILE A 6   ? 0.71747 0.72641 1.06954 0.00409  0.03199  0.13689  6   ILE A CG2 
45  C CD1 . ILE A 6   ? 0.59382 0.65723 0.89596 -0.06016 0.01845  0.10399  6   ILE A CD1 
46  N N   . ASN A 7   ? 0.66974 0.66478 0.89379 -0.00177 -0.05797 0.16837  7   ASN A N   
47  C CA  . ASN A 7   ? 0.68207 0.64816 0.85382 0.00792  -0.05541 0.17785  7   ASN A CA  
48  C C   . ASN A 7   ? 0.68562 0.62562 0.83604 -0.01124 -0.02811 0.16106  7   ASN A C   
49  O O   . ASN A 7   ? 0.66140 0.61403 0.82272 -0.03328 -0.02571 0.13977  7   ASN A O   
50  C CB  . ASN A 7   ? 0.68840 0.67330 0.82144 0.01218  -0.09520 0.17441  7   ASN A CB  
51  C CG  . ASN A 7   ? 0.68638 0.71072 0.84840 0.02146  -0.13081 0.18255  7   ASN A CG  
52  O OD1 . ASN A 7   ? 0.66376 0.70928 0.84120 0.00598  -0.16083 0.16409  7   ASN A OD1 
53  N ND2 . ASN A 7   ? 0.72262 0.75870 0.90131 0.04632  -0.12805 0.21327  7   ASN A ND2 
54  N N   . PRO A 8   ? 0.71741 0.62874 0.84209 -0.00360 -0.00753 0.17565  8   PRO A N   
55  C CA  . PRO A 8   ? 0.73312 0.62863 0.84056 -0.02329 0.01538  0.16175  8   PRO A CA  
56  C C   . PRO A 8   ? 0.72118 0.63464 0.79287 -0.03075 -0.00524 0.14636  8   PRO A C   
57  O O   . PRO A 8   ? 0.73223 0.65859 0.77908 -0.01722 -0.03437 0.14714  8   PRO A O   
58  C CB  . PRO A 8   ? 0.75779 0.62556 0.85090 -0.01048 0.03762  0.19153  8   PRO A CB  
59  C CG  . PRO A 8   ? 0.75838 0.63969 0.83534 0.01947  0.01556  0.22212  8   PRO A CG  
60  C CD  . PRO A 8   ? 0.73556 0.63569 0.85068 0.02325  -0.00435 0.21260  8   PRO A CD  
61  N N   . ALA A 9   ? 0.73861 0.65543 0.81277 -0.05203 0.00903  0.12945  9   ALA A N   
62  C CA  . ALA A 9   ? 0.74978 0.68110 0.80344 -0.05666 -0.00714 0.11636  9   ALA A CA  
63  C C   . ALA A 9   ? 0.78787 0.71305 0.79312 -0.03943 -0.00645 0.12302  9   ALA A C   
64  O O   . ALA A 9   ? 0.78319 0.69866 0.77458 -0.03505 0.01772  0.14101  9   ALA A O   
65  C CB  . ALA A 9   ? 0.71015 0.65797 0.78283 -0.08089 0.00862  0.10408  9   ALA A CB  
66  N N   . SER A 10  ? 0.80294 0.73569 0.78654 -0.02972 -0.03161 0.10769  10  SER A N   
67  C CA  . SER A 10  ? 0.82750 0.76475 0.76039 -0.00986 -0.03165 0.10429  10  SER A CA  
68  C C   . SER A 10  ? 0.85663 0.79759 0.79161 -0.01244 -0.03614 0.08045  10  SER A C   
69  O O   . SER A 10  ? 0.82587 0.76667 0.80298 -0.02971 -0.04256 0.07334  10  SER A O   
70  C CB  . SER A 10  ? 0.85386 0.79962 0.75303 0.01263  -0.06089 0.10073  10  SER A CB  
71  O OG  . SER A 10  ? 0.85501 0.79995 0.77560 0.00788  -0.09689 0.07343  10  SER A OG  
72  N N   . GLU A 11  ? 0.92451 0.87415 0.81564 0.00795  -0.03065 0.07162  11  GLU A N   
73  C CA  . GLU A 11  ? 0.88498 0.83650 0.77882 0.01471  -0.03293 0.04697  11  GLU A CA  
74  C C   . GLU A 11  ? 0.80621 0.76622 0.74430 -0.00621 -0.01289 0.05886  11  GLU A C   
75  O O   . GLU A 11  ? 0.78143 0.73892 0.75559 -0.01110 -0.02427 0.04860  11  GLU A O   
76  C CB  . GLU A 11  ? 0.86616 0.79945 0.77632 0.01888  -0.07110 0.01440  11  GLU A CB  
77  C CG  . GLU A 11  ? 0.94600 0.88276 0.81118 0.03767  -0.09718 -0.00541 11  GLU A CG  
78  C CD  . GLU A 11  ? 0.92480 0.84344 0.82465 0.02975  -0.13952 -0.03448 11  GLU A CD  
79  O OE1 . GLU A 11  ? 0.94800 0.84396 0.88957 0.02425  -0.14943 -0.05560 11  GLU A OE1 
80  O OE2 . GLU A 11  ? 0.98923 0.91837 0.88223 0.02866  -0.16323 -0.03270 11  GLU A OE2 
81  N N   . ILE A 12  ? 0.80620 0.77952 0.74610 -0.01951 0.01606  0.08246  12  ILE A N   
82  C CA  . ILE A 12  ? 0.76540 0.75814 0.74588 -0.04433 0.03217  0.09114  12  ILE A CA  
83  C C   . ILE A 12  ? 0.73395 0.75402 0.71305 -0.03527 0.04852  0.09125  12  ILE A C   
84  O O   . ILE A 12  ? 0.74355 0.77442 0.69082 -0.01983 0.06715  0.09745  12  ILE A O   
85  C CB  . ILE A 12  ? 0.73583 0.72825 0.72739 -0.06576 0.05401  0.10726  12  ILE A CB  
86  C CG1 . ILE A 12  ? 0.74513 0.71415 0.74653 -0.06984 0.04021  0.10673  12  ILE A CG1 
87  C CG2 . ILE A 12  ? 0.66889 0.69214 0.69742 -0.09357 0.06810  0.10749  12  ILE A CG2 
88  C CD1 . ILE A 12  ? 0.74364 0.69255 0.73769 -0.06790 0.05748  0.12456  12  ILE A CD1 
89  N N   . THR A 13  ? 0.71977 0.75919 0.73705 -0.04314 0.04316  0.08984  13  THR A N   
90  C CA  . THR A 13  ? 0.69186 0.76446 0.71931 -0.03212 0.05847  0.09339  13  THR A CA  
91  C C   . THR A 13  ? 0.63085 0.74978 0.70118 -0.05976 0.06776  0.10988  13  THR A C   
92  O O   . THR A 13  ? 0.60787 0.73341 0.68901 -0.08850 0.06913  0.11355  13  THR A O   
93  C CB  . THR A 13  ? 0.70046 0.75731 0.73718 -0.00392 0.04129  0.07574  13  THR A CB  
94  O OG1 . THR A 13  ? 0.71486 0.75095 0.78720 -0.01505 0.01465  0.07513  13  THR A OG1 
95  C CG2 . THR A 13  ? 0.79298 0.82322 0.77749 0.02670  0.03734  0.05028  13  THR A CG2 
96  N N   . ALA A 14  ? 0.60247 0.76007 0.69730 -0.04948 0.07510  0.11757  14  ALA A N   
97  C CA  . ALA A 14  ? 0.56386 0.78140 0.69969 -0.07460 0.07958  0.13476  14  ALA A CA  
98  C C   . ALA A 14  ? 0.55617 0.78072 0.71971 -0.08917 0.05724  0.14146  14  ALA A C   
99  O O   . ALA A 14  ? 0.51705 0.79043 0.69836 -0.11835 0.05824  0.14913  14  ALA A O   
100 C CB  . ALA A 14  ? 0.53390 0.79846 0.69639 -0.05475 0.09053  0.14707  14  ALA A CB  
101 N N   . THR A 15  ? 0.57657 0.75856 0.74600 -0.07095 0.03703  0.13799  15  THR A N   
102 C CA  . THR A 15  ? 0.57141 0.77065 0.77719 -0.08389 0.01862  0.15564  15  THR A CA  
103 C C   . THR A 15  ? 0.60376 0.74873 0.80529 -0.08280 -0.00100 0.14575  15  THR A C   
104 O O   . THR A 15  ? 0.59618 0.75097 0.83603 -0.08897 -0.01665 0.16537  15  THR A O   
105 C CB  . THR A 15  ? 0.52704 0.75280 0.78320 -0.06601 0.01173  0.18114  15  THR A CB  
106 O OG1 . THR A 15  ? 0.55018 0.72477 0.80571 -0.03077 0.01106  0.16366  15  THR A OG1 
107 C CG2 . THR A 15  ? 0.48439 0.79365 0.75962 -0.07557 0.02546  0.20246  15  THR A CG2 
108 N N   . SER A 16  ? 0.67457 0.77151 0.83553 -0.07597 -0.00104 0.12156  16  SER A N   
109 C CA  . SER A 16  ? 0.67553 0.73020 0.83779 -0.07476 -0.02289 0.11227  16  SER A CA  
110 C C   . SER A 16  ? 0.67938 0.71004 0.79748 -0.07642 -0.01765 0.09689  16  SER A C   
111 O O   . SER A 16  ? 0.68065 0.71399 0.76614 -0.07287 0.00245  0.09311  16  SER A O   
112 C CB  . SER A 16  ? 0.70331 0.71468 0.87962 -0.05007 -0.04196 0.09749  16  SER A CB  
113 O OG  . SER A 16  ? 0.92501 0.91711 1.05685 -0.02546 -0.03249 0.07228  16  SER A OG  
114 N N   . ALA A 17  ? 1.00607 0.72805 0.65050 -0.25929 0.00707  -0.00925 17  ALA A N   
115 C CA  . ALA A 17  ? 0.99149 0.71583 0.64892 -0.28842 -0.04328 0.00528  17  ALA A CA  
116 C C   . ALA A 17  ? 1.01802 0.71793 0.66130 -0.29042 -0.03544 -0.03271 17  ALA A C   
117 O O   . ALA A 17  ? 1.02472 0.68813 0.65813 -0.26763 -0.00127 -0.07337 17  ALA A O   
118 C CB  . ALA A 17  ? 0.94653 0.64344 0.65549 -0.28978 -0.09320 0.02460  17  ALA A CB  
119 N N   . PHE A 18  ? 1.01300 0.74124 0.65813 -0.32110 -0.06956 -0.01321 18  PHE A N   
120 C CA  . PHE A 18  ? 1.02595 0.75098 0.66166 -0.33198 -0.07124 -0.03879 18  PHE A CA  
121 C C   . PHE A 18  ? 0.95413 0.67205 0.66000 -0.31784 -0.12045 -0.01482 18  PHE A C   
122 O O   . PHE A 18  ? 0.91453 0.65657 0.64817 -0.34245 -0.16538 0.03386  18  PHE A O   
123 C CB  . PHE A 18  ? 1.03003 0.81870 0.61578 -0.37508 -0.06332 -0.03141 18  PHE A CB  
124 C CG  . PHE A 18  ? 0.99566 0.79982 0.57082 -0.38816 -0.06164 -0.05312 18  PHE A CG  
125 C CD1 . PHE A 18  ? 0.96505 0.81958 0.56784 -0.41611 -0.11223 -0.01289 18  PHE A CD1 
126 C CD2 . PHE A 18  ? 0.98446 0.76576 0.54039 -0.36344 -0.00709 -0.10035 18  PHE A CD2 
127 C CE1 . PHE A 18  ? 0.92925 0.81342 0.52733 -0.42636 -0.10953 -0.02524 18  PHE A CE1 
128 C CE2 . PHE A 18  ? 0.96267 0.76939 0.51927 -0.37258 -0.00440 -0.11200 18  PHE A CE2 
129 C CZ  . PHE A 18  ? 0.94140 0.80010 0.51152 -0.40707 -0.05527 -0.07814 18  PHE A CZ  
130 N N   . ILE A 19  ? 0.99556 0.68739 0.73799 -0.27629 -0.10795 -0.04611 19  ILE A N   
131 C CA  . ILE A 19  ? 0.94976 0.63005 0.76041 -0.25989 -0.14084 -0.03581 19  ILE A CA  
132 C C   . ILE A 19  ? 0.94669 0.64601 0.75574 -0.26714 -0.13981 -0.05206 19  ILE A C   
133 O O   . ILE A 19  ? 0.96190 0.67265 0.73347 -0.26149 -0.10204 -0.08568 19  ILE A O   
134 C CB  . ILE A 19  ? 0.91047 0.56595 0.77248 -0.21287 -0.12421 -0.05936 19  ILE A CB  
135 C CG1 . ILE A 19  ? 0.92331 0.59119 0.78005 -0.18157 -0.08080 -0.10009 19  ILE A CG1 
136 C CG2 . ILE A 19  ? 0.90119 0.54754 0.76272 -0.21510 -0.13072 -0.03938 19  ILE A CG2 
137 C CD1 . ILE A 19  ? 0.87197 0.54698 0.78138 -0.14740 -0.06637 -0.11702 19  ILE A CD1 
138 N N   . SER A 20  ? 0.89242 0.59885 0.74887 -0.28093 -0.18375 -0.02063 20  SER A N   
139 C CA  . SER A 20  ? 0.88097 0.61995 0.74046 -0.29826 -0.19336 -0.02472 20  SER A CA  
140 C C   . SER A 20  ? 0.85811 0.57962 0.80800 -0.28575 -0.23607 0.00336  20  SER A C   
141 O O   . SER A 20  ? 0.85534 0.54393 0.86245 -0.27058 -0.25976 0.03415  20  SER A O   
142 C CB  . SER A 20  ? 0.87561 0.69225 0.68590 -0.35517 -0.20732 0.00585  20  SER A CB  
143 O OG  . SER A 20  ? 0.85703 0.70480 0.68970 -0.38142 -0.24831 0.06833  20  SER A OG  
144 N N   . GLY A 21  ? 0.89072 0.63496 0.85837 -0.29009 -0.24162 -0.00809 21  GLY A N   
145 C CA  . GLY A 21  ? 0.86502 0.61257 0.93202 -0.26579 -0.27139 0.02225  21  GLY A CA  
146 C C   . GLY A 21  ? 0.85643 0.68340 0.92255 -0.28558 -0.27702 0.02945  21  GLY A C   
147 O O   . GLY A 21  ? 0.87557 0.74179 0.85788 -0.32194 -0.25618 0.00232  21  GLY A O   
148 N N   . THR A 22  ? 0.82344 0.67494 0.98699 -0.26288 -0.30304 0.06704  22  THR A N   
149 C CA  . THR A 22  ? 0.83640 0.78021 1.01455 -0.28166 -0.31422 0.08580  22  THR A CA  
150 C C   . THR A 22  ? 0.83996 0.76957 1.12794 -0.23214 -0.31980 0.09190  22  THR A C   
151 O O   . THR A 22  ? 0.80714 0.68751 1.18691 -0.19342 -0.33302 0.12087  22  THR A O   
152 C CB  . THR A 22  ? 0.80771 0.86521 0.99282 -0.32804 -0.35408 0.16716  22  THR A CB  
153 O OG1 . THR A 22  ? 0.81882 0.89310 0.89502 -0.37710 -0.34153 0.15181  22  THR A OG1 
154 C CG2 . THR A 22  ? 0.81489 0.98486 1.01957 -0.35272 -0.36902 0.19293  22  THR A CG2 
155 N N   . VAL A 23  ? 0.88743 0.85664 1.16505 -0.23491 -0.30527 0.06079  23  VAL A N   
156 C CA  . VAL A 23  ? 0.87962 0.85759 1.25883 -0.19146 -0.30668 0.06579  23  VAL A CA  
157 C C   . VAL A 23  ? 0.86891 0.98422 1.28696 -0.21976 -0.33783 0.13228  23  VAL A C   
158 O O   . VAL A 23  ? 0.92235 1.10939 1.25462 -0.27390 -0.33480 0.11929  23  VAL A O   
159 C CB  . VAL A 23  ? 0.89567 0.82118 1.23500 -0.17370 -0.26535 -0.02009 23  VAL A CB  
160 C CG1 . VAL A 23  ? 0.88502 0.83196 1.32774 -0.13114 -0.26353 -0.01713 23  VAL A CG1 
161 C CG2 . VAL A 23  ? 0.89508 0.70419 1.19520 -0.15236 -0.23788 -0.07646 23  VAL A CG2 
162 N N   . THR A 24  ? 0.82879 0.98435 1.37634 -0.18750 -0.36693 0.20729  24  THR A N   
163 C CA  . THR A 24  ? 0.81534 1.12061 1.41278 -0.21704 -0.40528 0.29493  24  THR A CA  
164 C C   . THR A 24  ? 0.83935 1.20837 1.53142 -0.18460 -0.40374 0.30907  24  THR A C   
165 O O   . THR A 24  ? 0.88440 1.36774 1.54122 -0.22751 -0.41138 0.31754  24  THR A O   
166 C CB  . THR A 24  ? 0.83816 1.16828 1.52091 -0.21034 -0.44486 0.39425  24  THR A CB  
167 O OG1 . THR A 24  ? 0.85016 1.05513 1.62548 -0.14388 -0.43247 0.38727  24  THR A OG1 
168 C CG2 . THR A 24  ? 0.84617 1.18446 1.41995 -0.26866 -0.45592 0.39962  24  THR A CG2 
169 N N   . LYS A 25  ? 0.83068 1.13090 1.64170 -0.11270 -0.39110 0.30939  25  LYS A N   
170 C CA  . LYS A 25  ? 0.89401 1.24837 1.80130 -0.07392 -0.38166 0.31562  25  LYS A CA  
171 C C   . LYS A 25  ? 0.86103 1.09672 1.75522 -0.03055 -0.33310 0.21269  25  LYS A C   
172 O O   . LYS A 25  ? 0.86912 0.97575 1.76308 -0.00104 -0.31350 0.17105  25  LYS A O   
173 C CB  . LYS A 25  ? 1.02410 1.42203 2.10888 -0.02282 -0.40543 0.41765  25  LYS A CB  
174 C CG  . LYS A 25  ? 0.91371 1.45896 2.03596 -0.06378 -0.45857 0.54010  25  LYS A CG  
175 C CD  . LYS A 25  ? 0.84929 1.57662 1.96469 -0.10742 -0.47891 0.58032  25  LYS A CD  
176 C CE  . LYS A 25  ? 0.92944 1.71671 1.86836 -0.20156 -0.48592 0.54065  25  LYS A CE  
177 N NZ  . LYS A 25  ? 0.85064 1.80066 1.76465 -0.25068 -0.49767 0.57721  25  LYS A NZ  
178 N N   . GLY A 36  ? 1.16238 1.27555 1.29198 -0.21897 -0.04724 -0.36956 36  GLY A N   
179 C CA  . GLY A 36  ? 1.24458 1.25051 1.29709 -0.18821 -0.02546 -0.34553 36  GLY A CA  
180 C C   . GLY A 36  ? 1.29427 1.24989 1.38973 -0.14299 -0.02630 -0.34681 36  GLY A C   
181 O O   . GLY A 36  ? 1.24103 1.18878 1.36517 -0.10981 -0.00971 -0.35623 36  GLY A O   
182 N N   . CYS A 37  ? 1.05806 1.36495 1.81225 -0.20590 -0.39012 0.04975  37  CYS A N   
183 C CA  . CYS A 37  ? 0.98634 1.31431 1.71170 -0.17787 -0.35094 0.04483  37  CYS A CA  
184 C C   . CYS A 37  ? 0.93102 1.15811 1.53929 -0.17229 -0.35446 0.06239  37  CYS A C   
185 O O   . CYS A 37  ? 0.98895 1.10453 1.52165 -0.16883 -0.40324 0.06641  37  CYS A O   
186 C CB  . CYS A 37  ? 0.80975 1.13738 1.55428 -0.12993 -0.37992 0.01958  37  CYS A CB  
187 S SG  . CYS A 37  ? 0.94712 1.37788 1.83992 -0.12595 -0.39626 -0.00302 37  CYS A SG  
188 N N   . ASN A 38  ? 0.74567 1.00954 1.33678 -0.17169 -0.30237 0.07061  38  ASN A N   
189 C CA  . ASN A 38  ? 0.70056 0.89090 1.20211 -0.17070 -0.29851 0.08891  38  ASN A CA  
190 C C   . ASN A 38  ? 0.71536 0.83937 1.13150 -0.12148 -0.29820 0.07072  38  ASN A C   
191 O O   . ASN A 38  ? 0.68623 0.85985 1.13148 -0.09855 -0.28204 0.05409  38  ASN A O   
192 C CB  . ASN A 38  ? 0.64623 0.89602 1.14978 -0.19420 -0.23659 0.11012  38  ASN A CB  
193 C CG  . ASN A 38  ? 0.65160 0.81832 1.05485 -0.18242 -0.22418 0.12600  38  ASN A CG  
194 O OD1 . ASN A 38  ? 0.67280 0.74432 1.02213 -0.17691 -0.25515 0.12974  38  ASN A OD1 
195 N ND2 . ASN A 38  ? 0.62958 0.82759 1.00817 -0.17397 -0.17973 0.13033  38  ASN A ND2 
196 N N   . ILE A 39  ? 0.80023 0.80677 1.10589 -0.10619 -0.30769 0.07292  39  ILE A N   
197 C CA  . ILE A 39  ? 0.82181 0.75415 1.03006 -0.06773 -0.29168 0.05870  39  ILE A CA  
198 C C   . ILE A 39  ? 0.82879 0.72366 0.97825 -0.06637 -0.24738 0.07132  39  ILE A C   
199 O O   . ILE A 39  ? 0.82634 0.67559 0.95893 -0.08006 -0.25675 0.08355  39  ILE A O   
200 C CB  . ILE A 39  ? 0.88428 0.69393 1.00554 -0.04705 -0.34564 0.04173  39  ILE A CB  
201 C CG1 . ILE A 39  ? 0.85000 0.69514 1.04998 -0.05242 -0.41065 0.03250  39  ILE A CG1 
202 C CG2 . ILE A 39  ? 0.91449 0.66054 0.94335 -0.01342 -0.32409 0.02760  39  ILE A CG2 
203 C CD1 . ILE A 39  ? 0.93410 0.64543 1.03779 -0.03969 -0.47938 0.01980  39  ILE A CD1 
204 N N   . SER A 40  ? 0.75580 0.66822 0.88162 -0.04915 -0.20271 0.06704  40  SER A N   
205 C CA  . SER A 40  ? 0.74527 0.64598 0.84553 -0.04687 -0.16211 0.07757  40  SER A CA  
206 C C   . SER A 40  ? 0.76525 0.61560 0.79805 -0.02086 -0.12989 0.06086  40  SER A C   
207 O O   . SER A 40  ? 0.77004 0.63692 0.79529 -0.01106 -0.12465 0.04858  40  SER A O   
208 C CB  . SER A 40  ? 0.66438 0.66841 0.83109 -0.06928 -0.13678 0.09688  40  SER A CB  
209 O OG  . SER A 40  ? 0.66521 0.71383 0.88755 -0.10050 -0.15844 0.11313  40  SER A OG  
210 N N   . LEU A 41  ? 0.77350 0.56107 0.76233 -0.01055 -0.10520 0.05945  41  LEU A N   
211 C CA  . LEU A 41  ? 0.79006 0.54693 0.73476 0.00491  -0.05897 0.04667  41  LEU A CA  
212 C C   . LEU A 41  ? 0.71701 0.56199 0.73482 -0.00363 -0.02920 0.06057  41  LEU A C   
213 O O   . LEU A 41  ? 0.71566 0.57346 0.77423 -0.00626 -0.03052 0.07458  41  LEU A O   
214 C CB  . LEU A 41  ? 0.84649 0.48838 0.71082 0.02018  -0.04011 0.03226  41  LEU A CB  
215 C CG  . LEU A 41  ? 0.94362 0.46212 0.68750 0.02971  -0.05775 0.01347  41  LEU A CG  
216 C CD1 . LEU A 41  ? 1.03248 0.43738 0.69974 0.03867  -0.04357 0.00049  41  LEU A CD1 
217 C CD2 . LEU A 41  ? 0.97064 0.46121 0.65528 0.03548  -0.02512 0.00217  41  LEU A CD2 
218 N N   . LEU A 42  ? 0.69587 0.59306 0.72701 -0.00778 -0.00921 0.05689  42  LEU A N   
219 C CA  . LEU A 42  ? 0.64783 0.62475 0.74009 -0.02014 0.00841  0.06939  42  LEU A CA  
220 C C   . LEU A 42  ? 0.64099 0.59980 0.72030 -0.01322 0.05042  0.05542  42  LEU A C   
221 O O   . LEU A 42  ? 0.65871 0.58581 0.68728 -0.01083 0.06671  0.03963  42  LEU A O   
222 C CB  . LEU A 42  ? 0.61640 0.67064 0.73537 -0.03787 -0.00089 0.07470  42  LEU A CB  
223 C CG  . LEU A 42  ? 0.60137 0.68890 0.74338 -0.05073 -0.02979 0.08343  42  LEU A CG  
224 C CD1 . LEU A 42  ? 0.55878 0.72824 0.72989 -0.07232 -0.02049 0.08881  42  LEU A CD1 
225 C CD2 . LEU A 42  ? 0.59528 0.66515 0.75560 -0.05898 -0.05323 0.10319  42  LEU A CD2 
226 N N   . TYR A 43  ? 0.61141 0.59098 0.74400 -0.01108 0.06641  0.06155  43  TYR A N   
227 C CA  . TYR A 43  ? 0.59994 0.57750 0.74822 -0.00884 0.11117  0.04758  43  TYR A CA  
228 C C   . TYR A 43  ? 0.52709 0.59560 0.76870 -0.02188 0.10365  0.06139  43  TYR A C   
229 O O   . TYR A 43  ? 0.50389 0.61381 0.79042 -0.02588 0.06639  0.08353  43  TYR A O   
230 C CB  . TYR A 43  ? 0.62332 0.52894 0.75578 0.01117  0.14568  0.03275  43  TYR A CB  
231 C CG  . TYR A 43  ? 0.60629 0.53444 0.81962 0.02540  0.13522  0.04293  43  TYR A CG  
232 C CD1 . TYR A 43  ? 0.56188 0.53434 0.86942 0.03311  0.16494  0.03773  43  TYR A CD1 
233 C CD2 . TYR A 43  ? 0.62781 0.52819 0.82959 0.03179  0.09394  0.05658  43  TYR A CD2 
234 C CE1 . TYR A 43  ? 0.53639 0.52453 0.92730 0.05335  0.14959  0.04611  43  TYR A CE1 
235 C CE2 . TYR A 43  ? 0.59507 0.49990 0.86437 0.04728  0.08058  0.06661  43  TYR A CE2 
236 C CZ  . TYR A 43  ? 0.54797 0.49524 0.91189 0.06145  0.10698  0.06109  43  TYR A CZ  
237 O OH  . TYR A 43  ? 0.52590 0.47422 0.96707 0.08388  0.08890  0.06977  43  TYR A OH  
238 N N   . TRP A 44  ? 0.51310 0.60490 0.77600 -0.03266 0.13413  0.04969  44  TRP A N   
239 C CA  . TRP A 44  ? 0.45297 0.62697 0.80352 -0.04838 0.11957  0.06017  44  TRP A CA  
240 C C   . TRP A 44  ? 0.44372 0.62461 0.82664 -0.05815 0.16662  0.04048  44  TRP A C   
241 O O   . TRP A 44  ? 0.48183 0.59947 0.79211 -0.05994 0.20798  0.02210  44  TRP A O   
242 C CB  . TRP A 44  ? 0.46088 0.67509 0.78410 -0.07142 0.08375  0.07214  44  TRP A CB  
243 C CG  . TRP A 44  ? 0.49783 0.68217 0.74956 -0.08087 0.10636  0.05314  44  TRP A CG  
244 C CD1 . TRP A 44  ? 0.50719 0.70324 0.76103 -0.10015 0.12432  0.04052  44  TRP A CD1 
245 C CD2 . TRP A 44  ? 0.53330 0.66306 0.70421 -0.07003 0.10879  0.04385  44  TRP A CD2 
246 N NE1 . TRP A 44  ? 0.54057 0.68448 0.71106 -0.10029 0.13907  0.02467  44  TRP A NE1 
247 C CE2 . TRP A 44  ? 0.55544 0.66124 0.67930 -0.07931 0.12757  0.02645  44  TRP A CE2 
248 C CE3 . TRP A 44  ? 0.55415 0.65216 0.69436 -0.05421 0.09101  0.04847  44  TRP A CE3 
249 C CZ2 . TRP A 44  ? 0.61024 0.66068 0.66118 -0.06714 0.12634  0.01419  44  TRP A CZ2 
250 C CZ3 . TRP A 44  ? 0.59415 0.64794 0.67144 -0.04535 0.08806  0.03576  44  TRP A CZ3 
251 C CH2 . TRP A 44  ? 0.62946 0.65901 0.66386 -0.04873 0.10443  0.01896  44  TRP A CH2 
252 N N   . GLU A 45  ? 0.39426 0.64823 0.88599 -0.06762 0.15697  0.04553  45  GLU A N   
253 C CA  . GLU A 45  ? 0.37848 0.65005 0.91839 -0.08435 0.20334  0.02629  45  GLU A CA  
254 C C   . GLU A 45  ? 0.41801 0.69256 0.90071 -0.11631 0.19223  0.02272  45  GLU A C   
255 O O   . GLU A 45  ? 0.43094 0.72989 0.88903 -0.12757 0.14548  0.03624  45  GLU A O   
256 C CB  . GLU A 45  ? 0.32439 0.66190 0.98891 -0.07705 0.18601  0.02726  45  GLU A CB  
257 C CG  . GLU A 45  ? 0.31667 0.72304 1.03028 -0.09587 0.12070  0.04364  45  GLU A CG  
258 C CD  . GLU A 45  ? 0.31669 0.77546 1.15455 -0.07782 0.09356  0.04787  45  GLU A CD  
259 O OE1 . GLU A 45  ? 0.31071 0.76660 1.18399 -0.05085 0.06458  0.06440  45  GLU A OE1 
260 O OE2 . GLU A 45  ? 0.34148 0.84147 1.24479 -0.09018 0.09848  0.03595  45  GLU A OE2 
261 N N   . ALA A 46  ? 0.44359 0.67828 0.88588 -0.12938 0.23359  0.00377  46  ALA A N   
262 C CA  . ALA A 46  ? 0.47912 0.68767 0.84880 -0.15580 0.23158  -0.00258 46  ALA A CA  
263 C C   . ALA A 46  ? 0.47145 0.75278 0.89410 -0.18168 0.18337  0.00650  46  ALA A C   
264 O O   . ALA A 46  ? 0.49214 0.76410 0.85547 -0.19745 0.16405  0.00496  46  ALA A O   
265 C CB  . ALA A 46  ? 0.47918 0.63180 0.81125 -0.16838 0.27883  -0.02025 46  ALA A CB  
266 N N   . SER A 47  ? 0.45598 0.80559 0.98340 -0.18729 0.16253  0.01220  47  SER A N   
267 C CA  . SER A 47  ? 0.36822 0.77844 0.93904 -0.21633 0.10889  0.02038  47  SER A CA  
268 C C   . SER A 47  ? 0.37388 0.80828 0.93730 -0.21190 0.05416  0.03734  47  SER A C   
269 O O   . SER A 47  ? 0.44266 0.89557 0.99602 -0.23553 0.00668  0.04200  47  SER A O   
270 C CB  . SER A 47  ? 0.36519 0.83679 1.04912 -0.22024 0.09846  0.01779  47  SER A CB  
271 O OG  . SER A 47  ? 0.48189 0.97451 1.23678 -0.18314 0.09754  0.02282  47  SER A OG  
272 N N   . ASN A 48  ? 0.38297 0.80138 0.93588 -0.18074 0.05481  0.05144  48  ASN A N   
273 C CA  . ASN A 48  ? 0.38630 0.81416 0.90880 -0.17740 0.00174  0.07803  48  ASN A CA  
274 C C   . ASN A 48  ? 0.42870 0.80230 0.85614 -0.15749 0.02317  0.07805  48  ASN A C   
275 O O   . ASN A 48  ? 0.40493 0.76439 0.84916 -0.13160 0.02416  0.08832  48  ASN A O   
276 C CB  . ASN A 48  ? 0.37294 0.82905 0.97856 -0.15590 -0.03823 0.09534  48  ASN A CB  
277 C CG  . ASN A 48  ? 0.37328 0.83239 0.93695 -0.16798 -0.10489 0.12479  48  ASN A CG  
278 O OD1 . ASN A 48  ? 0.41289 0.85354 0.87866 -0.18862 -0.11012 0.13201  48  ASN A OD1 
279 N ND2 . ASN A 48  ? 0.34346 0.82006 0.97281 -0.15628 -0.15351 0.14160  48  ASN A ND2 
280 N N   . PRO A 49  ? 0.49298 0.83398 0.82543 -0.16822 0.03707  0.06452  49  PRO A N   
281 C CA  . PRO A 49  ? 0.52416 0.82863 0.78534 -0.15056 0.04563  0.06481  49  PRO A CA  
282 C C   . PRO A 49  ? 0.53534 0.86257 0.77758 -0.15838 0.00877  0.08817  49  PRO A C   
283 O O   . PRO A 49  ? 0.55168 0.86146 0.75985 -0.14680 0.01410  0.09092  49  PRO A O   
284 C CB  . PRO A 49  ? 0.55163 0.82082 0.73832 -0.15727 0.06943  0.04010  49  PRO A CB  
285 C CG  . PRO A 49  ? 0.53981 0.82970 0.73486 -0.18811 0.05999  0.03280  49  PRO A CG  
286 C CD  . PRO A 49  ? 0.50486 0.84176 0.80003 -0.19641 0.04116  0.04699  49  PRO A CD  
287 N N   . MET A 50  ? 0.50701 0.86738 0.76530 -0.18168 -0.03043 0.10561  50  MET A N   
288 C CA  . MET A 50  ? 0.53011 0.89636 0.75914 -0.19326 -0.06567 0.13400  50  MET A CA  
289 C C   . MET A 50  ? 0.50521 0.86711 0.79353 -0.17113 -0.08434 0.15716  50  MET A C   
290 O O   . MET A 50  ? 0.52459 0.86883 0.78232 -0.16987 -0.08941 0.17295  50  MET A O   
291 C CB  . MET A 50  ? 0.56831 0.95038 0.77368 -0.22689 -0.11063 0.14804  50  MET A CB  
292 C CG  . MET A 50  ? 0.63613 1.00558 0.74572 -0.25393 -0.09500 0.12819  50  MET A CG  
293 S SD  . MET A 50  ? 0.81485 1.16906 0.83393 -0.26487 -0.07506 0.13654  50  MET A SD  
294 C CE  . MET A 50  ? 0.68650 1.03481 0.71050 -0.23477 -0.01375 0.09778  50  MET A CE  
295 N N   . HIS A 51  ? 0.47245 0.84958 0.85170 -0.15423 -0.09164 0.15694  51  HIS A N   
296 C CA  . HIS A 51  ? 0.45439 0.82171 0.89884 -0.12712 -0.10708 0.17335  51  HIS A CA  
297 C C   . HIS A 51  ? 0.45026 0.77698 0.87872 -0.10102 -0.05929 0.15404  51  HIS A C   
298 O O   . HIS A 51  ? 0.42266 0.73998 0.89838 -0.07947 -0.02450 0.13416  51  HIS A O   
299 C CB  . HIS A 51  ? 0.40447 0.81027 0.96717 -0.11551 -0.12684 0.17395  51  HIS A CB  
300 C CG  . HIS A 51  ? 0.37574 0.77099 1.01506 -0.08356 -0.14956 0.19014  51  HIS A CG  
301 N ND1 . HIS A 51  ? 0.33912 0.75625 1.07888 -0.06366 -0.17012 0.18721  51  HIS A ND1 
302 C CD2 . HIS A 51  ? 0.39736 0.74326 1.00943 -0.06420 -0.14928 0.20099  51  HIS A CD2 
303 C CE1 . HIS A 51  ? 0.35821 0.74967 1.14675 -0.03217 -0.18477 0.19963  51  HIS A CE1 
304 N NE2 . HIS A 51  ? 0.36744 0.71532 1.08126 -0.03342 -0.17505 0.21022  51  HIS A NE2 
305 N N   . VAL A 52  ? 0.47546 0.77483 0.83299 -0.10641 -0.05812 0.15971  52  VAL A N   
306 C CA  . VAL A 52  ? 0.49462 0.74984 0.81878 -0.08777 -0.02625 0.14188  52  VAL A CA  
307 C C   . VAL A 52  ? 0.49312 0.71217 0.82774 -0.07403 -0.04641 0.15900  52  VAL A C   
308 O O   . VAL A 52  ? 0.50060 0.72380 0.82259 -0.09142 -0.07979 0.18606  52  VAL A O   
309 C CB  . VAL A 52  ? 0.52015 0.77669 0.77660 -0.10231 -0.01345 0.13056  52  VAL A CB  
310 C CG1 . VAL A 52  ? 0.54669 0.82528 0.77781 -0.12805 -0.03832 0.15378  52  VAL A CG1 
311 C CG2 . VAL A 52  ? 0.52605 0.73391 0.75205 -0.08190 0.00575  0.11252  52  VAL A CG2 
312 N N   . LYS A 53  ? 0.49473 0.66726 0.84130 -0.04617 -0.02406 0.14273  53  LYS A N   
313 C CA  . LYS A 53  ? 0.51010 0.63082 0.85827 -0.03061 -0.04030 0.15211  53  LYS A CA  
314 C C   . LYS A 53  ? 0.54870 0.61490 0.82838 -0.02804 -0.02944 0.13664  53  LYS A C   
315 O O   . LYS A 53  ? 0.56307 0.62980 0.80140 -0.03179 -0.00951 0.11845  53  LYS A O   
316 C CB  . LYS A 53  ? 0.49196 0.59155 0.90510 0.00126  -0.02450 0.14175  53  LYS A CB  
317 C CG  . LYS A 53  ? 0.45268 0.61535 0.96026 0.00261  -0.04451 0.15522  53  LYS A CG  
318 C CD  . LYS A 53  ? 0.44355 0.58975 1.04208 0.04023  -0.03848 0.14812  53  LYS A CD  
319 C CE  . LYS A 53  ? 0.44948 0.63763 1.13585 0.04356  -0.09838 0.17855  53  LYS A CE  
320 N NZ  . LYS A 53  ? 0.44860 0.60054 1.21258 0.08436  -0.11360 0.18057  53  LYS A NZ  
321 N N   . VAL A 54  ? 0.55970 0.57270 0.82684 -0.02233 -0.05046 0.14462  54  VAL A N   
322 C CA  . VAL A 54  ? 0.60177 0.56003 0.80972 -0.02315 -0.05506 0.13180  54  VAL A CA  
323 C C   . VAL A 54  ? 0.64613 0.51175 0.82482 0.00429  -0.04225 0.11263  54  VAL A C   
324 O O   . VAL A 54  ? 0.65001 0.47982 0.85097 0.01359  -0.05828 0.12260  54  VAL A O   
325 C CB  . VAL A 54  ? 0.58442 0.55409 0.79242 -0.05115 -0.09324 0.15539  54  VAL A CB  
326 C CG1 . VAL A 54  ? 0.62723 0.54386 0.79213 -0.05135 -0.10626 0.13955  54  VAL A CG1 
327 C CG2 . VAL A 54  ? 0.55375 0.60669 0.77589 -0.07987 -0.09315 0.16842  54  VAL A CG2 
328 N N   . ALA A 55  ? 0.68884 0.50245 0.80460 0.01621  -0.01461 0.08484  55  ALA A N   
329 C CA  . ALA A 55  ? 0.74743 0.45391 0.80337 0.03806  0.00357  0.06199  55  ALA A CA  
330 C C   . ALA A 55  ? 0.77876 0.41730 0.79030 0.03102  -0.04188 0.06594  55  ALA A C   
331 O O   . ALA A 55  ? 0.82027 0.38315 0.81416 0.04523  -0.04306 0.05895  55  ALA A O   
332 C CB  . ALA A 55  ? 0.79371 0.44618 0.76662 0.04456  0.04086  0.03530  55  ALA A CB  
333 N N   . SER A 56  ? 0.79114 0.45426 0.79025 0.00915  -0.07921 0.07417  56  SER A N   
334 C CA  . SER A 56  ? 0.83422 0.44115 0.80435 -0.00411 -0.12707 0.07712  56  SER A CA  
335 C C   . SER A 56  ? 0.79895 0.49330 0.82230 -0.03444 -0.16090 0.09529  56  SER A C   
336 O O   . SER A 56  ? 0.77192 0.53929 0.81894 -0.03733 -0.14706 0.09405  56  SER A O   
337 C CB  . SER A 56  ? 0.91841 0.40604 0.77813 0.00817  -0.13438 0.04875  56  SER A CB  
338 O OG  . SER A 56  ? 0.94478 0.40046 0.78822 -0.01161 -0.19423 0.05152  56  SER A OG  
339 N N   . SER A 57  ? 0.82213 0.50621 0.86678 -0.05859 -0.20094 0.11030  57  SER A N   
340 C CA  . SER A 57  ? 0.79214 0.55596 0.89566 -0.09260 -0.22779 0.12422  57  SER A CA  
341 C C   . SER A 57  ? 0.83212 0.53165 0.91912 -0.10985 -0.27897 0.11919  57  SER A C   
342 O O   . SER A 57  ? 0.85716 0.48512 0.92326 -0.11817 -0.29752 0.12732  57  SER A O   
343 C CB  . SER A 57  ? 0.72605 0.56647 0.89098 -0.12118 -0.21887 0.15687  57  SER A CB  
344 O OG  . SER A 57  ? 0.68572 0.61704 0.90746 -0.15386 -0.22291 0.16466  57  SER A OG  
345 N N   . ILE A 58  ? 0.84477 0.56486 0.94386 -0.11394 -0.30684 0.10463  58  ILE A N   
346 C CA  . ILE A 58  ? 0.88591 0.55103 0.97810 -0.13195 -0.36694 0.09699  58  ILE A CA  
347 C C   . ILE A 58  ? 0.85392 0.63439 1.05678 -0.15922 -0.38921 0.10058  58  ILE A C   
348 O O   . ILE A 58  ? 0.82423 0.69252 1.07353 -0.14733 -0.36367 0.09500  58  ILE A O   
349 C CB  . ILE A 58  ? 0.98209 0.52127 0.95985 -0.10204 -0.39229 0.06831  58  ILE A CB  
350 C CG1 . ILE A 58  ? 0.95069 0.52169 0.91590 -0.07561 -0.37869 0.05398  58  ILE A CG1 
351 C CG2 . ILE A 58  ? 1.12013 0.54627 0.99676 -0.07815 -0.35792 0.06013  58  ILE A CG2 
352 C CD1 . ILE A 58  ? 1.06484 0.50506 0.90756 -0.05421 -0.41484 0.03040  58  ILE A CD1 
353 N N   . SER A 59  ? 0.84839 0.62872 1.10051 -0.19718 -0.43430 0.10781  59  SER A N   
354 C CA  . SER A 59  ? 0.85687 0.74605 1.21936 -0.21596 -0.44227 0.10691  59  SER A CA  
355 C C   . SER A 59  ? 0.96596 0.78735 1.30607 -0.20549 -0.50415 0.08870  59  SER A C   
356 O O   . SER A 59  ? 1.09850 0.88388 1.44180 -0.22979 -0.53281 0.09596  59  SER A O   
357 C CB  . SER A 59  ? 0.74379 0.70085 1.16981 -0.25919 -0.41149 0.13230  59  SER A CB  
358 O OG  . SER A 59  ? 0.80066 0.69188 1.21166 -0.28183 -0.45099 0.13811  59  SER A OG  
359 N N   . LYS A 60  ? 1.04577 0.84399 1.35734 -0.16977 -0.52682 0.06707  60  LYS A N   
360 C CA  . LYS A 60  ? 1.17133 0.91521 1.46975 -0.15753 -0.58641 0.05263  60  LYS A CA  
361 C C   . LYS A 60  ? 1.14799 1.02102 1.58515 -0.15639 -0.58384 0.04447  60  LYS A C   
362 O O   . LYS A 60  ? 1.10343 1.06324 1.59341 -0.13862 -0.54605 0.03727  60  LYS A O   
363 C CB  . LYS A 60  ? 1.25800 0.86628 1.41450 -0.11909 -0.61806 0.03533  60  LYS A CB  
364 C CG  . LYS A 60  ? 1.32355 0.77536 1.32175 -0.11712 -0.62793 0.03348  60  LYS A CG  
365 C CD  . LYS A 60  ? 1.35448 0.67146 1.19887 -0.08069 -0.64889 0.01659  60  LYS A CD  
366 C CE  . LYS A 60  ? 1.44501 0.62231 1.12140 -0.07317 -0.63089 0.01088  60  LYS A CE  
367 N NZ  . LYS A 60  ? 1.46269 0.58448 1.11708 -0.09218 -0.67234 0.01694  60  LYS A NZ  
368 N N   . LYS A 61  ? 0.94909 1.33465 1.62128 -0.58946 -0.19226 0.10944  61  LYS A N   
369 C CA  . LYS A 61  ? 0.89928 1.39731 1.70410 -0.59442 -0.18884 0.07387  61  LYS A CA  
370 C C   . LYS A 61  ? 0.92716 1.48798 1.77866 -0.56548 -0.26259 0.06632  61  LYS A C   
371 O O   . LYS A 61  ? 0.86590 1.52854 1.83120 -0.56282 -0.27606 0.03440  61  LYS A O   
372 C CB  . LYS A 61  ? 0.94226 1.45588 1.81065 -0.64687 -0.15319 0.03321  61  LYS A CB  
373 C CG  . LYS A 61  ? 1.00157 1.45892 1.81874 -0.67170 -0.18552 0.02850  61  LYS A CG  
374 C CD  . LYS A 61  ? 1.06932 1.49675 1.91342 -0.72279 -0.13943 0.00298  61  LYS A CD  
375 C CE  . LYS A 61  ? 1.12984 1.48160 1.89123 -0.74154 -0.17152 0.00772  61  LYS A CE  
376 N NZ  . LYS A 61  ? 1.12398 1.37086 1.73821 -0.71457 -0.18078 0.05546  61  LYS A NZ  
377 N N   . ASP A 62  ? 1.07847 1.57374 1.83904 -0.54305 -0.31075 0.09316  62  ASP A N   
378 C CA  . ASP A 62  ? 0.96814 1.48076 1.73308 -0.51887 -0.38653 0.08661  62  ASP A CA  
379 C C   . ASP A 62  ? 0.94591 1.44815 1.67579 -0.46732 -0.41021 0.11661  62  ASP A C   
380 O O   . ASP A 62  ? 1.11654 1.53528 1.74677 -0.45838 -0.40486 0.14729  62  ASP A O   
381 C CB  . ASP A 62  ? 1.04299 1.46275 1.71094 -0.54026 -0.41604 0.08990  62  ASP A CB  
382 C CG  . ASP A 62  ? 1.06799 1.46588 1.73984 -0.59307 -0.37598 0.07006  62  ASP A CG  
383 O OD1 . ASP A 62  ? 1.17909 1.65670 1.95540 -0.61889 -0.35575 0.03418  62  ASP A OD1 
384 O OD2 . ASP A 62  ? 1.07922 1.37670 1.65041 -0.60782 -0.35871 0.08958  62  ASP A OD2 
385 N N   . PHE A 63  ? 0.87865 1.46427 1.69217 -0.43287 -0.43472 0.10548  63  PHE A N   
386 C CA  . PHE A 63  ? 0.85691 1.42300 1.62908 -0.38277 -0.45725 0.13290  63  PHE A CA  
387 C C   . PHE A 63  ? 0.86957 1.41727 1.60858 -0.34652 -0.54000 0.12479  63  PHE A C   
388 O O   . PHE A 63  ? 0.90606 1.51017 1.71176 -0.34729 -0.57817 0.09328  63  PHE A O   
389 C CB  . PHE A 63  ? 0.77470 1.42219 1.63738 -0.35884 -0.42013 0.13403  63  PHE A CB  
390 C CG  . PHE A 63  ? 0.78551 1.41856 1.63676 -0.38424 -0.33862 0.14882  63  PHE A CG  
391 C CD1 . PHE A 63  ? 0.73449 1.42764 1.65584 -0.37267 -0.29174 0.14682  63  PHE A CD1 
392 C CD2 . PHE A 63  ? 0.83985 1.38819 1.59909 -0.41584 -0.30998 0.16349  63  PHE A CD2 
393 C CE1 . PHE A 63  ? 0.72241 1.38321 1.60894 -0.39499 -0.21847 0.15745  63  PHE A CE1 
394 C CE2 . PHE A 63  ? 0.82396 1.34367 1.55330 -0.43182 -0.24242 0.17494  63  PHE A CE2 
395 C CZ  . PHE A 63  ? 0.76392 1.33552 1.55015 -0.42253 -0.19740 0.17113  63  PHE A CZ  
396 N N   . PRO A 64  ? 0.89387 1.35636 1.52101 -0.31382 -0.56859 0.14967  64  PRO A N   
397 C CA  . PRO A 64  ? 0.90884 1.29774 1.44212 -0.29814 -0.51468 0.17829  64  PRO A CA  
398 C C   . PRO A 64  ? 0.94765 1.25482 1.40128 -0.33569 -0.47984 0.18794  64  PRO A C   
399 O O   . PRO A 64  ? 1.14378 1.42217 1.57960 -0.36981 -0.50819 0.17582  64  PRO A O   
400 C CB  . PRO A 64  ? 0.95054 1.25620 1.37081 -0.24225 -0.54981 0.18398  64  PRO A CB  
401 C CG  . PRO A 64  ? 1.01083 1.29522 1.41026 -0.24841 -0.62816 0.16490  64  PRO A CG  
402 C CD  . PRO A 64  ? 0.96709 1.37847 1.52426 -0.27756 -0.64421 0.14051  64  PRO A CD  
403 N N   . ALA A 65  ? 0.94433 1.21290 1.35162 -0.32799 -0.42182 0.20823  65  ALA A N   
404 C CA  . ALA A 65  ? 0.88450 1.08922 1.23893 -0.35919 -0.38749 0.21824  65  ALA A CA  
405 C C   . ALA A 65  ? 0.87495 0.99267 1.12926 -0.32704 -0.35989 0.23260  65  ALA A C   
406 O O   . ALA A 65  ? 0.82891 0.96016 1.08097 -0.29600 -0.33334 0.24168  65  ALA A O   
407 C CB  . ALA A 65  ? 0.84410 1.10171 1.26761 -0.39486 -0.34122 0.22535  65  ALA A CB  
408 N N   . ASP A 66  ? 0.85814 0.88713 1.03590 -0.33736 -0.36133 0.23197  66  ASP A N   
409 C CA  . ASP A 66  ? 0.86041 0.80688 0.95742 -0.31226 -0.33130 0.23905  66  ASP A CA  
410 C C   . ASP A 66  ? 0.83898 0.76829 0.94369 -0.33311 -0.29713 0.25065  66  ASP A C   
411 O O   . ASP A 66  ? 0.89594 0.80803 1.00504 -0.36739 -0.30569 0.24958  66  ASP A O   
412 C CB  . ASP A 66  ? 0.94759 0.79412 0.94900 -0.30423 -0.35427 0.22669  66  ASP A CB  
413 C CG  . ASP A 66  ? 0.99015 0.81183 0.93913 -0.26808 -0.37695 0.21966  66  ASP A CG  
414 O OD1 . ASP A 66  ? 0.94559 0.83122 0.93881 -0.24529 -0.37358 0.22509  66  ASP A OD1 
415 O OD2 . ASP A 66  ? 1.08059 0.80777 0.93424 -0.26247 -0.39711 0.20875  66  ASP A OD2 
416 N N   . ILE A 67  ? 0.83745 0.76766 0.94073 -0.31259 -0.26135 0.26093  67  ILE A N   
417 C CA  . ILE A 67  ? 0.81685 0.72232 0.91978 -0.32226 -0.23706 0.27201  67  ILE A CA  
418 C C   . ILE A 67  ? 0.84256 0.68880 0.90200 -0.29104 -0.21555 0.26697  67  ILE A C   
419 O O   . ILE A 67  ? 0.83860 0.69020 0.88482 -0.26422 -0.20001 0.26157  67  ILE A O   
420 C CB  . ILE A 67  ? 0.75662 0.72516 0.90950 -0.33360 -0.21631 0.28640  67  ILE A CB  
421 C CG1 . ILE A 67  ? 0.76443 0.69360 0.90313 -0.34465 -0.20450 0.29872  67  ILE A CG1 
422 C CG2 . ILE A 67  ? 0.72859 0.73509 0.89190 -0.30408 -0.19508 0.28748  67  ILE A CG2 
423 C CD1 . ILE A 67  ? 0.72213 0.68969 0.87583 -0.35424 -0.18657 0.29949  67  ILE A CD1 
424 N N   . SER A 68  ? 0.86613 0.65147 0.90455 -0.29503 -0.21198 0.26593  68  SER A N   
425 C CA  . SER A 68  ? 0.85309 0.58171 0.86637 -0.26882 -0.18827 0.25488  68  SER A CA  
426 C C   . SER A 68  ? 0.85850 0.56786 0.89543 -0.27054 -0.18422 0.26292  68  SER A C   
427 O O   . SER A 68  ? 0.94619 0.64521 0.98356 -0.29429 -0.20241 0.27450  68  SER A O   
428 C CB  . SER A 68  ? 0.90610 0.55256 0.85539 -0.26622 -0.19178 0.23717  68  SER A CB  
429 O OG  . SER A 68  ? 0.92798 0.58341 0.84581 -0.26854 -0.21375 0.23245  68  SER A OG  
430 N N   . ALA A 69  ? 0.84694 0.54727 0.90301 -0.24517 -0.16128 0.25485  69  ALA A N   
431 C CA  . ALA A 69  ? 0.84495 0.52161 0.92813 -0.23805 -0.16552 0.25940  69  ALA A CA  
432 C C   . ALA A 69  ? 0.83119 0.49641 0.94648 -0.20773 -0.13764 0.23843  69  ALA A C   
433 O O   . ALA A 69  ? 0.81248 0.51879 0.94592 -0.19721 -0.11631 0.23007  69  ALA A O   
434 C CB  . ALA A 69  ? 0.79845 0.52044 0.90569 -0.24988 -0.18260 0.28239  69  ALA A CB  
435 N N   . THR A 70  ? 0.86479 0.47368 0.99168 -0.19457 -0.13354 0.22700  70  THR A N   
436 C CA  . THR A 70  ? 0.86008 0.46431 1.04018 -0.16661 -0.10359 0.20123  70  THR A CA  
437 C C   . THR A 70  ? 0.83702 0.47985 1.08591 -0.15128 -0.12868 0.21052  70  THR A C   
438 O O   . THR A 70  ? 0.87893 0.48493 1.14660 -0.13979 -0.14977 0.21493  70  THR A O   
439 C CB  . THR A 70  ? 0.92969 0.44982 1.09151 -0.15851 -0.07848 0.17810  70  THR A CB  
440 O OG1 . THR A 70  ? 0.92549 0.44812 1.15629 -0.13315 -0.04181 0.14757  70  THR A OG1 
441 C CG2 . THR A 70  ? 0.98735 0.45197 1.13083 -0.16415 -0.10711 0.19259  70  THR A CG2 
442 N N   . ILE A 71  ? 0.78014 0.49105 1.06029 -0.15012 -0.12945 0.21366  71  ILE A N   
443 C CA  . ILE A 71  ? 0.77009 0.51333 1.09723 -0.14004 -0.16428 0.22600  71  ILE A CA  
444 C C   . ILE A 71  ? 0.78349 0.52522 1.19726 -0.10744 -0.16021 0.19870  71  ILE A C   
445 O O   . ILE A 71  ? 0.76274 0.52294 1.22349 -0.09717 -0.11781 0.16549  71  ILE A O   
446 C CB  . ILE A 71  ? 0.71541 0.52529 1.04380 -0.15189 -0.16451 0.23508  71  ILE A CB  
447 C CG1 . ILE A 71  ? 0.67433 0.51614 1.01922 -0.14853 -0.11606 0.20819  71  ILE A CG1 
448 C CG2 . ILE A 71  ? 0.71380 0.52653 0.97554 -0.18182 -0.17836 0.26516  71  ILE A CG2 
449 C CD1 . ILE A 71  ? 0.62737 0.52725 0.96584 -0.16121 -0.11125 0.21690  71  ILE A CD1 
450 N N   . LYS A 72  ? 0.54979 0.70760 0.92592 -0.00735 0.00939  -0.01120 72  LYS A N   
451 C CA  . LYS A 72  ? 0.53531 0.67204 0.96297 -0.00309 0.00186  -0.04355 72  LYS A CA  
452 C C   . LYS A 72  ? 0.53897 0.61583 0.97311 0.01396  -0.02280 -0.03029 72  LYS A C   
453 O O   . LYS A 72  ? 0.54409 0.59268 0.93406 0.01898  -0.03003 0.00020  72  LYS A O   
454 C CB  . LYS A 72  ? 0.53345 0.66256 0.99423 -0.01498 -0.00319 -0.07557 72  LYS A CB  
455 C CG  . LYS A 72  ? 0.53328 0.72066 0.98422 -0.03942 0.02169  -0.09570 72  LYS A CG  
456 C CD  . LYS A 72  ? 0.56036 0.72698 1.04900 -0.05088 0.01781  -0.13272 72  LYS A CD  
457 C CE  . LYS A 72  ? 0.55791 0.77647 1.03247 -0.08196 0.04278  -0.15940 72  LYS A CE  
458 N NZ  . LYS A 72  ? 0.54811 0.73624 1.06759 -0.09170 0.04192  -0.20139 72  LYS A NZ  
459 N N   . ASP A 73  ? 0.53594 0.59559 1.02863 0.02014  -0.03497 -0.05560 73  ASP A N   
460 C CA  . ASP A 73  ? 0.54940 0.55311 1.05873 0.03175  -0.06718 -0.04532 73  ASP A CA  
461 C C   . ASP A 73  ? 0.55290 0.54536 1.01480 0.03725  -0.06445 -0.01683 73  ASP A C   
462 O O   . ASP A 73  ? 0.58743 0.53281 1.00614 0.03691  -0.08283 0.00812  73  ASP A O   
463 C CB  . ASP A 73  ? 0.59157 0.53950 1.08886 0.02818  -0.09907 -0.03243 73  ASP A CB  
464 C CG  . ASP A 73  ? 0.64897 0.54709 1.19948 0.03596  -0.13966 -0.03511 73  ASP A CG  
465 O OD1 . ASP A 73  ? 0.66303 0.55977 1.23377 0.04388  -0.14728 -0.03363 73  ASP A OD1 
466 O OD2 . ASP A 73  ? 0.80214 0.66210 1.37745 0.03307  -0.16655 -0.03658 73  ASP A OD2 
467 N N   . LEU A 74  ? 0.55185 0.58526 1.01846 0.03871  -0.03920 -0.02189 74  LEU A N   
468 C CA  . LEU A 74  ? 0.54008 0.56117 0.97008 0.04394  -0.03317 0.00124  74  LEU A CA  
469 C C   . LEU A 74  ? 0.52510 0.53172 0.99777 0.04793  -0.04664 -0.01122 74  LEU A C   
470 O O   . LEU A 74  ? 0.50662 0.53022 1.04653 0.04805  -0.05195 -0.04012 74  LEU A O   
471 C CB  . LEU A 74  ? 0.52191 0.59197 0.92650 0.04137  -0.00018 0.01176  74  LEU A CB  
472 C CG  . LEU A 74  ? 0.53679 0.62823 0.90226 0.03803  0.01173  0.03134  74  LEU A CG  
473 C CD1 . LEU A 74  ? 0.53708 0.68037 0.88987 0.03446  0.03666  0.04529  74  LEU A CD1 
474 C CD2 . LEU A 74  ? 0.54252 0.58928 0.86523 0.04386  0.00431  0.05632  74  LEU A CD2 
475 N N   . LYS A 75  ? 0.52074 0.49545 0.95861 0.04995  -0.05138 0.00854  75  LYS A N   
476 C CA  . LYS A 75  ? 0.50923 0.47126 0.98374 0.05026  -0.06608 -0.00059 75  LYS A CA  
477 C C   . LYS A 75  ? 0.47609 0.48731 0.97568 0.04784  -0.03534 -0.01423 75  LYS A C   
478 O O   . LYS A 75  ? 0.47270 0.49839 0.92860 0.04655  -0.00907 0.00235  75  LYS A O   
479 C CB  . LYS A 75  ? 0.55454 0.46125 0.97442 0.04687  -0.08097 0.02296  75  LYS A CB  
480 C CG  . LYS A 75  ? 0.60427 0.46069 0.98047 0.04115  -0.10678 0.03918  75  LYS A CG  
481 C CD  . LYS A 75  ? 0.69460 0.49339 1.02265 0.02942  -0.12746 0.05460  75  LYS A CD  
482 C CE  . LYS A 75  ? 0.86779 0.61435 1.13656 0.01556  -0.15003 0.07208  75  LYS A CE  
483 N NZ  . LYS A 75  ? 0.96867 0.70494 1.27971 0.01386  -0.18986 0.07026  75  LYS A NZ  
484 N N   . PRO A 76  ? 0.44729 0.48512 1.01972 0.04569  -0.03737 -0.04338 76  PRO A N   
485 C CA  . PRO A 76  ? 0.39515 0.47949 0.98490 0.03660  -0.00529 -0.05731 76  PRO A CA  
486 C C   . PRO A 76  ? 0.43016 0.49153 0.97932 0.03411  -0.00075 -0.03469 76  PRO A C   
487 O O   . PRO A 76  ? 0.43871 0.45161 0.97096 0.03737  -0.02580 -0.02088 76  PRO A O   
488 C CB  . PRO A 76  ? 0.36655 0.47510 1.05241 0.03518  -0.01205 -0.09549 76  PRO A CB  
489 C CG  . PRO A 76  ? 0.37747 0.46274 1.10047 0.04559  -0.04195 -0.10350 76  PRO A CG  
490 C CD  . PRO A 76  ? 0.41358 0.44201 1.06253 0.05043  -0.06793 -0.06523 76  PRO A CD  
491 N N   . HIS A 77  ? 0.42216 0.51586 0.95099 0.02459  0.03123  -0.03021 77  HIS A N   
492 C CA  . HIS A 77  ? 0.39465 0.46965 0.89560 0.01952  0.04058  -0.01287 77  HIS A CA  
493 C C   . HIS A 77  ? 0.45384 0.47030 0.89483 0.02968  0.03025  0.01770  77  HIS A C   
494 O O   . HIS A 77  ? 0.45434 0.43182 0.88219 0.02669  0.02243  0.02375  77  HIS A O   
495 C CB  . HIS A 77  ? 0.40385 0.48206 0.96218 0.01135  0.03093  -0.03564 77  HIS A CB  
496 C CG  . HIS A 77  ? 0.40860 0.48253 0.94631 -0.00126 0.04908  -0.02513 77  HIS A CG  
497 N ND1 . HIS A 77  ? 0.40655 0.44077 0.94283 -0.00477 0.03281  -0.02034 77  HIS A ND1 
498 C CD2 . HIS A 77  ? 0.39655 0.49620 0.90831 -0.01424 0.08025  -0.01523 77  HIS A CD2 
499 C CE1 . HIS A 77  ? 0.43013 0.46483 0.94476 -0.01792 0.05594  -0.01082 77  HIS A CE1 
500 N NE2 . HIS A 77  ? 0.38636 0.45929 0.88586 -0.02347 0.08384  -0.00551 77  HIS A NE2 
501 N N   . THR A 78  ? 0.43410 0.44582 0.83904 0.03875  0.03323  0.03425  78  THR A N   
502 C CA  . THR A 78  ? 0.51290 0.47261 0.86683 0.04687  0.02805  0.05614  78  THR A CA  
503 C C   . THR A 78  ? 0.52710 0.50103 0.84888 0.05448  0.05330  0.08129  78  THR A C   
504 O O   . THR A 78  ? 0.41676 0.43970 0.74916 0.05329  0.06247  0.08313  78  THR A O   
505 C CB  . THR A 78  ? 0.50691 0.44317 0.85665 0.04935  0.00177  0.05132  78  THR A CB  
506 O OG1 . THR A 78  ? 0.51124 0.43979 0.90612 0.04392  -0.02786 0.03149  78  THR A OG1 
507 C CG2 . THR A 78  ? 0.51429 0.39418 0.80489 0.05005  -0.00014 0.06913  78  THR A CG2 
508 N N   . THR A 79  ? 0.50656 0.43791 0.79258 0.06090  0.06394  0.09982  79  THR A N   
509 C CA  . THR A 79  ? 0.52857 0.47080 0.79870 0.07233  0.08596  0.12602  79  THR A CA  
510 C C   . THR A 79  ? 0.55027 0.48680 0.80312 0.08003  0.08464  0.13111  79  THR A C   
511 O O   . THR A 79  ? 0.54100 0.42934 0.76650 0.07790  0.07894  0.12463  79  THR A O   
512 C CB  . THR A 79  ? 0.54440 0.44279 0.79704 0.07728  0.10392  0.14072  79  THR A CB  
513 O OG1 . THR A 79  ? 0.52034 0.42263 0.78671 0.06603  0.10499  0.13634  79  THR A OG1 
514 C CG2 . THR A 79  ? 0.51337 0.42683 0.76845 0.09295  0.12447  0.17065  79  THR A CG2 
515 N N   . TYR A 80  ? 0.51330 0.49960 0.77788 0.08447  0.09047  0.14373  80  TYR A N   
516 C CA  . TYR A 80  ? 0.49546 0.48773 0.75011 0.08947  0.09169  0.14962  80  TYR A CA  
517 C C   . TYR A 80  ? 0.49081 0.50472 0.75433 0.10365  0.11244  0.17866  80  TYR A C   
518 O O   . TYR A 80  ? 0.45020 0.48629 0.72975 0.10764  0.11944  0.19782  80  TYR A O   
519 C CB  . TYR A 80  ? 0.47375 0.50945 0.74248 0.07981  0.07664  0.13706  80  TYR A CB  
520 C CG  . TYR A 80  ? 0.49897 0.50474 0.76782 0.07068  0.05355  0.11140  80  TYR A CG  
521 C CD1 . TYR A 80  ? 0.48808 0.50110 0.78536 0.06383  0.04182  0.09073  80  TYR A CD1 
522 C CD2 . TYR A 80  ? 0.52125 0.49223 0.76623 0.06745  0.04269  0.10935  80  TYR A CD2 
523 C CE1 . TYR A 80  ? 0.49264 0.48003 0.80526 0.05851  0.01653  0.07074  80  TYR A CE1 
524 C CE2 . TYR A 80  ? 0.54566 0.48610 0.79355 0.05845  0.01525  0.09288  80  TYR A CE2 
525 C CZ  . TYR A 80  ? 0.53398 0.48300 0.82121 0.05621  0.00024  0.07447  80  TYR A CZ  
526 O OH  . TYR A 80  ? 0.54134 0.46073 0.84650 0.05006  -0.03192 0.06087  80  TYR A OH  
527 N N   . GLN A 81  ? 0.51568 0.52250 0.77223 0.10994  0.12148  0.18323  81  GLN A N   
528 C CA  . GLN A 81  ? 0.50897 0.54408 0.79055 0.12553  0.13971  0.20954  81  GLN A CA  
529 C C   . GLN A 81  ? 0.50513 0.57847 0.79128 0.12094  0.13590  0.20971  81  GLN A C   
530 O O   . GLN A 81  ? 0.51060 0.56414 0.77054 0.10778  0.12609  0.18912  81  GLN A O   
531 C CB  . GLN A 81  ? 0.52404 0.50633 0.80308 0.13933  0.16664  0.21174  81  GLN A CB  
532 C CG  . GLN A 81  ? 0.53097 0.47681 0.81265 0.14539  0.17470  0.21731  81  GLN A CG  
533 C CD  . GLN A 81  ? 0.57919 0.46429 0.85560 0.15569  0.20544  0.21142  81  GLN A CD  
534 O OE1 . GLN A 81  ? 0.61573 0.46512 0.86030 0.14700  0.21639  0.19001  81  GLN A OE1 
535 N NE2 . GLN A 81  ? 0.59444 0.47205 0.89496 0.16598  0.21795  0.22531  81  GLN A NE2 
536 N N   . PHE A 82  ? 0.45760 0.58594 0.77890 0.12975  0.14055  0.23559  82  PHE A N   
537 C CA  . PHE A 82  ? 0.45039 0.61976 0.78034 0.12345  0.13816  0.23695  82  PHE A CA  
538 C C   . PHE A 82  ? 0.44114 0.65070 0.82096 0.14145  0.15297  0.26696  82  PHE A C   
539 O O   . PHE A 82  ? 0.41852 0.64409 0.83058 0.15547  0.15333  0.29414  82  PHE A O   
540 C CB  . PHE A 82  ? 0.44550 0.66406 0.77041 0.10361  0.11458  0.23195  82  PHE A CB  
541 C CG  . PHE A 82  ? 0.43305 0.70789 0.77994 0.10151  0.10560  0.25813  82  PHE A CG  
542 C CD1 . PHE A 82  ? 0.42010 0.68238 0.75896 0.09924  0.10241  0.25983  82  PHE A CD1 
543 C CD2 . PHE A 82  ? 0.41035 0.75160 0.78277 0.09704  0.09850  0.28253  82  PHE A CD2 
544 C CE1 . PHE A 82  ? 0.40795 0.71849 0.75604 0.09033  0.09318  0.28632  82  PHE A CE1 
545 C CE2 . PHE A 82  ? 0.39887 0.79028 0.78253 0.08874  0.08512  0.31076  82  PHE A CE2 
546 C CZ  . PHE A 82  ? 0.41293 0.78709 0.78045 0.08413  0.08278  0.31325  82  PHE A CZ  
547 N N   . LYS A 83  ? 0.45982 0.68575 0.85046 0.13998  0.16409  0.26326  83  LYS A N   
548 C CA  . LYS A 83  ? 0.45128 0.72495 0.90395 0.15686  0.17805  0.28908  83  LYS A CA  
549 C C   . LYS A 83  ? 0.44394 0.77193 0.90205 0.13952  0.16868  0.28792  83  LYS A C   
550 O O   . LYS A 83  ? 0.46441 0.78684 0.87922 0.11647  0.15476  0.26748  83  LYS A O   
551 C CB  . LYS A 83  ? 0.46801 0.69124 0.93349 0.17317  0.21421  0.27847  83  LYS A CB  
552 C CG  . LYS A 83  ? 0.49530 0.67368 0.91391 0.15729  0.23410  0.24502  83  LYS A CG  
553 C CD  . LYS A 83  ? 0.53153 0.67831 0.97247 0.16952  0.27931  0.23330  83  LYS A CD  
554 C CE  . LYS A 83  ? 0.54897 0.63897 0.91762 0.14195  0.29562  0.19887  83  LYS A CE  
555 N NZ  . LYS A 83  ? 0.55392 0.62556 0.94269 0.14547  0.34656  0.18209  83  LYS A NZ  
556 N N   . VAL A 84  ? 0.41510 0.77841 0.91250 0.14525  0.16944  0.30451  84  VAL A N   
557 C CA  . VAL A 84  ? 0.40784 0.82156 0.91626 0.12934  0.16325  0.30306  84  VAL A CA  
558 C C   . VAL A 84  ? 0.41652 0.81832 0.95485 0.13906  0.19598  0.29237  84  VAL A C   
559 O O   . VAL A 84  ? 0.45593 0.84552 1.03514 0.16038  0.21016  0.30208  84  VAL A O   
560 C CB  . VAL A 84  ? 0.38007 0.85898 0.91383 0.12262  0.13246  0.33294  84  VAL A CB  
561 C CG1 . VAL A 84  ? 0.36301 0.89258 0.91284 0.10632  0.12772  0.33047  84  VAL A CG1 
562 C CG2 . VAL A 84  ? 0.39270 0.88698 0.89059 0.10552  0.10609  0.33719  84  VAL A CG2 
563 N N   . THR A 85  ? 0.44493 0.84842 0.96315 0.12030  0.21037  0.27115  85  THR A N   
564 C CA  . THR A 85  ? 0.45999 0.85376 0.99732 0.12101  0.24699  0.25452  85  THR A CA  
565 C C   . THR A 85  ? 0.44095 0.89608 1.00011 0.10249  0.23967  0.25559  85  THR A C   
566 O O   . THR A 85  ? 0.44498 0.92197 0.97284 0.07789  0.21865  0.25459  85  THR A O   
567 C CB  . THR A 85  ? 0.50397 0.83327 0.98453 0.10694  0.27850  0.22753  85  THR A CB  
568 O OG1 . THR A 85  ? 0.52836 0.84426 0.94655 0.07950  0.25132  0.22056  85  THR A OG1 
569 C CG2 . THR A 85  ? 0.50425 0.77110 0.97142 0.12604  0.29357  0.22289  85  THR A CG2 
570 N N   . VAL A 86  ? 0.46616 0.94866 1.08272 0.11316  0.25767  0.25608  86  VAL A N   
571 C CA  . VAL A 86  ? 0.46352 1.00889 1.11193 0.09676  0.25339  0.25661  86  VAL A CA  
572 C C   . VAL A 86  ? 0.49868 1.02975 1.14770 0.08473  0.29935  0.22643  86  VAL A C   
573 O O   . VAL A 86  ? 0.51511 1.02021 1.19317 0.10293  0.33259  0.21432  86  VAL A O   
574 C CB  . VAL A 86  ? 0.43248 1.03494 1.15635 0.11559  0.23219  0.28574  86  VAL A CB  
575 C CG1 . VAL A 86  ? 0.44638 1.10999 1.21809 0.10258  0.23973  0.28030  86  VAL A CG1 
576 C CG2 . VAL A 86  ? 0.40597 1.03331 1.11061 0.11030  0.18562  0.31456  86  VAL A CG2 
577 N N   . ASN A 87  ? 1.02207 0.89253 0.84634 -0.16775 -0.12557 0.02953  87  ASN A N   
578 C CA  . ASN A 87  ? 1.03154 0.95342 0.86160 -0.19929 -0.11518 0.02519  87  ASN A CA  
579 C C   . ASN A 87  ? 1.02703 1.01824 0.84561 -0.23110 -0.09064 0.00547  87  ASN A C   
580 O O   . ASN A 87  ? 1.01593 1.05344 0.84929 -0.26799 -0.06387 -0.02229 87  ASN A O   
581 C CB  . ASN A 87  ? 1.01670 0.93630 0.90189 -0.20800 -0.10387 0.00779  87  ASN A CB  
582 C CG  . ASN A 87  ? 1.07471 0.94344 0.96027 -0.19317 -0.13443 0.03528  87  ASN A CG  
583 O OD1 . ASN A 87  ? 1.12519 0.95398 0.96366 -0.17994 -0.15766 0.05928  87  ASN A OD1 
584 N ND2 . ASN A 87  ? 1.06685 0.93698 1.01204 -0.19930 -0.13048 0.03175  87  ASN A ND2 
585 N N   . PHE A 88  ? 0.97768 0.97700 0.76991 -0.22248 -0.09627 0.01751  88  PHE A N   
586 C CA  . PHE A 88  ? 0.98653 1.06076 0.75297 -0.26048 -0.08535 0.01603  88  PHE A CA  
587 C C   . PHE A 88  ? 1.03185 1.13966 0.81320 -0.29220 -0.04438 -0.04018 88  PHE A C   
588 O O   . PHE A 88  ? 1.09229 1.26309 0.84295 -0.33274 -0.03314 -0.04765 88  PHE A O   
589 C CB  . PHE A 88  ? 0.94740 1.08155 0.69059 -0.30097 -0.09486 0.04292  88  PHE A CB  
590 C CG  . PHE A 88  ? 0.94896 1.04901 0.69315 -0.27422 -0.12662 0.09555  88  PHE A CG  
591 C CD1 . PHE A 88  ? 0.93413 1.02310 0.67889 -0.24977 -0.14683 0.14427  88  PHE A CD1 
592 C CD2 . PHE A 88  ? 0.99043 1.06847 0.74476 -0.27549 -0.13074 0.09580  88  PHE A CD2 
593 C CE1 . PHE A 88  ? 0.91269 0.96319 0.67176 -0.22755 -0.16465 0.18806  88  PHE A CE1 
594 C CE2 . PHE A 88  ? 0.93483 0.97700 0.69198 -0.25504 -0.15463 0.13979  88  PHE A CE2 
595 C CZ  . PHE A 88  ? 0.91024 0.93558 0.67145 -0.23140 -0.16858 0.18371  88  PHE A CZ  
596 N N   . TYR A 89  ? 1.04655 1.11724 0.88177 -0.27973 -0.01928 -0.07723 89  TYR A N   
597 C CA  . TYR A 89  ? 1.09267 1.18633 0.96211 -0.30867 0.03135  -0.13375 89  TYR A CA  
598 C C   . TYR A 89  ? 1.06039 1.10086 0.99611 -0.26926 0.04348  -0.14848 89  TYR A C   
599 O O   . TYR A 89  ? 1.08438 1.13801 1.04763 -0.28627 0.08341  -0.18924 89  TYR A O   
600 C CB  . TYR A 89  ? 1.16258 1.28501 1.06282 -0.35251 0.07372  -0.17290 89  TYR A CB  
601 C CG  . TYR A 89  ? 1.33667 1.49517 1.25488 -0.40436 0.13945  -0.23991 89  TYR A CG  
602 C CD1 . TYR A 89  ? 1.47906 1.67839 1.34105 -0.43622 0.14537  -0.25265 89  TYR A CD1 
603 C CD2 . TYR A 89  ? 1.45397 1.60613 1.45041 -0.42651 0.20086  -0.29163 89  TYR A CD2 
604 C CE1 . TYR A 89  ? 1.46448 1.69443 1.33475 -0.49375 0.21108  -0.32128 89  TYR A CE1 
605 C CE2 . TYR A 89  ? 1.61701 1.79429 1.63390 -0.48062 0.27457  -0.36293 89  TYR A CE2 
606 C CZ  . TYR A 89  ? 1.50921 1.72430 1.45565 -0.51694 0.27940  -0.38041 89  TYR A CZ  
607 O OH  . TYR A 89  ? 1.49593 1.72331 1.43758 -0.54815 0.34980  -0.44367 89  TYR A OH  
608 N N   . PHE A 90  ? 1.02691 1.01186 0.98758 -0.22393 0.01085  -0.11504 90  PHE A N   
609 C CA  . PHE A 90  ? 1.00449 0.94946 1.03343 -0.19345 0.01624  -0.11688 90  PHE A CA  
610 C C   . PHE A 90  ? 0.98931 0.91197 0.96939 -0.16749 -0.00982 -0.09726 90  PHE A C   
611 O O   . PHE A 90  ? 0.98689 0.87451 0.92410 -0.14377 -0.04855 -0.06121 90  PHE A O   
612 C CB  . PHE A 90  ? 0.98351 0.89375 1.06381 -0.17290 -0.00693 -0.08662 90  PHE A CB  
613 C CG  . PHE A 90  ? 0.98463 0.91613 1.14087 -0.19473 0.02659  -0.10592 90  PHE A CG  
614 C CD1 . PHE A 90  ? 1.00075 0.97220 1.17731 -0.23270 0.08365  -0.15775 90  PHE A CD1 
615 C CD2 . PHE A 90  ? 0.99619 0.90933 1.20347 -0.18344 0.00435  -0.07344 90  PHE A CD2 
616 C CE1 . PHE A 90  ? 0.98492 0.97196 1.23671 -0.25541 0.12461  -0.18109 90  PHE A CE1 
617 C CE2 . PHE A 90  ? 0.99554 0.92892 1.28551 -0.20165 0.03855  -0.08845 90  PHE A CE2 
618 C CZ  . PHE A 90  ? 0.96172 0.92916 1.27706 -0.23572 0.10207  -0.14438 90  PHE A CZ  
619 N N   . SER A 91  ? 0.96551 0.90700 0.95231 -0.17623 0.01714  -0.12501 91  SER A N   
620 C CA  . SER A 91  ? 0.96610 0.89391 0.91159 -0.15526 -0.00101 -0.11013 91  SER A CA  
621 C C   . SER A 91  ? 1.06592 0.95303 1.06760 -0.12605 -0.00145 -0.10553 91  SER A C   
622 O O   . SER A 91  ? 1.04996 0.93775 1.13928 -0.13015 0.02863  -0.12506 91  SER A O   
623 C CB  . SER A 91  ? 1.01195 0.99215 0.92640 -0.18777 0.02384  -0.13729 91  SER A CB  
624 O OG  . SER A 91  ? 0.95225 0.98374 0.80902 -0.22151 0.01489  -0.12638 91  SER A OG  
625 N N   . SER A 92  ? 1.01385 0.86726 0.97271 -0.09946 -0.03216 -0.07705 92  SER A N   
626 C CA  . SER A 92  ? 0.96488 0.78708 0.95946 -0.07821 -0.03821 -0.06605 92  SER A CA  
627 C C   . SER A 92  ? 0.93692 0.77565 0.93005 -0.07819 -0.01590 -0.08818 92  SER A C   
628 O O   . SER A 92  ? 0.92665 0.80547 0.89617 -0.10049 0.00525  -0.11341 92  SER A O   
629 C CB  . SER A 92  ? 0.97085 0.74706 0.90892 -0.06065 -0.07733 -0.02996 92  SER A CB  
630 O OG  . SER A 92  ? 0.94484 0.71246 0.81670 -0.05103 -0.08052 -0.02799 92  SER A OG  
631 N N   . SER A 93  ? 0.88421 0.69751 0.89883 -0.05926 -0.02261 -0.07577 93  SER A N   
632 C CA  . SER A 93  ? 0.84944 0.67630 0.86024 -0.05841 -0.00321 -0.09490 93  SER A CA  
633 C C   . SER A 93  ? 0.83631 0.66082 0.75973 -0.04983 -0.02215 -0.08043 93  SER A C   
634 O O   . SER A 93  ? 0.85917 0.66013 0.73362 -0.04065 -0.04655 -0.05573 93  SER A O   
635 C CB  . SER A 93  ? 0.90826 0.71299 0.98258 -0.04248 -0.00183 -0.08320 93  SER A CB  
636 O OG  . SER A 93  ? 0.96774 0.73609 0.99636 -0.02582 -0.03966 -0.04521 93  SER A OG  
637 N N   . LEU A 94  ? 0.85060 0.70070 0.76545 -0.05515 -0.00596 -0.09563 94  LEU A N   
638 C CA  . LEU A 94  ? 0.82721 0.68350 0.68562 -0.04635 -0.01864 -0.07636 94  LEU A CA  
639 C C   . LEU A 94  ? 0.82011 0.62878 0.66694 -0.01753 -0.02956 -0.05901 94  LEU A C   
640 O O   . LEU A 94  ? 0.83494 0.62517 0.71831 -0.01115 -0.02512 -0.06475 94  LEU A O   
641 C CB  . LEU A 94  ? 0.80331 0.71852 0.65857 -0.07286 0.00099  -0.09550 94  LEU A CB  
642 C CG  . LEU A 94  ? 0.79748 0.76845 0.65740 -0.11895 0.02179  -0.12451 94  LEU A CG  
643 C CD1 . LEU A 94  ? 0.76819 0.80438 0.60254 -0.15632 0.03305  -0.13413 94  LEU A CD1 
644 C CD2 . LEU A 94  ? 0.79370 0.77234 0.62655 -0.12410 0.00148  -0.10070 94  LEU A CD2 
645 N N   . GLN A 95  ? 0.77828 0.56921 0.58152 -0.00322 -0.04011 -0.03560 95  GLN A N   
646 C CA  . GLN A 95  ? 0.76732 0.52132 0.55137 0.01701  -0.03985 -0.02501 95  GLN A CA  
647 C C   . GLN A 95  ? 0.75634 0.54324 0.53461 0.02105  -0.03212 -0.01132 95  GLN A C   
648 O O   . GLN A 95  ? 0.74322 0.56882 0.52236 0.01037  -0.03595 0.00426  95  GLN A O   
649 C CB  . GLN A 95  ? 0.81707 0.50871 0.56307 0.02558  -0.05033 -0.01090 95  GLN A CB  
650 C CG  . GLN A 95  ? 0.85224 0.50104 0.57273 0.03451  -0.04583 -0.00833 95  GLN A CG  
651 C CD  . GLN A 95  ? 0.84596 0.50189 0.59518 0.03000  -0.05134 -0.01333 95  GLN A CD  
652 O OE1 . GLN A 95  ? 0.80763 0.48840 0.58346 0.03624  -0.03975 -0.02102 95  GLN A OE1 
653 N NE2 . GLN A 95  ? 0.86401 0.50169 0.61602 0.01669  -0.06991 -0.00309 95  GLN A NE2 
654 N N   . THR A 96  ? 0.75792 0.53807 0.53791 0.03310  -0.02327 -0.01070 96  THR A N   
655 C CA  . THR A 96  ? 0.71160 0.53359 0.50166 0.03481  -0.01693 0.00790  96  THR A CA  
656 C C   . THR A 96  ? 0.74420 0.51715 0.52637 0.06143  -0.00581 0.02404  96  THR A C   
657 O O   . THR A 96  ? 0.78498 0.50829 0.54796 0.06967  -0.00078 0.00922  96  THR A O   
658 C CB  . THR A 96  ? 0.69126 0.56558 0.50015 0.01551  -0.00921 -0.01272 96  THR A CB  
659 O OG1 . THR A 96  ? 0.67872 0.60119 0.49423 -0.01863 -0.00789 -0.03310 96  THR A OG1 
660 C CG2 . THR A 96  ? 0.64560 0.56603 0.46469 0.01425  -0.00717 0.01300  96  THR A CG2 
661 N N   . PHE A 97  ? 0.71033 0.49966 0.51433 0.07099  0.00036  0.05796  97  PHE A N   
662 C CA  . PHE A 97  ? 0.71545 0.46321 0.53205 0.09517  0.02313  0.07369  97  PHE A CA  
663 C C   . PHE A 97  ? 0.66368 0.47687 0.53874 0.09843  0.02479  0.11932  97  PHE A C   
664 O O   . PHE A 97  ? 0.64524 0.53374 0.53850 0.07649  0.00417  0.14232  97  PHE A O   
665 C CB  . PHE A 97  ? 0.75267 0.42279 0.55233 0.10562  0.04044  0.07227  97  PHE A CB  
666 C CG  . PHE A 97  ? 0.74034 0.42660 0.58379 0.10991  0.04294  0.10893  97  PHE A CG  
667 C CD1 . PHE A 97  ? 0.74867 0.45999 0.58240 0.09378  0.01967  0.11168  97  PHE A CD1 
668 C CD2 . PHE A 97  ? 0.75120 0.42764 0.65804 0.13015  0.07159  0.14484  97  PHE A CD2 
669 C CE1 . PHE A 97  ? 0.72592 0.45528 0.60502 0.09606  0.02008  0.15189  97  PHE A CE1 
670 C CE2 . PHE A 97  ? 0.76064 0.45500 0.72754 0.13478  0.07423  0.18845  97  PHE A CE2 
671 C CZ  . PHE A 97  ? 0.74793 0.46958 0.69730 0.11699  0.04629  0.19300  97  PHE A CZ  
672 N N   . LYS A 98  ? 0.68036 0.47042 0.58729 0.12041  0.04964  0.13574  98  LYS A N   
673 C CA  . LYS A 98  ? 0.67429 0.52656 0.65764 0.12663  0.05269  0.19180  98  LYS A CA  
674 C C   . LYS A 98  ? 0.71435 0.50491 0.75449 0.15776  0.09416  0.21490  98  LYS A C   
675 O O   . LYS A 98  ? 0.74522 0.45722 0.75700 0.17116  0.12695  0.17941  98  LYS A O   
676 C CB  . LYS A 98  ? 0.65056 0.55600 0.63986 0.11841  0.04646  0.19181  98  LYS A CB  
677 C CG  . LYS A 98  ? 0.64783 0.62172 0.72337 0.12292  0.04791  0.25769  98  LYS A CG  
678 C CD  . LYS A 98  ? 0.62744 0.65305 0.69839 0.10900  0.04028  0.25214  98  LYS A CD  
679 C CE  . LYS A 98  ? 0.62988 0.70950 0.79429 0.11980  0.04739  0.31914  98  LYS A CE  
680 N NZ  . LYS A 98  ? 0.61297 0.73856 0.76648 0.10413  0.04072  0.30937  98  LYS A NZ  
681 N N   . THR A 99  ? 0.76334 0.52458 0.57197 0.24581  -0.03965 0.10980  99  THR A N   
682 C CA  . THR A 99  ? 0.79665 0.52432 0.56214 0.23227  -0.01696 0.10084  99  THR A CA  
683 C C   . THR A 99  ? 0.77300 0.52150 0.56470 0.23645  -0.03648 0.08716  99  THR A C   
684 O O   . THR A 99  ? 0.73908 0.51713 0.57285 0.26179  -0.06568 0.08167  99  THR A O   
685 C CB  . THR A 99  ? 0.85227 0.51782 0.55321 0.27156  0.00876  0.09098  99  THR A CB  
686 O OG1 . THR A 99  ? 0.84620 0.50892 0.55731 0.32744  -0.00868 0.08007  99  THR A OG1 
687 C CG2 . THR A 99  ? 0.88384 0.52307 0.54847 0.25883  0.03418  0.10471  99  THR A CG2 
688 N N   . LEU A 100 ? 0.79206 0.52506 0.55779 0.21075  -0.01989 0.08156  100 LEU A N   
689 C CA  . LEU A 100 ? 0.77780 0.52413 0.55842 0.21600  -0.03358 0.06683  100 LEU A CA  
690 C C   . LEU A 100 ? 0.81094 0.51428 0.55380 0.27124  -0.02723 0.04775  100 LEU A C   
691 O O   . LEU A 100 ? 0.85039 0.50886 0.54889 0.29963  -0.00790 0.04617  100 LEU A O   
692 C CB  . LEU A 100 ? 0.79997 0.54740 0.56693 0.16695  -0.01782 0.06755  100 LEU A CB  
693 C CG  . LEU A 100 ? 0.76524 0.56749 0.58281 0.11254  -0.03265 0.08350  100 LEU A CG  
694 C CD1 . LEU A 100 ? 0.79882 0.60065 0.59984 0.06346  -0.01504 0.08437  100 LEU A CD1 
695 C CD2 . LEU A 100 ? 0.71489 0.56820 0.59437 0.12180  -0.07053 0.08054  100 LEU A CD2 
696 N N   . ALA A 101 ? 0.84823 0.56697 0.61003 0.28681  -0.04466 0.03349  101 ALA A N   
697 C CA  . ALA A 101 ? 0.87455 0.55239 0.59755 0.33249  -0.03620 0.01423  101 ALA A CA  
698 C C   . ALA A 101 ? 0.94850 0.59718 0.62863 0.30949  -0.01083 0.00640  101 ALA A C   
699 O O   . ALA A 101 ? 0.97990 0.64465 0.66530 0.25887  -0.00271 0.01530  101 ALA A O   
700 C CB  . ALA A 101 ? 0.83500 0.54911 0.60111 0.35569  -0.06602 0.00169  101 ALA A CB  
701 N N   . LEU A 102 ? 0.93364 0.53785 0.56976 0.34741  0.00230  -0.01043 102 LEU A N   
702 C CA  . LEU A 102 ? 0.96823 0.54446 0.56440 0.33051  0.02432  -0.02055 102 LEU A CA  
703 C C   . LEU A 102 ? 0.97034 0.58867 0.60310 0.31273  0.00527  -0.02932 102 LEU A C   
704 O O   . LEU A 102 ? 0.93769 0.58637 0.60844 0.33736  -0.02190 -0.03609 102 LEU A O   
705 C CB  . LEU A 102 ? 0.98769 0.51657 0.53394 0.36843  0.04106  -0.03446 102 LEU A CB  
706 C CG  . LEU A 102 ? 1.00637 0.51241 0.52311 0.37201  0.05774  -0.02430 102 LEU A CG  
707 C CD1 . LEU A 102 ? 1.02528 0.52895 0.52285 0.37986  0.06222  -0.03076 102 LEU A CD1 
708 C CD2 . LEU A 102 ? 1.04891 0.50102 0.51768 0.35453  0.08849  -0.01543 102 LEU A CD2 
709 N N   . GLU A 103 ? 1.01899 0.63940 0.63966 0.26966  0.01954  -0.02935 103 GLU A N   
710 C CA  . GLU A 103 ? 1.01766 0.68244 0.67404 0.24441  0.00277  -0.03550 103 GLU A CA  
711 C C   . GLU A 103 ? 1.02908 0.66592 0.64259 0.22456  0.02766  -0.04612 103 GLU A C   
712 O O   . GLU A 103 ? 1.06174 0.65830 0.63037 0.21001  0.05590  -0.04157 103 GLU A O   
713 C CB  . GLU A 103 ? 1.01840 0.74059 0.72983 0.19579  -0.01492 -0.01714 103 GLU A CB  
714 C CG  . GLU A 103 ? 1.01057 0.76768 0.77214 0.21523  -0.04471 -0.00857 103 GLU A CG  
715 C CD  . GLU A 103 ? 1.19281 0.98169 0.98678 0.17344  -0.04991 0.01375  103 GLU A CD  
716 O OE1 . GLU A 103 ? 1.41013 1.20088 1.19341 0.12586  -0.03313 0.02243  103 GLU A OE1 
717 O OE2 . GLU A 103 ? 1.16324 0.97455 0.99255 0.18836  -0.07040 0.02248  103 GLU A OE2 
718 N N   . SER A 104 ? 1.02502 0.68361 0.65216 0.22371  0.01696  -0.06038 104 SER A N   
719 C CA  . SER A 104 ? 1.09468 0.72354 0.67864 0.21575  0.03919  -0.07489 104 SER A CA  
720 C C   . SER A 104 ? 1.09717 0.77184 0.70984 0.16366  0.03330  -0.07364 104 SER A C   
721 O O   . SER A 104 ? 1.02311 0.75133 0.68810 0.13239  0.01252  -0.06066 104 SER A O   
722 C CB  . SER A 104 ? 1.08597 0.69063 0.64898 0.26846  0.03613  -0.09713 104 SER A CB  
723 O OG  . SER A 104 ? 1.06812 0.63030 0.60361 0.31592  0.04207  -0.09828 104 SER A OG  
724 N N   . LYS A 105 ? 1.14393 0.79635 0.72082 0.15510  0.05190  -0.08772 105 LYS A N   
725 C CA  . LYS A 105 ? 1.18831 0.88205 0.78787 0.11358  0.04637  -0.09185 105 LYS A CA  
726 C C   . LYS A 105 ? 1.23778 0.94441 0.84624 0.14707  0.03070  -0.11269 105 LYS A C   
727 O O   . LYS A 105 ? 1.27454 0.94434 0.84050 0.16912  0.04677  -0.13089 105 LYS A O   
728 C CB  . LYS A 105 ? 1.29767 0.96087 0.85279 0.07914  0.07739  -0.09363 105 LYS A CB  
729 C CG  . LYS A 105 ? 1.22524 0.93228 0.80286 0.03127  0.07364  -0.09669 105 LYS A CG  
730 C CD  . LYS A 105 ? 1.39537 1.06312 0.92023 0.01201  0.10486  -0.10620 105 LYS A CD  
731 C CE  . LYS A 105 ? 1.34969 0.99467 0.85230 -0.02464 0.12720  -0.08850 105 LYS A CE  
732 N NZ  . LYS A 105 ? 1.38080 0.99229 0.83607 -0.04817 0.15575  -0.09734 105 LYS A NZ  
733 N N   . SER A 106 ? 1.22659 0.98543 0.89060 0.15190  -0.00145 -0.10994 106 SER A N   
734 C CA  . SER A 106 ? 1.31759 1.09965 0.99768 0.17513  -0.01916 -0.12795 106 SER A CA  
735 C C   . SER A 106 ? 1.33900 1.15302 1.02710 0.13235  -0.01690 -0.13439 106 SER A C   
736 O O   . SER A 106 ? 1.16892 1.02643 0.89186 0.08232  -0.02475 -0.12036 106 SER A O   
737 C CB  . SER A 106 ? 1.32000 1.15054 1.05876 0.18887  -0.05515 -0.12179 106 SER A CB  
738 O OG  . SER A 106 ? 1.38697 1.25179 1.14807 0.19635  -0.07349 -0.13658 106 SER A OG  
739 N N   . THR A 107 ? 1.29361 1.08808 0.95070 0.15230  -0.00706 -0.15596 107 THR A N   
740 C CA  . THR A 107 ? 1.24640 1.06867 0.90647 0.11533  -0.00322 -0.16489 107 THR A CA  
741 C C   . THR A 107 ? 1.24681 1.09242 0.92050 0.14454  -0.02106 -0.18477 107 THR A C   
742 O O   . THR A 107 ? 1.34658 1.15800 0.97955 0.17128  -0.00613 -0.20456 107 THR A O   
743 C CB  . THR A 107 ? 1.25661 1.02737 0.85686 0.10234  0.03288  -0.17198 107 THR A CB  
744 O OG1 . THR A 107 ? 1.31079 1.03508 0.86630 0.15053  0.04492  -0.19377 107 THR A OG1 
745 C CG2 . THR A 107 ? 1.26671 0.99841 0.84205 0.09102  0.05255  -0.15454 107 THR A CG2 
746 N N   . SER A 108 ? 1.19881 1.10430 0.92996 0.13640  -0.05296 -0.17947 108 SER A N   
747 C CA  . SER A 108 ? 1.17160 1.10361 0.92050 0.16458  -0.07311 -0.19648 108 SER A CA  
748 C C   . SER A 108 ? 1.15744 1.11495 0.90240 0.13600  -0.06777 -0.21046 108 SER A C   
749 O O   . SER A 108 ? 1.15251 1.11729 0.89102 0.08891  -0.05298 -0.20471 108 SER A O   
750 C CB  . SER A 108 ? 1.11026 1.09737 0.92237 0.16414  -0.10989 -0.18486 108 SER A CB  
751 O OG  . SER A 108 ? 1.01443 1.06259 0.87163 0.10959  -0.12512 -0.17404 108 SER A OG  
752 N N   . ILE A 109 ? 1.18440 1.15480 0.93177 0.16610  -0.07936 -0.22963 109 ILE A N   
753 C CA  . ILE A 109 ? 1.17886 1.17795 0.92512 0.14500  -0.07744 -0.24524 109 ILE A CA  
754 C C   . ILE A 109 ? 1.13915 1.20406 0.93999 0.14381  -0.11220 -0.24706 109 ILE A C   
755 O O   . ILE A 109 ? 1.09489 1.15797 0.90329 0.18951  -0.12832 -0.25520 109 ILE A O   
756 C CB  . ILE A 109 ? 1.21037 1.16024 0.90092 0.18326  -0.05559 -0.27019 109 ILE A CB  
757 C CG1 . ILE A 109 ? 1.25330 1.13252 0.88628 0.19010  -0.02178 -0.26939 109 ILE A CG1 
758 C CG2 . ILE A 109 ? 1.18908 1.17230 0.88044 0.15925  -0.05398 -0.28630 109 ILE A CG2 
759 C CD1 . ILE A 109 ? 1.29473 1.12295 0.90360 0.24506  -0.01891 -0.27004 109 ILE A CD1 
760 N N   . VAL A 110 ? 1.11452 1.23705 0.95177 0.09168  -0.12336 -0.24007 110 VAL A N   
761 C CA  . VAL A 110 ? 1.08731 1.27677 0.97634 0.08313  -0.15597 -0.24162 110 VAL A CA  
762 C C   . VAL A 110 ? 1.12290 1.35552 1.02056 0.03574  -0.15309 -0.24772 110 VAL A C   
763 O O   . VAL A 110 ? 1.11230 1.39331 1.03777 0.03304  -0.17325 -0.25664 110 VAL A O   
764 C CB  . VAL A 110 ? 1.02490 1.25460 0.97075 0.06652  -0.18525 -0.21836 110 VAL A CB  
765 C CG1 . VAL A 110 ? 1.01597 1.21036 0.95867 0.11644  -0.19236 -0.21400 110 VAL A CG1 
766 C CG2 . VAL A 110 ? 0.98924 1.23094 0.94729 0.01072  -0.17696 -0.19759 110 VAL A CG2 
# 
